data_3SBC
#
_entry.id   3SBC
#
_cell.length_a   239.983
_cell.length_b   51.961
_cell.length_c   192.355
_cell.angle_alpha   90.00
_cell.angle_beta   92.33
_cell.angle_gamma   90.00
#
_symmetry.space_group_name_H-M   'C 1 2 1'
#
loop_
_entity.id
_entity.type
_entity.pdbx_description
1 polymer 'Peroxiredoxin TSA1'
2 non-polymer (2R,3S)-1,4-DIMERCAPTOBUTANE-2,3-DIOL
3 non-polymer (2S,3S)-1,4-DIMERCAPTOBUTANE-2,3-DIOL
4 water water
#
_entity_poly.entity_id   1
_entity_poly.type   'polypeptide(L)'
_entity_poly.pdbx_seq_one_letter_code
;MGSSHHHHHHSSGLVPRGSHMVAQVQKQAPTFKKTAVVDGVFDEVSLDKYKGKYVVLAFIPLAFTFVSPTEIIAFSEAAK
KFEEQGAQVLFASTDSEYSLLAWTNIPRKEGGLGPINIPLLADTNHSLSRDYGVLIEEEGVALRGLFIIDPKGVIRHITI
NDLPVGRNVDEALRLVEAFQWTDKNGTVLPCNWTPGAATIKPTVEDSKEYFEAANK
;
_entity_poly.pdbx_strand_id   A,B,C,D,E,F,G,H,I,J
#
loop_
_chem_comp.id
_chem_comp.type
_chem_comp.name
_chem_comp.formula
DTU non-polymer (2R,3S)-1,4-DIMERCAPTOBUTANE-2,3-DIOL 'C4 H10 O2 S2'
DTV non-polymer (2S,3S)-1,4-DIMERCAPTOBUTANE-2,3-DIOL 'C4 H10 O2 S2'
#
# COMPACT_ATOMS: atom_id res chain seq x y z
N VAL A 22 -21.12 -11.74 -9.85
CA VAL A 22 -22.25 -11.62 -10.85
C VAL A 22 -23.65 -12.02 -10.34
N ALA A 23 -24.40 -12.70 -11.20
CA ALA A 23 -25.68 -13.27 -10.85
C ALA A 23 -25.50 -14.75 -10.68
N GLN A 24 -25.65 -15.25 -9.46
CA GLN A 24 -25.49 -16.68 -9.23
C GLN A 24 -26.76 -17.29 -8.68
N VAL A 25 -26.89 -18.58 -8.94
CA VAL A 25 -28.04 -19.38 -8.51
C VAL A 25 -28.20 -19.35 -7.02
N GLN A 26 -29.45 -19.15 -6.60
CA GLN A 26 -29.92 -19.04 -5.20
C GLN A 26 -29.47 -17.81 -4.42
N LYS A 27 -29.04 -16.80 -5.18
CA LYS A 27 -28.73 -15.50 -4.65
C LYS A 27 -29.68 -14.56 -5.37
N GLN A 28 -29.68 -13.29 -4.97
CA GLN A 28 -30.65 -12.33 -5.41
C GLN A 28 -30.25 -11.93 -6.80
N ALA A 29 -31.23 -11.86 -7.69
CA ALA A 29 -30.97 -11.37 -9.04
C ALA A 29 -30.61 -9.91 -8.96
N PRO A 30 -29.53 -9.54 -9.65
CA PRO A 30 -29.17 -8.17 -9.80
C PRO A 30 -30.36 -7.41 -10.33
N THR A 31 -30.63 -6.28 -9.71
CA THR A 31 -31.85 -5.56 -10.00
C THR A 31 -31.52 -4.55 -11.07
N PHE A 32 -32.53 -4.02 -11.74
CA PHE A 32 -32.29 -3.14 -12.85
C PHE A 32 -33.47 -2.27 -13.07
N LYS A 33 -33.23 -1.15 -13.74
CA LYS A 33 -34.29 -0.35 -14.31
C LYS A 33 -33.78 -0.06 -15.71
N LYS A 34 -34.46 -0.62 -16.71
CA LYS A 34 -33.99 -0.52 -18.06
C LYS A 34 -35.13 -0.21 -18.95
N THR A 35 -34.84 0.57 -19.96
CA THR A 35 -35.82 0.90 -20.95
C THR A 35 -36.04 -0.31 -21.83
N ALA A 36 -37.29 -0.50 -22.21
CA ALA A 36 -37.69 -1.72 -22.83
C ALA A 36 -38.68 -1.37 -23.89
N VAL A 37 -38.73 -2.19 -24.93
CA VAL A 37 -39.80 -2.05 -25.86
C VAL A 37 -40.92 -2.91 -25.32
N VAL A 38 -41.98 -2.27 -24.84
CA VAL A 38 -43.17 -2.98 -24.40
C VAL A 38 -44.35 -2.51 -25.23
N ASP A 39 -44.95 -3.45 -25.95
CA ASP A 39 -45.99 -3.18 -26.96
C ASP A 39 -45.71 -1.89 -27.67
N GLY A 40 -44.75 -1.88 -28.57
CA GLY A 40 -44.55 -0.74 -29.45
C GLY A 40 -43.98 0.52 -28.84
N VAL A 41 -44.30 0.83 -27.59
CA VAL A 41 -43.78 2.05 -26.97
C VAL A 41 -42.66 1.70 -26.03
N PHE A 42 -41.90 2.71 -25.61
CA PHE A 42 -40.87 2.47 -24.62
C PHE A 42 -41.48 2.43 -23.23
N ASP A 43 -40.84 1.73 -22.31
CA ASP A 43 -41.33 1.65 -20.95
C ASP A 43 -40.17 1.31 -20.05
N GLU A 44 -40.28 1.67 -18.78
CA GLU A 44 -39.24 1.28 -17.85
C GLU A 44 -39.62 -0.08 -17.32
N VAL A 45 -38.68 -0.99 -17.37
CA VAL A 45 -38.89 -2.32 -16.86
C VAL A 45 -37.88 -2.60 -15.78
N SER A 46 -38.35 -3.28 -14.72
CA SER A 46 -37.60 -3.65 -13.53
C SER A 46 -38.16 -4.97 -13.04
N LEU A 47 -37.45 -5.66 -12.14
CA LEU A 47 -37.94 -6.92 -11.59
C LEU A 47 -39.25 -6.69 -10.85
N ASP A 48 -39.26 -5.69 -9.98
CA ASP A 48 -40.40 -5.38 -9.15
C ASP A 48 -41.61 -4.82 -9.90
N LYS A 49 -41.51 -4.73 -11.23
CA LYS A 49 -42.67 -4.41 -12.06
C LYS A 49 -43.59 -5.62 -12.11
N TYR A 50 -43.05 -6.78 -11.75
CA TYR A 50 -43.78 -8.05 -11.79
C TYR A 50 -43.74 -8.69 -10.43
N LYS A 51 -44.06 -7.89 -9.42
CA LYS A 51 -44.10 -8.39 -8.06
C LYS A 51 -45.02 -9.59 -8.14
N GLY A 52 -44.57 -10.69 -7.57
CA GLY A 52 -45.37 -11.89 -7.53
C GLY A 52 -44.97 -12.91 -8.55
N LYS A 53 -44.61 -12.47 -9.75
CA LYS A 53 -44.32 -13.39 -10.83
C LYS A 53 -42.90 -13.93 -10.73
N TYR A 54 -42.71 -15.13 -11.29
CA TYR A 54 -41.39 -15.63 -11.69
C TYR A 54 -40.96 -14.85 -12.91
N VAL A 55 -39.69 -14.46 -12.95
CA VAL A 55 -39.21 -13.71 -14.09
C VAL A 55 -38.26 -14.61 -14.87
N VAL A 56 -38.51 -14.77 -16.16
CA VAL A 56 -37.57 -15.42 -17.05
C VAL A 56 -36.90 -14.28 -17.78
N LEU A 57 -35.69 -13.96 -17.33
CA LEU A 57 -34.87 -12.92 -17.94
C LEU A 57 -33.90 -13.56 -18.89
N ALA A 58 -34.14 -13.36 -20.18
CA ALA A 58 -33.31 -13.96 -21.23
C ALA A 58 -32.60 -12.88 -22.02
N PHE A 59 -31.28 -12.94 -21.99
CA PHE A 59 -30.45 -12.05 -22.76
C PHE A 59 -30.28 -12.63 -24.13
N ILE A 60 -30.22 -11.77 -25.16
CA ILE A 60 -29.76 -12.18 -26.49
C ILE A 60 -28.56 -11.34 -26.90
N PRO A 61 -27.70 -11.86 -27.79
CA PRO A 61 -26.55 -11.06 -28.17
C PRO A 61 -26.88 -9.85 -29.02
N LEU A 62 -27.62 -10.02 -30.10
CA LEU A 62 -27.77 -8.92 -31.02
C LEU A 62 -29.16 -8.82 -31.63
N ALA A 63 -29.62 -7.59 -31.81
CA ALA A 63 -30.79 -7.40 -32.59
C ALA A 63 -30.28 -7.51 -34.01
N PHE A 64 -31.17 -7.96 -34.90
CA PHE A 64 -30.96 -7.99 -36.36
C PHE A 64 -30.09 -9.14 -36.83
N THR A 65 -30.10 -10.20 -36.05
CA THR A 65 -29.35 -11.39 -36.41
C THR A 65 -30.25 -12.63 -36.53
N PHE A 66 -29.72 -13.79 -36.17
CA PHE A 66 -30.24 -15.04 -36.66
C PHE A 66 -30.93 -15.97 -35.64
N VAL A 67 -30.19 -16.46 -34.65
CA VAL A 67 -30.81 -17.28 -33.60
C VAL A 67 -31.70 -16.37 -32.75
N SER A 68 -31.15 -15.23 -32.38
CA SER A 68 -31.83 -14.30 -31.48
C SER A 68 -33.31 -14.03 -31.78
N PRO A 69 -33.68 -13.70 -33.02
CA PRO A 69 -35.11 -13.54 -33.22
C PRO A 69 -35.87 -14.81 -32.93
N THR A 70 -35.36 -15.96 -33.35
CA THR A 70 -36.10 -17.19 -33.19
C THR A 70 -36.44 -17.43 -31.73
N GLU A 71 -35.57 -16.99 -30.83
CA GLU A 71 -35.77 -17.18 -29.40
C GLU A 71 -36.82 -16.24 -28.84
N ILE A 72 -36.68 -14.94 -29.13
CA ILE A 72 -37.67 -13.95 -28.79
C ILE A 72 -39.00 -14.37 -29.38
N ILE A 73 -39.03 -14.75 -30.64
CA ILE A 73 -40.30 -15.10 -31.27
C ILE A 73 -40.88 -16.31 -30.57
N ALA A 74 -40.02 -17.27 -30.22
CA ALA A 74 -40.49 -18.46 -29.54
C ALA A 74 -41.08 -18.15 -28.17
N PHE A 75 -40.36 -17.38 -27.37
CA PHE A 75 -40.84 -17.01 -26.06
C PHE A 75 -42.05 -16.10 -26.12
N SER A 76 -42.14 -15.32 -27.19
CA SER A 76 -43.25 -14.41 -27.37
C SER A 76 -44.52 -15.21 -27.55
N GLU A 77 -44.44 -16.29 -28.33
CA GLU A 77 -45.60 -17.14 -28.62
C GLU A 77 -45.96 -17.93 -27.39
N ALA A 78 -44.95 -18.23 -26.62
CA ALA A 78 -45.15 -18.95 -25.39
C ALA A 78 -45.63 -18.04 -24.25
N ALA A 79 -45.64 -16.73 -24.49
CA ALA A 79 -45.96 -15.73 -23.45
C ALA A 79 -47.05 -16.19 -22.53
N LYS A 80 -48.18 -16.54 -23.14
CA LYS A 80 -49.35 -16.89 -22.38
C LYS A 80 -49.10 -18.10 -21.48
N LYS A 81 -48.44 -19.13 -21.97
CA LYS A 81 -48.25 -20.25 -21.10
C LYS A 81 -47.19 -19.99 -20.04
N PHE A 82 -46.40 -18.94 -20.21
CA PHE A 82 -45.56 -18.53 -19.13
C PHE A 82 -46.37 -17.78 -18.11
N GLU A 83 -47.33 -16.99 -18.56
CA GLU A 83 -48.15 -16.28 -17.59
C GLU A 83 -49.04 -17.27 -16.84
N GLU A 84 -49.48 -18.33 -17.52
CA GLU A 84 -50.32 -19.38 -16.93
C GLU A 84 -49.62 -20.08 -15.80
N GLN A 85 -48.29 -20.06 -15.85
CA GLN A 85 -47.42 -20.60 -14.82
C GLN A 85 -46.86 -19.50 -13.93
N GLY A 86 -47.35 -18.29 -14.16
CA GLY A 86 -47.13 -17.18 -13.26
C GLY A 86 -45.73 -16.67 -13.41
N ALA A 87 -45.28 -16.61 -14.65
CA ALA A 87 -43.96 -16.08 -14.96
C ALA A 87 -44.05 -14.99 -15.99
N GLN A 88 -43.10 -14.08 -15.92
CA GLN A 88 -42.95 -13.07 -16.93
C GLN A 88 -41.63 -13.30 -17.67
N VAL A 89 -41.69 -13.23 -19.00
CA VAL A 89 -40.50 -13.38 -19.81
C VAL A 89 -40.04 -12.01 -20.19
N LEU A 90 -38.74 -11.79 -20.08
CA LEU A 90 -38.13 -10.55 -20.45
C LEU A 90 -36.96 -10.86 -21.32
N PHE A 91 -36.93 -10.26 -22.50
CA PHE A 91 -35.73 -10.39 -23.28
C PHE A 91 -34.86 -9.17 -23.10
N ALA A 92 -33.56 -9.33 -23.32
CA ALA A 92 -32.62 -8.22 -23.15
C ALA A 92 -31.50 -8.41 -24.11
N SER A 93 -31.04 -7.31 -24.69
CA SER A 93 -29.82 -7.32 -25.48
C SER A 93 -29.06 -6.04 -25.20
N THR A 94 -27.86 -5.90 -25.75
CA THR A 94 -27.11 -4.67 -25.56
C THR A 94 -27.45 -3.58 -26.58
N ASP A 95 -28.52 -3.81 -27.32
CA ASP A 95 -28.93 -2.83 -28.31
C ASP A 95 -29.79 -1.76 -27.67
N SER A 96 -29.91 -0.62 -28.33
CA SER A 96 -30.74 0.43 -27.81
C SER A 96 -32.22 0.12 -28.01
N GLU A 97 -33.07 0.77 -27.21
CA GLU A 97 -34.52 0.71 -27.35
C GLU A 97 -34.93 1.00 -28.78
N TYR A 98 -34.13 1.79 -29.46
CA TYR A 98 -34.49 2.21 -30.79
C TYR A 98 -34.17 1.10 -31.78
N SER A 99 -33.14 0.29 -31.50
CA SER A 99 -32.78 -0.81 -32.36
C SER A 99 -33.83 -1.87 -32.19
N LEU A 100 -34.08 -2.21 -30.93
CA LEU A 100 -35.05 -3.21 -30.59
C LEU A 100 -36.39 -2.90 -31.23
N LEU A 101 -36.86 -1.67 -31.07
CA LEU A 101 -38.14 -1.33 -31.62
C LEU A 101 -38.12 -1.44 -33.12
N ALA A 102 -37.01 -1.01 -33.73
CA ALA A 102 -36.91 -0.98 -35.18
C ALA A 102 -37.06 -2.39 -35.69
N TRP A 103 -36.45 -3.30 -34.95
CA TRP A 103 -36.51 -4.71 -35.21
C TRP A 103 -37.93 -5.22 -35.08
N THR A 104 -38.68 -4.58 -34.19
CA THR A 104 -40.06 -4.89 -34.01
C THR A 104 -40.85 -4.39 -35.20
N ASN A 105 -40.28 -3.45 -35.94
CA ASN A 105 -40.99 -2.94 -37.09
C ASN A 105 -40.69 -3.71 -38.36
N ILE A 106 -39.77 -4.65 -38.28
CA ILE A 106 -39.42 -5.47 -39.44
C ILE A 106 -40.24 -6.75 -39.39
N PRO A 107 -40.88 -7.14 -40.50
CA PRO A 107 -41.70 -8.33 -40.52
C PRO A 107 -40.86 -9.57 -40.25
N ARG A 108 -41.44 -10.55 -39.57
CA ARG A 108 -40.70 -11.76 -39.22
C ARG A 108 -40.12 -12.50 -40.43
N LYS A 109 -40.85 -12.47 -41.54
CA LYS A 109 -40.36 -12.96 -42.83
C LYS A 109 -38.98 -12.43 -43.20
N GLU A 110 -38.68 -11.20 -42.84
CA GLU A 110 -37.48 -10.50 -43.33
C GLU A 110 -36.40 -10.40 -42.26
N GLY A 111 -36.51 -11.24 -41.24
CA GLY A 111 -35.50 -11.32 -40.21
C GLY A 111 -35.89 -10.53 -38.99
N GLY A 112 -37.04 -9.90 -39.07
CA GLY A 112 -37.51 -9.02 -38.03
C GLY A 112 -38.24 -9.78 -36.96
N LEU A 113 -38.95 -9.03 -36.13
CA LEU A 113 -39.49 -9.54 -34.90
C LEU A 113 -40.99 -9.41 -34.91
N GLY A 114 -41.47 -8.40 -35.62
CA GLY A 114 -42.89 -8.14 -35.74
C GLY A 114 -43.51 -7.83 -34.41
N PRO A 115 -44.85 -7.67 -34.35
CA PRO A 115 -45.52 -7.59 -33.06
C PRO A 115 -45.09 -8.72 -32.08
N ILE A 116 -44.83 -8.37 -30.82
CA ILE A 116 -44.46 -9.36 -29.83
C ILE A 116 -45.12 -9.13 -28.48
N ASN A 117 -45.09 -10.17 -27.64
CA ASN A 117 -45.76 -10.18 -26.35
C ASN A 117 -44.80 -10.02 -25.18
N ILE A 118 -43.50 -10.09 -25.43
CA ILE A 118 -42.54 -9.95 -24.36
C ILE A 118 -41.76 -8.64 -24.40
N PRO A 119 -41.38 -8.11 -23.24
CA PRO A 119 -40.58 -6.89 -23.26
C PRO A 119 -39.19 -7.15 -23.79
N LEU A 120 -38.65 -6.15 -24.45
CA LEU A 120 -37.29 -6.18 -24.93
C LEU A 120 -36.53 -5.12 -24.16
N LEU A 121 -35.67 -5.57 -23.25
CA LEU A 121 -34.88 -4.68 -22.45
C LEU A 121 -33.65 -4.26 -23.22
N ALA A 122 -33.38 -2.96 -23.16
CA ALA A 122 -32.23 -2.39 -23.83
C ALA A 122 -31.15 -2.28 -22.82
N ASP A 123 -30.05 -2.99 -23.00
CA ASP A 123 -28.93 -2.93 -22.05
C ASP A 123 -27.76 -2.16 -22.62
N THR A 124 -28.03 -0.96 -23.10
CA THR A 124 -27.06 -0.17 -23.83
C THR A 124 -25.80 0.16 -23.02
N ASN A 125 -25.93 0.35 -21.72
CA ASN A 125 -24.75 0.64 -20.91
C ASN A 125 -24.09 -0.64 -20.39
N HIS A 126 -24.64 -1.76 -20.86
CA HIS A 126 -24.15 -3.10 -20.57
C HIS A 126 -24.29 -3.55 -19.13
N SER A 127 -24.95 -2.77 -18.29
CA SER A 127 -24.89 -3.06 -16.86
C SER A 127 -25.57 -4.38 -16.54
N LEU A 128 -26.75 -4.57 -17.11
CA LEU A 128 -27.57 -5.76 -16.95
C LEU A 128 -26.74 -6.96 -17.36
N SER A 129 -26.26 -6.94 -18.60
CA SER A 129 -25.38 -8.00 -19.08
C SER A 129 -24.20 -8.16 -18.17
N ARG A 130 -23.50 -7.08 -17.84
N ARG A 130 -23.48 -7.09 -17.83
CA ARG A 130 -22.34 -7.18 -16.96
CA ARG A 130 -22.34 -7.26 -16.92
C ARG A 130 -22.69 -7.81 -15.61
C ARG A 130 -22.76 -7.97 -15.66
N ASP A 131 -23.87 -7.52 -15.11
CA ASP A 131 -24.34 -7.91 -13.80
C ASP A 131 -24.78 -9.35 -13.76
N TYR A 132 -25.26 -9.83 -14.88
CA TYR A 132 -25.71 -11.20 -14.97
C TYR A 132 -24.59 -12.06 -15.44
N GLY A 133 -23.50 -11.41 -15.83
CA GLY A 133 -22.24 -12.08 -16.06
C GLY A 133 -22.23 -12.82 -17.37
N VAL A 134 -23.07 -12.34 -18.28
CA VAL A 134 -23.29 -12.90 -19.58
C VAL A 134 -22.76 -11.98 -20.69
N LEU A 135 -22.15 -10.87 -20.30
CA LEU A 135 -21.61 -9.93 -21.26
C LEU A 135 -20.26 -10.45 -21.71
N ILE A 136 -20.09 -10.64 -23.01
CA ILE A 136 -18.76 -10.84 -23.56
C ILE A 136 -18.17 -9.46 -23.74
N GLU A 137 -17.26 -9.12 -22.83
CA GLU A 137 -16.68 -7.77 -22.76
C GLU A 137 -16.11 -7.41 -24.11
N GLU A 138 -15.33 -8.32 -24.69
CA GLU A 138 -14.66 -8.03 -25.94
C GLU A 138 -15.62 -7.64 -27.07
N GLU A 139 -16.89 -8.01 -26.95
CA GLU A 139 -17.85 -7.85 -28.05
C GLU A 139 -18.92 -6.85 -27.72
N GLY A 140 -19.17 -6.66 -26.43
CA GLY A 140 -20.27 -5.84 -25.98
C GLY A 140 -21.63 -6.42 -26.32
N VAL A 141 -21.69 -7.75 -26.32
CA VAL A 141 -22.95 -8.47 -26.49
C VAL A 141 -23.06 -9.54 -25.43
N ALA A 142 -24.29 -9.95 -25.14
CA ALA A 142 -24.58 -10.89 -24.08
C ALA A 142 -24.62 -12.28 -24.64
N LEU A 143 -24.14 -13.25 -23.87
CA LEU A 143 -24.33 -14.61 -24.26
C LEU A 143 -25.79 -14.93 -24.09
N ARG A 144 -26.25 -15.98 -24.75
CA ARG A 144 -27.61 -16.41 -24.56
C ARG A 144 -27.74 -16.89 -23.12
N GLY A 145 -27.63 -15.97 -22.16
CA GLY A 145 -27.92 -16.32 -20.79
C GLY A 145 -29.42 -16.23 -20.59
N LEU A 146 -30.02 -17.17 -19.87
CA LEU A 146 -31.35 -16.89 -19.40
C LEU A 146 -31.48 -17.19 -17.93
N PHE A 147 -32.21 -16.35 -17.22
CA PHE A 147 -32.30 -16.50 -15.76
C PHE A 147 -33.73 -16.68 -15.28
N ILE A 148 -33.96 -17.69 -14.47
CA ILE A 148 -35.24 -17.81 -13.87
C ILE A 148 -35.07 -17.29 -12.45
N ILE A 149 -35.81 -16.21 -12.19
CA ILE A 149 -35.70 -15.45 -10.96
C ILE A 149 -37.09 -15.56 -10.34
N ASP A 150 -37.17 -15.92 -9.06
CA ASP A 150 -38.46 -16.12 -8.37
C ASP A 150 -39.05 -14.84 -7.75
N PRO A 151 -40.32 -14.90 -7.27
CA PRO A 151 -40.96 -13.71 -6.72
C PRO A 151 -40.19 -13.12 -5.54
N LYS A 152 -39.31 -13.93 -4.92
CA LYS A 152 -38.41 -13.46 -3.87
C LYS A 152 -37.15 -12.81 -4.41
N GLY A 153 -36.96 -12.83 -5.73
CA GLY A 153 -35.78 -12.21 -6.33
C GLY A 153 -34.58 -13.13 -6.38
N VAL A 154 -34.77 -14.42 -6.12
CA VAL A 154 -33.61 -15.30 -6.12
C VAL A 154 -33.47 -16.11 -7.41
N ILE A 155 -32.32 -15.99 -8.07
CA ILE A 155 -32.02 -16.76 -9.28
C ILE A 155 -32.04 -18.24 -8.97
N ARG A 156 -32.97 -18.96 -9.59
CA ARG A 156 -33.18 -20.40 -9.32
C ARG A 156 -32.54 -21.28 -10.37
N HIS A 157 -32.49 -20.74 -11.58
CA HIS A 157 -31.90 -21.41 -12.70
C HIS A 157 -31.26 -20.39 -13.63
N ILE A 158 -30.06 -20.75 -14.09
CA ILE A 158 -29.34 -20.07 -15.13
C ILE A 158 -29.09 -21.07 -16.24
N THR A 159 -29.40 -20.67 -17.46
CA THR A 159 -28.92 -21.30 -18.68
C THR A 159 -28.09 -20.30 -19.39
N ILE A 160 -26.85 -20.66 -19.73
CA ILE A 160 -26.09 -19.86 -20.69
C ILE A 160 -25.69 -20.69 -21.91
N ASN A 161 -26.26 -20.38 -23.07
CA ASN A 161 -25.77 -20.91 -24.34
C ASN A 161 -24.77 -19.98 -24.99
N ASP A 162 -23.71 -20.57 -25.53
CA ASP A 162 -22.85 -19.92 -26.49
C ASP A 162 -23.75 -19.43 -27.58
N LEU A 163 -23.28 -18.40 -28.27
CA LEU A 163 -23.99 -17.80 -29.38
C LEU A 163 -24.63 -18.75 -30.45
N PRO A 164 -23.87 -19.72 -31.01
CA PRO A 164 -24.43 -20.37 -32.19
C PRO A 164 -25.67 -21.24 -32.00
N VAL A 165 -26.12 -21.39 -30.76
CA VAL A 165 -27.19 -22.32 -30.46
C VAL A 165 -28.28 -21.70 -29.57
N GLY A 166 -29.47 -21.52 -30.16
CA GLY A 166 -30.67 -21.14 -29.43
C GLY A 166 -31.00 -21.99 -28.22
N ARG A 167 -31.91 -21.48 -27.40
CA ARG A 167 -32.32 -22.15 -26.16
C ARG A 167 -33.63 -22.87 -26.39
N ASN A 168 -34.15 -23.52 -25.35
CA ASN A 168 -35.36 -24.28 -25.52
C ASN A 168 -36.52 -23.62 -24.81
N VAL A 169 -37.52 -23.12 -25.53
CA VAL A 169 -38.64 -22.46 -24.85
C VAL A 169 -39.37 -23.39 -23.89
N ASP A 170 -39.66 -24.62 -24.30
CA ASP A 170 -40.33 -25.60 -23.43
C ASP A 170 -39.54 -25.93 -22.18
N GLU A 171 -38.23 -25.81 -22.26
CA GLU A 171 -37.43 -26.08 -21.09
C GLU A 171 -37.50 -24.87 -20.15
N ALA A 172 -37.64 -23.69 -20.71
CA ALA A 172 -37.70 -22.57 -19.84
C ALA A 172 -38.95 -22.74 -19.03
N LEU A 173 -40.04 -23.11 -19.70
CA LEU A 173 -41.31 -23.32 -19.03
C LEU A 173 -41.23 -24.47 -18.03
N ARG A 174 -40.69 -25.61 -18.47
CA ARG A 174 -40.42 -26.79 -17.64
C ARG A 174 -39.97 -26.31 -16.25
N LEU A 175 -39.11 -25.29 -16.24
CA LEU A 175 -38.33 -24.92 -15.09
C LEU A 175 -38.95 -23.81 -14.25
N VAL A 176 -39.76 -22.97 -14.87
CA VAL A 176 -40.64 -22.09 -14.13
C VAL A 176 -41.54 -23.03 -13.39
N GLU A 177 -42.27 -23.85 -14.12
CA GLU A 177 -43.18 -24.81 -13.50
C GLU A 177 -42.53 -25.52 -12.35
N ALA A 178 -41.33 -26.01 -12.57
CA ALA A 178 -40.66 -26.89 -11.65
C ALA A 178 -40.49 -26.23 -10.30
N PHE A 179 -39.98 -25.03 -10.32
CA PHE A 179 -39.76 -24.25 -9.12
C PHE A 179 -41.05 -23.71 -8.57
N GLN A 180 -41.95 -23.34 -9.47
CA GLN A 180 -43.23 -22.87 -9.02
C GLN A 180 -43.73 -24.01 -8.15
N TRP A 181 -43.44 -25.23 -8.60
CA TRP A 181 -43.84 -26.46 -7.87
C TRP A 181 -43.15 -26.73 -6.55
N THR A 182 -41.84 -26.77 -6.55
CA THR A 182 -41.14 -26.99 -5.31
C THR A 182 -41.41 -25.91 -4.29
N ASP A 183 -41.52 -24.66 -4.74
CA ASP A 183 -41.80 -23.51 -3.88
C ASP A 183 -43.10 -23.76 -3.14
N LYS A 184 -44.11 -24.19 -3.89
CA LYS A 184 -45.45 -24.39 -3.38
C LYS A 184 -45.59 -25.62 -2.49
N ASN A 185 -44.76 -26.63 -2.73
CA ASN A 185 -45.05 -27.93 -2.19
C ASN A 185 -43.92 -28.52 -1.40
N GLY A 186 -42.75 -27.91 -1.48
CA GLY A 186 -41.63 -28.35 -0.68
C GLY A 186 -41.28 -29.78 -1.01
N THR A 187 -41.84 -30.31 -2.09
CA THR A 187 -41.30 -31.56 -2.69
C THR A 187 -40.27 -31.12 -3.70
N VAL A 188 -39.62 -32.09 -4.30
CA VAL A 188 -38.36 -31.88 -4.97
C VAL A 188 -38.50 -32.64 -6.30
N LEU A 189 -37.88 -32.18 -7.38
CA LEU A 189 -38.24 -32.71 -8.71
C LEU A 189 -37.14 -33.47 -9.41
N PRO A 190 -37.37 -34.76 -9.68
CA PRO A 190 -36.35 -35.57 -10.34
C PRO A 190 -35.96 -35.03 -11.70
N CYS A 191 -34.87 -35.59 -12.24
CA CYS A 191 -34.45 -35.35 -13.60
C CYS A 191 -35.60 -35.48 -14.60
N ASN A 192 -35.66 -34.59 -15.57
CA ASN A 192 -36.76 -34.52 -16.59
C ASN A 192 -38.17 -34.43 -16.06
N TRP A 193 -38.35 -33.88 -14.88
CA TRP A 193 -39.70 -33.78 -14.36
C TRP A 193 -40.51 -32.92 -15.29
N THR A 194 -41.75 -33.28 -15.57
CA THR A 194 -42.70 -32.31 -16.12
C THR A 194 -43.92 -32.31 -15.20
N PRO A 195 -44.82 -31.31 -15.34
CA PRO A 195 -45.98 -31.37 -14.46
C PRO A 195 -46.72 -32.67 -14.61
N GLY A 196 -47.03 -33.29 -13.48
CA GLY A 196 -47.71 -34.59 -13.43
C GLY A 196 -46.79 -35.80 -13.30
N ALA A 197 -45.49 -35.61 -13.51
CA ALA A 197 -44.56 -36.70 -13.30
C ALA A 197 -44.43 -36.88 -11.79
N ALA A 198 -43.67 -37.88 -11.37
CA ALA A 198 -43.50 -38.13 -9.95
C ALA A 198 -42.67 -37.06 -9.30
N THR A 199 -42.68 -37.08 -7.98
CA THR A 199 -42.19 -36.03 -7.15
C THR A 199 -41.50 -36.76 -6.03
N ILE A 200 -40.40 -36.23 -5.51
CA ILE A 200 -39.74 -36.87 -4.39
C ILE A 200 -39.95 -36.05 -3.13
N LYS A 201 -40.34 -36.68 -2.04
CA LYS A 201 -40.34 -35.98 -0.75
C LYS A 201 -38.93 -36.01 -0.17
N PRO A 202 -38.25 -34.86 -0.14
CA PRO A 202 -36.78 -34.77 0.06
C PRO A 202 -36.26 -35.10 1.48
N THR A 203 -36.68 -36.24 2.04
CA THR A 203 -36.24 -36.63 3.38
C THR A 203 -35.95 -38.10 3.33
N VAL A 204 -34.91 -38.49 4.07
CA VAL A 204 -34.41 -39.86 4.04
C VAL A 204 -35.58 -40.87 4.06
N GLU A 205 -36.43 -40.78 5.09
CA GLU A 205 -37.56 -41.70 5.21
C GLU A 205 -38.64 -41.61 4.11
N ASP A 206 -39.03 -40.40 3.69
CA ASP A 206 -40.17 -40.24 2.76
C ASP A 206 -39.78 -40.47 1.32
N SER A 207 -38.57 -40.05 0.96
CA SER A 207 -38.03 -40.35 -0.37
C SER A 207 -38.09 -41.84 -0.72
N LYS A 208 -38.18 -42.70 0.29
CA LYS A 208 -38.25 -44.15 0.08
C LYS A 208 -39.43 -44.47 -0.80
N GLU A 209 -40.54 -43.78 -0.57
CA GLU A 209 -41.73 -43.92 -1.40
C GLU A 209 -41.36 -43.84 -2.87
N TYR A 210 -40.83 -42.68 -3.27
CA TYR A 210 -40.42 -42.45 -4.65
C TYR A 210 -39.52 -43.57 -5.21
N PHE A 211 -38.45 -43.90 -4.49
CA PHE A 211 -37.49 -44.89 -4.98
C PHE A 211 -38.08 -46.29 -5.09
N GLU A 212 -38.92 -46.64 -4.11
CA GLU A 212 -39.60 -47.92 -4.12
C GLU A 212 -40.49 -47.99 -5.36
N ALA A 213 -41.31 -46.95 -5.55
CA ALA A 213 -42.19 -46.81 -6.70
C ALA A 213 -41.42 -46.64 -8.03
N ALA A 214 -40.13 -46.28 -7.98
CA ALA A 214 -39.41 -46.00 -9.23
C ALA A 214 -38.55 -47.14 -9.72
N ASN A 215 -38.29 -48.14 -8.87
CA ASN A 215 -37.46 -49.28 -9.27
C ASN A 215 -38.06 -50.61 -8.87
N LYS A 216 -37.88 -51.63 -9.73
CA LYS A 216 -38.27 -53.04 -9.48
C LYS A 216 -37.92 -53.52 -8.05
N HIS B 20 -9.66 -18.33 -8.73
CA HIS B 20 -10.33 -16.98 -8.69
C HIS B 20 -11.51 -16.85 -9.70
N MET B 21 -11.18 -16.88 -11.00
CA MET B 21 -12.16 -16.70 -12.13
C MET B 21 -12.77 -18.03 -12.60
N VAL B 22 -14.10 -18.15 -12.50
CA VAL B 22 -14.77 -19.46 -12.72
C VAL B 22 -14.88 -19.88 -14.21
N ALA B 23 -15.62 -20.96 -14.46
CA ALA B 23 -15.89 -21.44 -15.80
C ALA B 23 -16.93 -20.54 -16.46
N GLN B 24 -16.68 -20.17 -17.70
CA GLN B 24 -17.55 -19.27 -18.43
C GLN B 24 -17.70 -19.74 -19.83
N VAL B 25 -18.92 -19.66 -20.35
CA VAL B 25 -19.22 -20.01 -21.73
C VAL B 25 -18.30 -19.22 -22.66
N GLN B 26 -17.69 -19.95 -23.59
CA GLN B 26 -16.62 -19.49 -24.51
C GLN B 26 -15.21 -19.30 -23.94
N LYS B 27 -15.00 -19.84 -22.76
CA LYS B 27 -13.69 -19.93 -22.18
C LYS B 27 -13.34 -21.40 -21.99
N GLN B 28 -12.06 -21.70 -21.77
CA GLN B 28 -11.66 -23.07 -21.59
C GLN B 28 -12.28 -23.52 -20.30
N ALA B 29 -13.01 -24.63 -20.31
CA ALA B 29 -13.42 -25.25 -19.05
C ALA B 29 -12.18 -25.48 -18.25
N PRO B 30 -12.19 -25.05 -16.99
CA PRO B 30 -11.12 -25.27 -16.02
C PRO B 30 -10.72 -26.73 -15.98
N THR B 31 -9.44 -27.07 -16.18
CA THR B 31 -9.05 -28.49 -16.11
C THR B 31 -8.97 -29.03 -14.70
N PHE B 32 -9.24 -30.32 -14.58
CA PHE B 32 -9.12 -31.04 -13.34
C PHE B 32 -8.55 -32.42 -13.67
N LYS B 33 -8.14 -33.11 -12.61
CA LYS B 33 -7.77 -34.51 -12.63
C LYS B 33 -8.34 -35.05 -11.32
N LYS B 34 -9.45 -35.79 -11.38
CA LYS B 34 -10.14 -36.21 -10.16
C LYS B 34 -10.36 -37.71 -9.97
N THR B 35 -10.15 -38.16 -8.74
CA THR B 35 -10.41 -39.53 -8.47
C THR B 35 -11.88 -39.63 -8.70
N ALA B 36 -12.28 -40.70 -9.41
CA ALA B 36 -13.64 -40.93 -9.80
C ALA B 36 -13.94 -42.40 -9.66
N VAL B 37 -15.22 -42.72 -9.47
CA VAL B 37 -15.69 -44.07 -9.61
C VAL B 37 -16.02 -44.31 -11.09
N VAL B 38 -15.17 -45.10 -11.77
CA VAL B 38 -15.38 -45.51 -13.17
C VAL B 38 -15.56 -47.02 -13.27
N ASP B 39 -16.79 -47.49 -13.52
CA ASP B 39 -17.06 -48.93 -13.53
C ASP B 39 -16.68 -49.59 -12.21
N GLY B 40 -17.42 -49.29 -11.16
CA GLY B 40 -17.22 -49.88 -9.85
C GLY B 40 -15.82 -49.85 -9.26
N VAL B 41 -14.86 -49.23 -9.93
CA VAL B 41 -13.49 -49.10 -9.36
C VAL B 41 -12.99 -47.68 -9.51
N PHE B 42 -12.01 -47.30 -8.68
CA PHE B 42 -11.49 -45.95 -8.64
C PHE B 42 -10.55 -45.72 -9.79
N ASP B 43 -10.66 -44.51 -10.32
CA ASP B 43 -9.97 -44.13 -11.53
C ASP B 43 -9.84 -42.62 -11.64
N GLU B 44 -8.72 -42.19 -12.21
CA GLU B 44 -8.42 -40.78 -12.32
C GLU B 44 -9.05 -40.34 -13.64
N VAL B 45 -9.72 -39.21 -13.60
CA VAL B 45 -10.44 -38.70 -14.75
C VAL B 45 -10.02 -37.26 -15.00
N SER B 46 -9.60 -36.97 -16.24
CA SER B 46 -9.51 -35.59 -16.73
C SER B 46 -10.22 -35.36 -18.08
N LEU B 47 -10.40 -34.09 -18.43
CA LEU B 47 -10.86 -33.69 -19.77
C LEU B 47 -10.05 -34.42 -20.87
N ASP B 48 -8.73 -34.45 -20.67
CA ASP B 48 -7.82 -35.27 -21.45
C ASP B 48 -8.32 -36.67 -21.65
N LYS B 49 -8.91 -37.27 -20.62
CA LYS B 49 -9.25 -38.68 -20.78
C LYS B 49 -10.23 -38.83 -21.91
N TYR B 50 -10.73 -37.70 -22.40
CA TYR B 50 -11.81 -37.69 -23.38
C TYR B 50 -11.50 -36.86 -24.63
N LYS B 51 -10.20 -36.70 -24.87
CA LYS B 51 -9.66 -36.10 -26.06
C LYS B 51 -10.62 -36.38 -27.19
N GLY B 52 -10.95 -35.33 -27.95
CA GLY B 52 -11.86 -35.45 -29.08
C GLY B 52 -13.34 -35.60 -28.76
N LYS B 53 -13.72 -35.61 -27.49
CA LYS B 53 -15.16 -35.76 -27.16
C LYS B 53 -15.78 -34.52 -26.49
N TYR B 54 -17.01 -34.24 -26.84
CA TYR B 54 -17.76 -33.31 -26.03
C TYR B 54 -17.87 -33.93 -24.66
N VAL B 55 -17.64 -33.11 -23.65
CA VAL B 55 -17.83 -33.57 -22.30
C VAL B 55 -18.99 -32.83 -21.72
N VAL B 56 -19.90 -33.60 -21.14
CA VAL B 56 -21.01 -33.04 -20.40
C VAL B 56 -20.60 -33.22 -18.96
N LEU B 57 -20.09 -32.16 -18.33
CA LEU B 57 -19.72 -32.23 -16.91
C LEU B 57 -20.87 -31.73 -16.07
N ALA B 58 -21.34 -32.57 -15.17
CA ALA B 58 -22.52 -32.23 -14.45
C ALA B 58 -22.35 -32.55 -12.96
N PHE B 59 -22.54 -31.54 -12.11
CA PHE B 59 -22.37 -31.63 -10.68
C PHE B 59 -23.69 -31.92 -9.98
N ILE B 60 -23.66 -32.70 -8.92
CA ILE B 60 -24.80 -32.81 -8.04
C ILE B 60 -24.32 -32.47 -6.65
N PRO B 61 -25.25 -32.07 -5.78
CA PRO B 61 -24.80 -31.65 -4.46
C PRO B 61 -24.26 -32.81 -3.61
N LEU B 62 -25.06 -33.85 -3.41
CA LEU B 62 -24.74 -34.87 -2.42
C LEU B 62 -25.14 -36.27 -2.86
N ALA B 63 -24.18 -37.18 -2.83
CA ALA B 63 -24.53 -38.59 -2.82
C ALA B 63 -25.58 -38.82 -1.74
N PHE B 64 -26.41 -39.84 -1.92
CA PHE B 64 -27.40 -40.28 -0.91
C PHE B 64 -28.62 -39.38 -0.70
N THR B 65 -29.06 -38.74 -1.77
CA THR B 65 -30.16 -37.80 -1.66
C THR B 65 -31.20 -38.06 -2.76
N PHE B 66 -32.00 -37.05 -3.06
CA PHE B 66 -33.25 -37.31 -3.73
C PHE B 66 -33.24 -37.03 -5.21
N VAL B 67 -32.87 -35.80 -5.59
CA VAL B 67 -32.81 -35.48 -6.99
C VAL B 67 -31.53 -36.06 -7.61
N SER B 68 -30.41 -35.98 -6.92
CA SER B 68 -29.15 -36.38 -7.55
C SER B 68 -29.23 -37.79 -8.18
N PRO B 69 -29.60 -38.80 -7.40
CA PRO B 69 -29.64 -40.12 -8.02
C PRO B 69 -30.48 -40.15 -9.31
N THR B 70 -31.62 -39.43 -9.30
CA THR B 70 -32.50 -39.40 -10.49
C THR B 70 -31.75 -38.90 -11.71
N GLU B 71 -30.88 -37.93 -11.50
CA GLU B 71 -30.11 -37.29 -12.56
C GLU B 71 -29.01 -38.18 -13.05
N ILE B 72 -28.22 -38.71 -12.12
CA ILE B 72 -27.21 -39.68 -12.43
C ILE B 72 -27.86 -40.88 -13.13
N ILE B 73 -28.96 -41.41 -12.63
CA ILE B 73 -29.52 -42.59 -13.28
C ILE B 73 -29.99 -42.20 -14.69
N ALA B 74 -30.70 -41.09 -14.75
CA ALA B 74 -31.23 -40.60 -16.01
C ALA B 74 -30.09 -40.50 -17.01
N PHE B 75 -28.99 -39.86 -16.62
CA PHE B 75 -27.90 -39.65 -17.54
C PHE B 75 -27.15 -40.95 -17.85
N SER B 76 -27.16 -41.88 -16.91
CA SER B 76 -26.46 -43.14 -17.10
C SER B 76 -27.21 -43.99 -18.09
N GLU B 77 -28.53 -44.04 -17.95
CA GLU B 77 -29.39 -44.68 -18.94
C GLU B 77 -29.12 -44.14 -20.36
N ALA B 78 -28.66 -42.91 -20.42
CA ALA B 78 -28.58 -42.16 -21.66
C ALA B 78 -27.15 -42.07 -22.18
N ALA B 79 -26.19 -42.63 -21.43
CA ALA B 79 -24.78 -42.54 -21.82
C ALA B 79 -24.60 -42.99 -23.24
N LYS B 80 -25.21 -44.12 -23.63
CA LYS B 80 -25.01 -44.61 -25.00
C LYS B 80 -25.50 -43.56 -25.98
N LYS B 81 -26.61 -42.87 -25.64
CA LYS B 81 -27.17 -41.82 -26.51
C LYS B 81 -26.22 -40.60 -26.61
N PHE B 82 -25.53 -40.28 -25.52
CA PHE B 82 -24.47 -39.27 -25.53
C PHE B 82 -23.23 -39.74 -26.29
N GLU B 83 -22.86 -41.00 -26.11
CA GLU B 83 -21.65 -41.59 -26.71
C GLU B 83 -21.78 -41.56 -28.22
N GLU B 84 -23.00 -41.77 -28.65
CA GLU B 84 -23.30 -41.76 -30.05
C GLU B 84 -23.21 -40.33 -30.59
N GLN B 85 -23.50 -39.34 -29.75
CA GLN B 85 -23.30 -37.93 -30.15
C GLN B 85 -21.88 -37.45 -29.88
N GLY B 86 -20.96 -38.37 -29.60
CA GLY B 86 -19.58 -37.99 -29.39
C GLY B 86 -19.37 -37.20 -28.10
N ALA B 87 -20.14 -37.58 -27.09
CA ALA B 87 -20.09 -36.99 -25.76
C ALA B 87 -19.79 -38.00 -24.65
N GLN B 88 -18.93 -37.58 -23.72
CA GLN B 88 -18.73 -38.28 -22.47
C GLN B 88 -19.50 -37.58 -21.38
N VAL B 89 -20.28 -38.31 -20.57
CA VAL B 89 -20.87 -37.65 -19.41
C VAL B 89 -20.05 -37.91 -18.14
N LEU B 90 -19.80 -36.86 -17.37
CA LEU B 90 -19.23 -37.01 -16.03
C LEU B 90 -20.14 -36.41 -14.98
N PHE B 91 -20.25 -37.05 -13.83
CA PHE B 91 -20.85 -36.39 -12.68
C PHE B 91 -19.84 -36.21 -11.62
N ALA B 92 -20.13 -35.28 -10.74
CA ALA B 92 -19.16 -34.85 -9.80
C ALA B 92 -19.97 -34.38 -8.63
N SER B 93 -19.42 -34.61 -7.46
CA SER B 93 -20.00 -34.09 -6.28
C SER B 93 -18.88 -33.88 -5.33
N THR B 94 -19.29 -33.37 -4.20
CA THR B 94 -18.36 -32.96 -3.25
C THR B 94 -18.09 -34.16 -2.35
N ASP B 95 -18.87 -35.23 -2.50
CA ASP B 95 -18.56 -36.46 -1.79
C ASP B 95 -17.21 -37.08 -2.19
N SER B 96 -16.63 -37.88 -1.27
CA SER B 96 -15.40 -38.64 -1.55
C SER B 96 -15.71 -39.77 -2.52
N GLU B 97 -14.69 -40.26 -3.22
CA GLU B 97 -14.84 -41.45 -4.03
C GLU B 97 -15.34 -42.63 -3.21
N TYR B 98 -15.08 -42.64 -1.91
CA TYR B 98 -15.60 -43.75 -1.12
C TYR B 98 -17.10 -43.73 -0.94
N SER B 99 -17.73 -42.55 -0.93
CA SER B 99 -19.20 -42.49 -0.77
C SER B 99 -19.89 -42.72 -2.07
N LEU B 100 -19.26 -42.15 -3.10
CA LEU B 100 -19.77 -42.32 -4.43
C LEU B 100 -19.82 -43.84 -4.67
N LEU B 101 -18.69 -44.53 -4.52
CA LEU B 101 -18.63 -45.97 -4.79
C LEU B 101 -19.66 -46.62 -3.92
N ALA B 102 -19.81 -46.08 -2.72
CA ALA B 102 -20.69 -46.70 -1.73
C ALA B 102 -22.17 -46.48 -2.09
N TRP B 103 -22.47 -45.29 -2.57
CA TRP B 103 -23.73 -44.99 -3.26
C TRP B 103 -23.98 -45.97 -4.41
N THR B 104 -22.93 -46.26 -5.18
CA THR B 104 -23.02 -47.15 -6.31
C THR B 104 -23.46 -48.52 -5.85
N ASN B 105 -22.98 -48.89 -4.67
CA ASN B 105 -23.18 -50.25 -4.20
C ASN B 105 -24.47 -50.42 -3.47
N ILE B 106 -25.41 -49.49 -3.70
CA ILE B 106 -26.75 -49.57 -3.10
C ILE B 106 -27.80 -49.65 -4.18
N PRO B 107 -28.82 -50.51 -4.00
CA PRO B 107 -29.76 -50.55 -5.11
C PRO B 107 -30.64 -49.31 -5.26
N ARG B 108 -30.91 -48.95 -6.52
CA ARG B 108 -31.78 -47.82 -6.79
C ARG B 108 -33.03 -47.92 -5.95
N LYS B 109 -33.58 -49.14 -5.81
CA LYS B 109 -34.86 -49.38 -5.12
C LYS B 109 -34.88 -48.61 -3.82
N GLU B 110 -33.71 -48.47 -3.20
CA GLU B 110 -33.61 -47.66 -1.99
C GLU B 110 -32.68 -46.46 -2.09
N GLY B 111 -32.81 -45.69 -3.17
CA GLY B 111 -32.13 -44.42 -3.31
C GLY B 111 -30.66 -44.56 -3.61
N GLY B 112 -30.30 -45.78 -4.03
CA GLY B 112 -28.95 -46.09 -4.44
C GLY B 112 -28.80 -45.77 -5.90
N LEU B 113 -27.56 -45.80 -6.38
CA LEU B 113 -27.28 -45.39 -7.73
C LEU B 113 -27.28 -46.62 -8.58
N GLY B 114 -27.22 -47.79 -7.94
CA GLY B 114 -27.02 -49.04 -8.66
C GLY B 114 -25.79 -49.00 -9.55
N PRO B 115 -25.56 -50.07 -10.30
CA PRO B 115 -24.46 -49.94 -11.27
C PRO B 115 -24.73 -48.79 -12.27
N ILE B 116 -23.66 -48.09 -12.66
CA ILE B 116 -23.76 -46.79 -13.32
C ILE B 116 -22.81 -46.78 -14.52
N ASN B 117 -23.19 -46.11 -15.62
CA ASN B 117 -22.37 -46.12 -16.85
C ASN B 117 -21.52 -44.89 -17.03
N ILE B 118 -21.65 -43.91 -16.14
CA ILE B 118 -20.94 -42.63 -16.32
C ILE B 118 -20.09 -42.46 -15.10
N PRO B 119 -18.85 -41.93 -15.24
CA PRO B 119 -17.99 -41.82 -14.05
C PRO B 119 -18.64 -40.92 -13.01
N LEU B 120 -18.32 -41.16 -11.75
CA LEU B 120 -18.61 -40.25 -10.67
C LEU B 120 -17.31 -39.63 -10.12
N LEU B 121 -17.20 -38.30 -10.24
CA LEU B 121 -16.02 -37.54 -9.89
C LEU B 121 -16.09 -37.01 -8.47
N ALA B 122 -15.14 -37.43 -7.66
CA ALA B 122 -15.09 -37.02 -6.27
C ALA B 122 -14.38 -35.69 -6.22
N ASP B 123 -15.11 -34.64 -5.87
CA ASP B 123 -14.51 -33.34 -5.70
C ASP B 123 -14.36 -33.08 -4.21
N THR B 124 -13.78 -34.04 -3.48
CA THR B 124 -13.56 -33.91 -2.03
C THR B 124 -12.97 -32.59 -1.60
N ASN B 125 -12.08 -32.02 -2.40
CA ASN B 125 -11.39 -30.82 -1.99
C ASN B 125 -11.97 -29.64 -2.69
N HIS B 126 -13.08 -29.89 -3.37
CA HIS B 126 -13.88 -28.81 -3.90
C HIS B 126 -13.29 -28.04 -5.06
N SER B 127 -12.12 -28.38 -5.57
CA SER B 127 -11.59 -27.54 -6.62
C SER B 127 -12.51 -27.52 -7.87
N LEU B 128 -13.14 -28.65 -8.20
CA LEU B 128 -14.02 -28.72 -9.38
C LEU B 128 -15.16 -27.78 -9.14
N SER B 129 -15.91 -28.09 -8.10
CA SER B 129 -16.97 -27.22 -7.66
C SER B 129 -16.54 -25.75 -7.65
N ARG B 130 -15.43 -25.43 -6.99
CA ARG B 130 -14.92 -24.08 -6.99
C ARG B 130 -14.70 -23.52 -8.40
N ASP B 131 -14.01 -24.26 -9.24
CA ASP B 131 -13.54 -23.70 -10.48
C ASP B 131 -14.67 -23.51 -11.46
N TYR B 132 -15.69 -24.31 -11.26
CA TYR B 132 -16.83 -24.30 -12.13
C TYR B 132 -17.84 -23.35 -11.55
N GLY B 133 -17.47 -22.72 -10.45
CA GLY B 133 -18.31 -21.75 -9.77
C GLY B 133 -19.71 -22.24 -9.44
N VAL B 134 -19.81 -23.49 -9.01
CA VAL B 134 -21.10 -24.08 -8.67
C VAL B 134 -21.15 -24.51 -7.23
N LEU B 135 -20.13 -24.18 -6.46
CA LEU B 135 -19.99 -24.64 -5.11
C LEU B 135 -20.67 -23.65 -4.16
N ILE B 136 -21.71 -24.09 -3.47
CA ILE B 136 -22.28 -23.31 -2.38
C ILE B 136 -21.23 -23.39 -1.27
N GLU B 137 -20.43 -22.35 -1.08
CA GLU B 137 -19.35 -22.38 -0.07
C GLU B 137 -19.85 -22.66 1.36
N GLU B 138 -20.96 -22.07 1.76
CA GLU B 138 -21.46 -22.23 3.14
C GLU B 138 -21.83 -23.66 3.45
N GLU B 139 -21.87 -24.47 2.41
CA GLU B 139 -22.64 -25.66 2.40
C GLU B 139 -21.73 -26.80 1.91
N GLY B 140 -20.77 -26.48 1.05
CA GLY B 140 -19.75 -27.44 0.62
C GLY B 140 -20.29 -28.44 -0.37
N VAL B 141 -21.41 -28.12 -0.95
CA VAL B 141 -21.92 -28.97 -1.98
C VAL B 141 -22.00 -28.15 -3.26
N ALA B 142 -21.99 -28.85 -4.40
CA ALA B 142 -22.15 -28.20 -5.69
C ALA B 142 -23.60 -28.11 -6.09
N LEU B 143 -23.94 -26.97 -6.69
CA LEU B 143 -25.20 -26.76 -7.41
C LEU B 143 -25.38 -27.72 -8.59
N ARG B 144 -26.59 -27.77 -9.13
CA ARG B 144 -26.86 -28.62 -10.28
C ARG B 144 -26.36 -27.94 -11.53
N GLY B 145 -25.04 -27.94 -11.64
CA GLY B 145 -24.37 -27.26 -12.72
C GLY B 145 -24.04 -28.36 -13.68
N LEU B 146 -24.35 -28.11 -14.94
CA LEU B 146 -24.01 -28.98 -16.03
C LEU B 146 -23.26 -28.12 -17.04
N PHE B 147 -22.14 -28.63 -17.51
CA PHE B 147 -21.31 -27.86 -18.36
C PHE B 147 -21.07 -28.68 -19.57
N ILE B 148 -21.30 -28.11 -20.76
CA ILE B 148 -21.00 -28.83 -21.98
C ILE B 148 -19.70 -28.31 -22.51
N ILE B 149 -18.67 -29.17 -22.54
CA ILE B 149 -17.36 -28.74 -23.03
C ILE B 149 -17.04 -29.35 -24.37
N ASP B 150 -16.69 -28.51 -25.35
CA ASP B 150 -16.33 -29.05 -26.67
C ASP B 150 -14.92 -29.67 -26.69
N PRO B 151 -14.59 -30.34 -27.79
CA PRO B 151 -13.24 -30.93 -27.86
C PRO B 151 -12.07 -29.92 -27.78
N LYS B 152 -12.28 -28.69 -28.25
N LYS B 152 -12.25 -28.69 -28.27
CA LYS B 152 -11.28 -27.64 -28.12
CA LYS B 152 -11.21 -27.68 -28.11
C LYS B 152 -11.16 -27.27 -26.64
C LYS B 152 -11.09 -27.33 -26.62
N GLY B 153 -11.94 -27.93 -25.79
CA GLY B 153 -11.98 -27.60 -24.37
C GLY B 153 -12.79 -26.36 -24.00
N VAL B 154 -13.69 -25.90 -24.87
CA VAL B 154 -14.45 -24.68 -24.62
C VAL B 154 -15.88 -24.99 -24.09
N ILE B 155 -16.19 -24.41 -22.94
CA ILE B 155 -17.52 -24.49 -22.36
C ILE B 155 -18.51 -23.84 -23.30
N ARG B 156 -19.48 -24.62 -23.77
CA ARG B 156 -20.39 -24.13 -24.78
C ARG B 156 -21.72 -23.84 -24.17
N HIS B 157 -21.95 -24.43 -23.01
CA HIS B 157 -23.20 -24.29 -22.31
C HIS B 157 -23.05 -24.55 -20.84
N ILE B 158 -23.73 -23.75 -20.06
CA ILE B 158 -23.83 -23.99 -18.64
C ILE B 158 -25.30 -24.03 -18.29
N THR B 159 -25.71 -25.07 -17.57
CA THR B 159 -26.98 -25.04 -16.90
C THR B 159 -26.67 -25.04 -15.43
N ILE B 160 -27.17 -24.05 -14.70
CA ILE B 160 -27.18 -24.22 -13.23
C ILE B 160 -28.59 -24.21 -12.67
N ASN B 161 -29.00 -25.32 -12.09
CA ASN B 161 -30.29 -25.43 -11.42
C ASN B 161 -30.11 -25.27 -9.93
N ASP B 162 -31.02 -24.57 -9.28
CA ASP B 162 -31.08 -24.58 -7.83
C ASP B 162 -31.29 -26.03 -7.43
N LEU B 163 -31.01 -26.34 -6.17
CA LEU B 163 -30.97 -27.72 -5.68
C LEU B 163 -32.25 -28.53 -5.94
N PRO B 164 -33.42 -27.92 -5.72
CA PRO B 164 -34.58 -28.81 -5.64
C PRO B 164 -35.18 -29.25 -6.97
N VAL B 165 -34.63 -28.77 -8.07
CA VAL B 165 -35.13 -29.20 -9.36
C VAL B 165 -34.00 -29.94 -10.08
N GLY B 166 -34.31 -31.09 -10.68
CA GLY B 166 -33.33 -31.83 -11.44
C GLY B 166 -33.38 -31.33 -12.84
N ARG B 167 -32.35 -31.64 -13.63
CA ARG B 167 -32.16 -31.14 -14.98
C ARG B 167 -32.79 -32.06 -16.04
N ASN B 168 -32.23 -32.09 -17.24
CA ASN B 168 -32.96 -32.64 -18.37
C ASN B 168 -32.01 -33.36 -19.33
N VAL B 169 -31.99 -34.69 -19.26
CA VAL B 169 -31.11 -35.51 -20.11
C VAL B 169 -31.27 -35.17 -21.58
N ASP B 170 -32.53 -35.09 -22.00
CA ASP B 170 -32.89 -34.77 -23.36
C ASP B 170 -32.29 -33.46 -23.77
N GLU B 171 -32.47 -32.42 -22.95
CA GLU B 171 -31.87 -31.12 -23.25
C GLU B 171 -30.36 -31.19 -23.36
N ALA B 172 -29.72 -31.82 -22.39
CA ALA B 172 -28.28 -31.91 -22.43
C ALA B 172 -27.91 -32.58 -23.72
N LEU B 173 -28.66 -33.59 -24.08
CA LEU B 173 -28.32 -34.34 -25.27
C LEU B 173 -28.51 -33.47 -26.49
N ARG B 174 -29.60 -32.71 -26.48
CA ARG B 174 -30.01 -31.81 -27.57
C ARG B 174 -28.95 -30.76 -27.85
N LEU B 175 -28.35 -30.29 -26.76
CA LEU B 175 -27.43 -29.20 -26.77
C LEU B 175 -26.12 -29.71 -27.30
N VAL B 176 -25.65 -30.83 -26.76
CA VAL B 176 -24.53 -31.53 -27.32
C VAL B 176 -24.78 -31.60 -28.83
N GLU B 177 -25.94 -32.05 -29.26
CA GLU B 177 -26.15 -32.23 -30.69
C GLU B 177 -26.14 -30.92 -31.43
N ALA B 178 -26.71 -29.90 -30.81
CA ALA B 178 -26.66 -28.54 -31.31
C ALA B 178 -25.23 -28.03 -31.55
N PHE B 179 -24.40 -28.17 -30.53
CA PHE B 179 -23.02 -27.75 -30.68
C PHE B 179 -22.22 -28.61 -31.64
N GLN B 180 -22.49 -29.92 -31.62
CA GLN B 180 -21.85 -30.76 -32.59
C GLN B 180 -22.20 -30.22 -33.97
N TRP B 181 -23.51 -30.05 -34.20
CA TRP B 181 -24.02 -29.56 -35.46
C TRP B 181 -23.32 -28.28 -35.79
N THR B 182 -23.20 -27.39 -34.83
CA THR B 182 -22.74 -26.10 -35.20
C THR B 182 -21.30 -26.14 -35.65
N ASP B 183 -20.50 -26.86 -34.88
CA ASP B 183 -19.08 -26.95 -35.09
C ASP B 183 -18.85 -27.49 -36.47
N LYS B 184 -19.55 -28.56 -36.80
CA LYS B 184 -19.44 -29.25 -38.07
C LYS B 184 -19.94 -28.53 -39.29
N ASN B 185 -20.99 -27.73 -39.13
CA ASN B 185 -21.76 -27.24 -40.25
C ASN B 185 -21.74 -25.73 -40.42
N GLY B 186 -21.36 -25.02 -39.37
CA GLY B 186 -21.20 -23.57 -39.47
C GLY B 186 -22.51 -22.82 -39.56
N THR B 187 -23.61 -23.56 -39.48
CA THR B 187 -24.94 -23.01 -39.42
C THR B 187 -25.20 -22.74 -37.99
N VAL B 188 -26.35 -22.15 -37.74
CA VAL B 188 -26.65 -21.58 -36.46
C VAL B 188 -28.10 -21.99 -36.10
N LEU B 189 -28.34 -22.33 -34.84
CA LEU B 189 -29.52 -23.14 -34.49
C LEU B 189 -30.62 -22.42 -33.78
N PRO B 190 -31.81 -22.38 -34.39
CA PRO B 190 -32.96 -21.74 -33.81
C PRO B 190 -33.34 -22.23 -32.43
N CYS B 191 -34.05 -21.38 -31.72
CA CYS B 191 -34.65 -21.76 -30.48
C CYS B 191 -35.33 -23.09 -30.70
N ASN B 192 -35.15 -24.03 -29.77
CA ASN B 192 -35.89 -25.28 -29.80
C ASN B 192 -35.49 -26.30 -30.84
N TRP B 193 -34.40 -26.04 -31.57
CA TRP B 193 -33.94 -26.89 -32.67
C TRP B 193 -33.61 -28.25 -32.15
N THR B 194 -34.00 -29.27 -32.90
CA THR B 194 -33.49 -30.62 -32.64
C THR B 194 -32.93 -31.02 -33.98
N PRO B 195 -32.02 -32.02 -34.03
CA PRO B 195 -31.50 -32.42 -35.36
C PRO B 195 -32.61 -32.61 -36.39
N GLY B 196 -32.54 -31.91 -37.51
CA GLY B 196 -33.54 -32.08 -38.52
C GLY B 196 -34.42 -30.90 -38.63
N ALA B 197 -34.53 -30.13 -37.56
CA ALA B 197 -35.20 -28.85 -37.66
C ALA B 197 -34.41 -27.89 -38.56
N ALA B 198 -35.11 -26.87 -39.05
CA ALA B 198 -34.51 -25.78 -39.80
C ALA B 198 -33.33 -25.13 -39.05
N THR B 199 -32.26 -24.89 -39.78
CA THR B 199 -31.12 -24.18 -39.29
C THR B 199 -31.10 -22.87 -40.05
N ILE B 200 -30.22 -21.97 -39.63
CA ILE B 200 -29.96 -20.71 -40.33
C ILE B 200 -28.49 -20.61 -40.71
N LYS B 201 -28.22 -20.18 -41.92
CA LYS B 201 -26.88 -19.79 -42.27
C LYS B 201 -26.66 -18.36 -41.74
N PRO B 202 -25.69 -18.19 -40.83
CA PRO B 202 -25.56 -16.94 -40.10
C PRO B 202 -24.97 -15.79 -40.91
N THR B 203 -25.53 -15.49 -42.07
CA THR B 203 -25.20 -14.23 -42.75
C THR B 203 -26.46 -13.46 -43.06
N VAL B 204 -26.35 -12.16 -43.16
CA VAL B 204 -27.54 -11.35 -43.35
C VAL B 204 -28.32 -11.79 -44.58
N GLU B 205 -27.64 -11.99 -45.70
CA GLU B 205 -28.37 -12.34 -46.91
C GLU B 205 -28.86 -13.78 -46.90
N ASP B 206 -28.07 -14.68 -46.35
CA ASP B 206 -28.41 -16.11 -46.33
C ASP B 206 -29.38 -16.53 -45.23
N SER B 207 -29.48 -15.75 -44.17
CA SER B 207 -30.42 -15.98 -43.08
C SER B 207 -31.85 -15.87 -43.56
N LYS B 208 -32.04 -15.07 -44.61
CA LYS B 208 -33.36 -14.75 -45.09
C LYS B 208 -34.01 -16.02 -45.67
N GLU B 209 -33.19 -16.90 -46.25
CA GLU B 209 -33.60 -18.26 -46.59
C GLU B 209 -34.45 -18.81 -45.47
N TYR B 210 -33.85 -18.92 -44.28
CA TYR B 210 -34.53 -19.44 -43.10
C TYR B 210 -35.75 -18.63 -42.67
N PHE B 211 -35.65 -17.32 -42.70
CA PHE B 211 -36.75 -16.46 -42.25
C PHE B 211 -37.93 -16.43 -43.21
N GLU B 212 -37.69 -16.54 -44.51
CA GLU B 212 -38.79 -16.53 -45.47
C GLU B 212 -39.58 -17.84 -45.43
N ALA B 213 -38.92 -18.89 -44.92
CA ALA B 213 -39.46 -20.22 -44.85
C ALA B 213 -40.21 -20.47 -43.55
N ALA B 214 -39.68 -19.98 -42.45
CA ALA B 214 -40.24 -20.26 -41.13
C ALA B 214 -41.48 -19.43 -40.85
N ASN B 215 -41.78 -18.52 -41.76
CA ASN B 215 -42.91 -17.61 -41.58
C ASN B 215 -43.90 -17.54 -42.76
N LYS B 216 -44.15 -18.70 -43.40
CA LYS B 216 -45.23 -18.88 -44.38
C LYS B 216 -44.76 -18.70 -45.81
N MET C 21 -7.00 -17.89 13.52
CA MET C 21 -6.38 -19.17 13.03
C MET C 21 -7.02 -20.47 13.62
N VAL C 22 -6.17 -21.41 14.04
CA VAL C 22 -6.70 -22.75 14.33
C VAL C 22 -6.98 -23.00 15.81
N ALA C 23 -7.19 -24.27 16.13
CA ALA C 23 -7.35 -24.73 17.49
C ALA C 23 -6.00 -24.91 18.12
N GLN C 24 -5.87 -24.39 19.32
CA GLN C 24 -4.65 -24.57 20.09
C GLN C 24 -5.05 -24.87 21.52
N VAL C 25 -4.16 -25.53 22.25
CA VAL C 25 -4.48 -25.90 23.62
C VAL C 25 -4.44 -24.61 24.43
N GLN C 26 -5.17 -24.61 25.55
CA GLN C 26 -5.29 -23.47 26.45
C GLN C 26 -6.13 -22.39 25.86
N LYS C 27 -6.52 -22.55 24.61
CA LYS C 27 -7.24 -21.51 23.88
C LYS C 27 -8.65 -22.05 23.64
N GLN C 28 -9.62 -21.15 23.48
CA GLN C 28 -11.03 -21.55 23.38
C GLN C 28 -11.32 -22.31 22.08
N ALA C 29 -11.88 -23.50 22.20
CA ALA C 29 -12.17 -24.31 21.02
C ALA C 29 -13.20 -23.61 20.14
N PRO C 30 -12.90 -23.50 18.82
CA PRO C 30 -13.73 -22.81 17.84
C PRO C 30 -15.08 -23.40 17.90
N THR C 31 -16.08 -22.54 18.05
CA THR C 31 -17.45 -23.00 18.12
C THR C 31 -17.82 -23.57 16.78
N PHE C 32 -18.91 -24.33 16.76
CA PHE C 32 -19.45 -24.79 15.52
C PHE C 32 -20.89 -25.17 15.67
N LYS C 33 -21.65 -25.04 14.59
CA LYS C 33 -22.99 -25.58 14.55
C LYS C 33 -22.98 -26.43 13.29
N LYS C 34 -23.14 -27.74 13.48
CA LYS C 34 -22.99 -28.73 12.43
C LYS C 34 -24.12 -29.69 12.49
N THR C 35 -24.65 -30.08 11.34
CA THR C 35 -25.71 -31.08 11.26
C THR C 35 -25.04 -32.37 11.46
N ALA C 36 -25.68 -33.29 12.15
CA ALA C 36 -25.01 -34.50 12.49
C ALA C 36 -25.95 -35.64 12.61
N VAL C 37 -25.42 -36.85 12.53
CA VAL C 37 -26.25 -38.01 12.67
C VAL C 37 -26.21 -38.38 14.13
N VAL C 38 -27.33 -38.16 14.83
CA VAL C 38 -27.51 -38.56 16.23
C VAL C 38 -28.62 -39.62 16.32
N ASP C 39 -28.27 -40.81 16.79
CA ASP C 39 -29.21 -41.96 16.89
C ASP C 39 -29.90 -42.12 15.55
N GLY C 40 -29.07 -42.30 14.52
CA GLY C 40 -29.52 -42.39 13.15
C GLY C 40 -30.54 -41.34 12.78
N VAL C 41 -30.27 -40.09 13.08
CA VAL C 41 -31.21 -39.03 12.77
C VAL C 41 -30.52 -37.67 12.66
N PHE C 42 -30.96 -36.84 11.73
CA PHE C 42 -30.26 -35.55 11.61
C PHE C 42 -30.60 -34.67 12.78
N ASP C 43 -29.58 -34.17 13.43
CA ASP C 43 -29.79 -33.17 14.44
C ASP C 43 -28.63 -32.21 14.33
N GLU C 44 -28.86 -30.99 14.80
CA GLU C 44 -27.82 -29.97 14.89
C GLU C 44 -27.02 -30.21 16.14
N VAL C 45 -25.70 -30.04 16.06
CA VAL C 45 -24.84 -30.24 17.20
C VAL C 45 -23.89 -29.05 17.37
N SER C 46 -23.61 -28.68 18.61
CA SER C 46 -22.66 -27.61 18.90
C SER C 46 -22.01 -27.95 20.20
N LEU C 47 -20.91 -27.29 20.54
CA LEU C 47 -20.21 -27.56 21.81
C LEU C 47 -21.15 -27.43 23.02
N ASP C 48 -21.90 -26.33 23.07
CA ASP C 48 -22.86 -26.09 24.14
C ASP C 48 -24.14 -26.91 24.07
N LYS C 49 -24.23 -27.87 23.17
CA LYS C 49 -25.26 -28.91 23.35
C LYS C 49 -24.86 -29.75 24.56
N TYR C 50 -23.57 -29.85 24.80
CA TYR C 50 -23.12 -30.60 25.95
C TYR C 50 -22.50 -29.61 26.91
N LYS C 51 -23.24 -28.54 27.21
CA LYS C 51 -22.85 -27.55 28.24
C LYS C 51 -22.58 -28.37 29.48
N GLY C 52 -21.40 -28.19 30.07
CA GLY C 52 -21.08 -28.91 31.28
C GLY C 52 -20.16 -30.08 31.04
N LYS C 53 -20.41 -30.83 29.99
CA LYS C 53 -19.53 -31.96 29.68
C LYS C 53 -18.20 -31.56 29.08
N TYR C 54 -17.21 -32.39 29.34
CA TYR C 54 -16.05 -32.37 28.49
C TYR C 54 -16.48 -32.96 27.16
N VAL C 55 -16.04 -32.35 26.09
CA VAL C 55 -16.25 -32.90 24.77
C VAL C 55 -14.93 -33.39 24.18
N VAL C 56 -14.94 -34.60 23.65
CA VAL C 56 -13.81 -35.16 22.94
C VAL C 56 -14.18 -35.03 21.47
N LEU C 57 -13.63 -34.07 20.74
CA LEU C 57 -14.03 -33.96 19.34
C LEU C 57 -13.08 -34.68 18.38
N ALA C 58 -13.57 -35.69 17.69
CA ALA C 58 -12.69 -36.45 16.81
C ALA C 58 -13.05 -36.39 15.32
N PHE C 59 -12.05 -36.02 14.54
CA PHE C 59 -12.12 -35.96 13.09
C PHE C 59 -11.71 -37.27 12.51
N ILE C 60 -12.33 -37.64 11.39
CA ILE C 60 -11.84 -38.72 10.56
C ILE C 60 -11.65 -38.27 9.11
N PRO C 61 -10.90 -39.06 8.32
CA PRO C 61 -10.75 -38.67 6.94
C PRO C 61 -12.01 -38.89 6.14
N LEU C 62 -12.55 -40.10 6.15
CA LEU C 62 -13.55 -40.37 5.17
C LEU C 62 -14.49 -41.45 5.57
N ALA C 63 -15.77 -41.18 5.42
CA ALA C 63 -16.77 -42.21 5.46
C ALA C 63 -16.39 -43.30 4.49
N PHE C 64 -16.71 -44.53 4.88
CA PHE C 64 -16.57 -45.72 4.06
C PHE C 64 -15.15 -46.21 3.85
N THR C 65 -14.24 -45.87 4.76
CA THR C 65 -12.86 -46.30 4.62
C THR C 65 -12.47 -47.38 5.64
N PHE C 66 -11.28 -47.30 6.22
CA PHE C 66 -10.72 -48.51 6.85
C PHE C 66 -10.38 -48.33 8.31
N VAL C 67 -9.52 -47.35 8.62
CA VAL C 67 -9.21 -47.09 10.01
C VAL C 67 -10.41 -46.41 10.68
N SER C 68 -10.94 -45.36 10.06
CA SER C 68 -12.08 -44.62 10.62
C SER C 68 -13.20 -45.53 11.19
N PRO C 69 -13.77 -46.44 10.39
CA PRO C 69 -14.78 -47.27 11.01
C PRO C 69 -14.33 -47.66 12.41
N THR C 70 -13.21 -48.36 12.51
CA THR C 70 -12.72 -48.83 13.80
C THR C 70 -12.81 -47.74 14.84
N GLU C 71 -12.08 -46.64 14.67
CA GLU C 71 -12.13 -45.55 15.67
C GLU C 71 -13.55 -45.20 16.09
N ILE C 72 -14.45 -45.03 15.13
CA ILE C 72 -15.79 -44.62 15.49
C ILE C 72 -16.43 -45.74 16.30
N ILE C 73 -16.33 -46.95 15.79
CA ILE C 73 -16.92 -48.07 16.47
C ILE C 73 -16.34 -48.19 17.88
N ALA C 74 -15.02 -48.21 18.01
CA ALA C 74 -14.35 -48.20 19.32
C ALA C 74 -14.96 -47.18 20.30
N PHE C 75 -14.85 -45.89 19.99
CA PHE C 75 -15.42 -44.84 20.82
C PHE C 75 -16.89 -45.02 21.01
N SER C 76 -17.54 -45.70 20.10
CA SER C 76 -18.95 -45.87 20.24
C SER C 76 -19.24 -46.99 21.24
N GLU C 77 -18.42 -48.04 21.23
CA GLU C 77 -18.51 -49.07 22.27
C GLU C 77 -18.32 -48.46 23.67
N ALA C 78 -17.30 -47.63 23.75
CA ALA C 78 -16.92 -47.05 25.00
C ALA C 78 -17.61 -45.70 25.20
N ALA C 79 -18.73 -45.47 24.52
CA ALA C 79 -19.41 -44.17 24.66
C ALA C 79 -19.86 -43.93 26.10
N LYS C 80 -20.50 -44.96 26.69
CA LYS C 80 -20.97 -44.97 28.09
C LYS C 80 -19.83 -44.60 29.06
N LYS C 81 -18.66 -45.24 28.88
CA LYS C 81 -17.52 -45.00 29.74
C LYS C 81 -17.13 -43.53 29.70
N PHE C 82 -17.23 -42.90 28.53
CA PHE C 82 -16.92 -41.46 28.39
C PHE C 82 -18.00 -40.60 29.02
N GLU C 83 -19.26 -41.04 28.90
CA GLU C 83 -20.40 -40.35 29.55
C GLU C 83 -20.12 -40.37 31.03
N GLU C 84 -19.56 -41.48 31.49
CA GLU C 84 -19.35 -41.70 32.90
C GLU C 84 -18.23 -40.82 33.42
N GLN C 85 -17.52 -40.17 32.52
CA GLN C 85 -16.41 -39.29 32.91
C GLN C 85 -16.68 -37.86 32.48
N GLY C 86 -17.95 -37.49 32.52
CA GLY C 86 -18.43 -36.16 32.12
C GLY C 86 -18.15 -35.72 30.69
N ALA C 87 -18.12 -36.68 29.77
CA ALA C 87 -17.68 -36.38 28.41
C ALA C 87 -18.59 -36.96 27.36
N GLN C 88 -18.73 -36.20 26.28
CA GLN C 88 -19.56 -36.58 25.14
C GLN C 88 -18.62 -36.68 24.00
N VAL C 89 -18.56 -37.87 23.41
CA VAL C 89 -17.70 -38.02 22.26
C VAL C 89 -18.43 -37.51 21.00
N LEU C 90 -17.73 -36.73 20.20
CA LEU C 90 -18.19 -36.35 18.88
C LEU C 90 -17.22 -36.85 17.81
N PHE C 91 -17.76 -37.27 16.68
CA PHE C 91 -16.94 -37.54 15.52
C PHE C 91 -17.37 -36.67 14.37
N ALA C 92 -16.38 -36.17 13.65
CA ALA C 92 -16.68 -35.33 12.50
C ALA C 92 -15.77 -35.70 11.36
N SER C 93 -16.32 -35.75 10.17
CA SER C 93 -15.56 -35.86 8.94
C SER C 93 -16.16 -34.85 7.95
N THR C 94 -15.44 -34.56 6.88
CA THR C 94 -15.97 -33.73 5.84
C THR C 94 -17.04 -34.40 4.96
N ASP C 95 -17.50 -35.59 5.31
CA ASP C 95 -18.62 -36.13 4.55
C ASP C 95 -19.90 -35.40 4.89
N SER C 96 -20.92 -35.51 4.03
CA SER C 96 -22.26 -34.97 4.30
C SER C 96 -22.94 -35.79 5.36
N GLU C 97 -24.06 -35.30 5.87
CA GLU C 97 -24.91 -36.05 6.81
C GLU C 97 -25.46 -37.33 6.20
N TYR C 98 -25.64 -37.32 4.89
CA TYR C 98 -26.27 -38.43 4.22
C TYR C 98 -25.29 -39.57 4.04
N SER C 99 -24.02 -39.24 3.80
CA SER C 99 -22.98 -40.24 3.75
C SER C 99 -22.78 -40.89 5.11
N LEU C 100 -22.65 -40.05 6.12
CA LEU C 100 -22.53 -40.47 7.49
C LEU C 100 -23.71 -41.33 7.91
N LEU C 101 -24.93 -40.91 7.58
CA LEU C 101 -26.11 -41.66 7.97
C LEU C 101 -26.04 -43.00 7.27
N ALA C 102 -25.80 -42.94 5.97
CA ALA C 102 -25.77 -44.11 5.12
C ALA C 102 -24.75 -45.10 5.66
N TRP C 103 -23.67 -44.55 6.20
CA TRP C 103 -22.64 -45.35 6.83
C TRP C 103 -23.17 -46.11 8.05
N THR C 104 -23.80 -45.42 8.99
CA THR C 104 -24.51 -46.10 10.06
C THR C 104 -25.55 -47.13 9.57
N ASN C 105 -25.81 -47.17 8.26
CA ASN C 105 -26.80 -48.12 7.72
C ASN C 105 -26.21 -49.35 7.04
N ILE C 106 -24.88 -49.44 7.03
CA ILE C 106 -24.16 -50.61 6.56
C ILE C 106 -23.57 -51.33 7.76
N PRO C 107 -23.88 -52.64 7.92
CA PRO C 107 -23.41 -53.43 9.06
C PRO C 107 -21.91 -53.41 9.12
N ARG C 108 -21.36 -53.55 10.32
CA ARG C 108 -19.93 -53.45 10.55
C ARG C 108 -19.20 -54.52 9.78
N LYS C 109 -19.77 -55.73 9.71
CA LYS C 109 -19.22 -56.84 8.92
C LYS C 109 -18.81 -56.39 7.51
N GLU C 110 -19.57 -55.47 6.91
CA GLU C 110 -19.31 -55.00 5.55
C GLU C 110 -18.47 -53.71 5.47
N GLY C 111 -18.07 -53.15 6.60
CA GLY C 111 -17.25 -51.95 6.62
C GLY C 111 -18.02 -50.76 7.15
N GLY C 112 -19.23 -51.02 7.62
CA GLY C 112 -20.10 -49.98 8.15
C GLY C 112 -19.92 -49.70 9.62
N LEU C 113 -20.72 -48.77 10.12
CA LEU C 113 -20.65 -48.28 11.47
C LEU C 113 -21.84 -48.80 12.19
N GLY C 114 -22.92 -48.06 12.01
CA GLY C 114 -24.08 -48.08 12.85
C GLY C 114 -24.61 -49.45 13.07
N PRO C 115 -25.55 -49.58 14.03
CA PRO C 115 -25.91 -48.42 14.84
C PRO C 115 -24.72 -47.95 15.68
N ILE C 116 -24.70 -46.69 16.05
CA ILE C 116 -23.68 -46.23 16.97
C ILE C 116 -24.22 -45.26 18.03
N ASN C 117 -23.46 -45.11 19.10
CA ASN C 117 -23.85 -44.33 20.29
C ASN C 117 -23.36 -42.90 20.28
N ILE C 118 -22.47 -42.58 19.35
CA ILE C 118 -21.96 -41.22 19.28
C ILE C 118 -22.51 -40.43 18.09
N PRO C 119 -22.56 -39.11 18.20
CA PRO C 119 -22.96 -38.28 17.07
C PRO C 119 -21.85 -38.16 16.04
N LEU C 120 -22.23 -38.12 14.78
CA LEU C 120 -21.28 -38.01 13.70
C LEU C 120 -21.54 -36.71 13.01
N LEU C 121 -20.57 -35.79 13.06
CA LEU C 121 -20.80 -34.44 12.56
C LEU C 121 -20.38 -34.28 11.12
N ALA C 122 -21.33 -34.01 10.25
CA ALA C 122 -21.07 -33.69 8.87
C ALA C 122 -20.38 -32.34 8.65
N ASP C 123 -19.10 -32.36 8.30
CA ASP C 123 -18.35 -31.16 7.93
C ASP C 123 -18.24 -30.90 6.42
N THR C 124 -19.37 -31.07 5.75
CA THR C 124 -19.49 -30.82 4.33
C THR C 124 -18.74 -29.60 3.83
N ASN C 125 -18.75 -28.50 4.58
CA ASN C 125 -18.19 -27.25 4.08
C ASN C 125 -16.83 -26.94 4.63
N HIS C 126 -16.29 -27.95 5.33
CA HIS C 126 -14.89 -27.97 5.74
C HIS C 126 -14.50 -27.02 6.86
N SER C 127 -15.47 -26.25 7.36
CA SER C 127 -15.18 -25.19 8.32
C SER C 127 -14.75 -25.81 9.63
N LEU C 128 -15.46 -26.83 10.09
CA LEU C 128 -15.04 -27.51 11.31
C LEU C 128 -13.59 -27.96 11.20
N SER C 129 -13.25 -28.69 10.14
CA SER C 129 -11.91 -29.23 10.00
C SER C 129 -10.86 -28.17 9.87
N ARG C 130 -11.14 -27.10 9.14
CA ARG C 130 -10.05 -26.15 8.95
C ARG C 130 -9.83 -25.32 10.20
N ASP C 131 -10.95 -25.11 10.93
CA ASP C 131 -10.94 -24.38 12.18
C ASP C 131 -10.15 -25.20 13.18
N TYR C 132 -10.39 -26.50 13.24
CA TYR C 132 -9.61 -27.34 14.15
C TYR C 132 -8.20 -27.68 13.68
N GLY C 133 -7.90 -27.33 12.43
CA GLY C 133 -6.52 -27.31 11.95
C GLY C 133 -6.13 -28.62 11.34
N VAL C 134 -7.12 -29.41 11.01
CA VAL C 134 -6.86 -30.78 10.68
C VAL C 134 -7.18 -31.11 9.22
N LEU C 135 -7.51 -30.10 8.42
CA LEU C 135 -7.93 -30.32 7.04
C LEU C 135 -6.71 -30.43 6.15
N ILE C 136 -6.64 -31.53 5.42
CA ILE C 136 -5.64 -31.67 4.38
C ILE C 136 -6.24 -30.93 3.17
N GLU C 137 -5.93 -29.64 3.02
CA GLU C 137 -6.58 -28.80 1.98
C GLU C 137 -6.55 -29.44 0.58
N GLU C 138 -5.37 -29.86 0.12
CA GLU C 138 -5.27 -30.50 -1.21
C GLU C 138 -6.22 -31.72 -1.35
N GLU C 139 -6.68 -32.25 -0.22
CA GLU C 139 -7.36 -33.56 -0.16
C GLU C 139 -8.83 -33.41 0.26
N GLY C 140 -9.12 -32.36 1.04
CA GLY C 140 -10.47 -32.06 1.47
C GLY C 140 -11.01 -32.99 2.51
N VAL C 141 -10.12 -33.68 3.18
CA VAL C 141 -10.48 -34.57 4.27
C VAL C 141 -9.71 -34.11 5.50
N ALA C 142 -10.15 -34.56 6.67
CA ALA C 142 -9.44 -34.24 7.91
C ALA C 142 -8.50 -35.35 8.36
N LEU C 143 -7.47 -34.93 9.09
CA LEU C 143 -6.49 -35.81 9.68
C LEU C 143 -7.14 -36.38 10.91
N ARG C 144 -6.64 -37.50 11.40
CA ARG C 144 -7.22 -38.12 12.57
C ARG C 144 -6.94 -37.21 13.78
N GLY C 145 -7.57 -36.04 13.80
CA GLY C 145 -7.41 -35.09 14.87
C GLY C 145 -8.50 -35.32 15.89
N LEU C 146 -8.14 -35.28 17.16
CA LEU C 146 -9.07 -35.54 18.24
C LEU C 146 -8.80 -34.49 19.26
N PHE C 147 -9.84 -33.81 19.74
CA PHE C 147 -9.63 -32.67 20.65
C PHE C 147 -10.32 -32.90 21.96
N ILE C 148 -9.66 -32.55 23.05
CA ILE C 148 -10.30 -32.60 24.35
C ILE C 148 -10.58 -31.18 24.83
N ILE C 149 -11.87 -30.92 24.94
CA ILE C 149 -12.40 -29.59 25.23
C ILE C 149 -13.22 -29.59 26.54
N ASP C 150 -12.81 -28.73 27.49
CA ASP C 150 -13.41 -28.65 28.85
C ASP C 150 -14.74 -27.89 28.89
N PRO C 151 -15.48 -28.01 30.01
CA PRO C 151 -16.76 -27.34 30.10
C PRO C 151 -16.66 -25.84 30.00
N LYS C 152 -15.45 -25.31 30.02
CA LYS C 152 -15.27 -23.88 29.83
C LYS C 152 -14.98 -23.60 28.34
N GLY C 153 -15.11 -24.65 27.54
CA GLY C 153 -14.97 -24.56 26.10
C GLY C 153 -13.53 -24.39 25.66
N VAL C 154 -12.59 -24.87 26.48
CA VAL C 154 -11.15 -24.68 26.24
C VAL C 154 -10.56 -25.99 25.75
N ILE C 155 -9.66 -25.92 24.76
CA ILE C 155 -8.97 -27.13 24.30
C ILE C 155 -7.92 -27.48 25.32
N ARG C 156 -8.00 -28.72 25.81
CA ARG C 156 -7.10 -29.24 26.82
C ARG C 156 -6.07 -30.20 26.26
N HIS C 157 -6.48 -30.93 25.24
CA HIS C 157 -5.59 -31.88 24.62
C HIS C 157 -5.83 -31.93 23.15
N ILE C 158 -4.75 -32.10 22.40
CA ILE C 158 -4.83 -32.35 20.98
C ILE C 158 -4.04 -33.59 20.63
N THR C 159 -4.65 -34.45 19.82
CA THR C 159 -4.02 -35.61 19.18
C THR C 159 -4.28 -35.46 17.70
N ILE C 160 -3.21 -35.49 16.91
CA ILE C 160 -3.38 -35.60 15.46
C ILE C 160 -2.59 -36.79 14.97
N ASN C 161 -3.27 -37.80 14.50
CA ASN C 161 -2.59 -38.93 13.93
C ASN C 161 -2.66 -38.78 12.41
N ASP C 162 -1.54 -39.04 11.74
CA ASP C 162 -1.56 -39.13 10.29
C ASP C 162 -2.62 -40.17 9.97
N LEU C 163 -3.04 -40.24 8.71
CA LEU C 163 -4.15 -41.12 8.36
C LEU C 163 -3.95 -42.59 8.70
N PRO C 164 -2.77 -43.18 8.39
CA PRO C 164 -2.67 -44.64 8.40
C PRO C 164 -2.68 -45.31 9.77
N VAL C 165 -2.69 -44.52 10.86
CA VAL C 165 -2.76 -45.09 12.21
C VAL C 165 -3.95 -44.59 13.03
N GLY C 166 -4.79 -45.52 13.48
CA GLY C 166 -5.91 -45.18 14.35
C GLY C 166 -5.46 -44.72 15.73
N ARG C 167 -6.33 -44.04 16.48
CA ARG C 167 -5.96 -43.52 17.79
C ARG C 167 -6.21 -44.52 18.94
N ASN C 168 -6.07 -44.06 20.18
CA ASN C 168 -6.32 -44.90 21.36
C ASN C 168 -7.55 -44.49 22.18
N VAL C 169 -8.62 -45.30 22.19
CA VAL C 169 -9.77 -44.93 23.02
C VAL C 169 -9.32 -44.72 24.47
N ASP C 170 -8.55 -45.67 24.98
CA ASP C 170 -8.15 -45.66 26.38
C ASP C 170 -7.35 -44.43 26.71
N GLU C 171 -6.59 -43.93 25.74
CA GLU C 171 -5.75 -42.76 25.97
C GLU C 171 -6.60 -41.51 26.01
N ALA C 172 -7.63 -41.52 25.16
CA ALA C 172 -8.55 -40.43 25.09
C ALA C 172 -9.26 -40.39 26.43
N LEU C 173 -9.65 -41.57 26.92
CA LEU C 173 -10.40 -41.71 28.16
C LEU C 173 -9.53 -41.15 29.25
N ARG C 174 -8.38 -41.80 29.40
CA ARG C 174 -7.37 -41.45 30.35
C ARG C 174 -7.29 -39.93 30.43
N LEU C 175 -7.07 -39.27 29.28
CA LEU C 175 -6.80 -37.83 29.26
C LEU C 175 -8.02 -37.03 29.65
N VAL C 176 -9.19 -37.63 29.45
CA VAL C 176 -10.41 -36.96 29.84
C VAL C 176 -10.45 -37.02 31.36
N GLU C 177 -10.19 -38.20 31.93
CA GLU C 177 -10.25 -38.34 33.37
C GLU C 177 -9.18 -37.49 34.02
N ALA C 178 -8.02 -37.38 33.36
CA ALA C 178 -6.92 -36.55 33.88
C ALA C 178 -7.42 -35.13 34.07
N PHE C 179 -7.95 -34.54 33.01
CA PHE C 179 -8.40 -33.17 33.11
C PHE C 179 -9.62 -33.00 33.99
N GLN C 180 -10.43 -34.03 34.17
CA GLN C 180 -11.52 -33.86 35.12
C GLN C 180 -10.92 -33.69 36.54
N TRP C 181 -9.91 -34.49 36.85
CA TRP C 181 -9.22 -34.41 38.11
C TRP C 181 -8.69 -33.02 38.47
N THR C 182 -7.91 -32.42 37.56
CA THR C 182 -7.25 -31.13 37.82
C THR C 182 -8.25 -29.96 37.72
N ASP C 183 -9.16 -30.03 36.75
CA ASP C 183 -10.28 -29.09 36.75
C ASP C 183 -10.85 -29.01 38.18
N LYS C 184 -10.78 -30.14 38.88
CA LYS C 184 -11.52 -30.30 40.11
C LYS C 184 -10.62 -30.27 41.34
N ASN C 185 -9.53 -31.03 41.27
CA ASN C 185 -8.65 -31.21 42.39
C ASN C 185 -7.48 -30.22 42.47
N GLY C 186 -7.12 -29.58 41.35
CA GLY C 186 -6.08 -28.57 41.38
C GLY C 186 -4.67 -29.12 41.40
N THR C 187 -4.54 -30.42 41.70
CA THR C 187 -3.27 -31.13 41.59
C THR C 187 -2.87 -31.37 40.10
N VAL C 188 -1.71 -31.97 39.82
CA VAL C 188 -1.31 -32.18 38.42
C VAL C 188 -0.92 -33.66 38.15
N LEU C 189 -1.30 -34.14 36.96
CA LEU C 189 -1.07 -35.54 36.63
C LEU C 189 0.32 -35.85 36.07
N PRO C 190 0.99 -36.87 36.61
CA PRO C 190 2.23 -37.33 35.94
C PRO C 190 2.01 -38.11 34.67
N CYS C 191 3.15 -38.43 34.08
CA CYS C 191 3.20 -39.17 32.86
C CYS C 191 2.58 -40.48 33.21
N ASN C 192 1.66 -40.96 32.37
CA ASN C 192 0.95 -42.23 32.55
C ASN C 192 -0.13 -42.26 33.61
N TRP C 193 -0.37 -41.14 34.27
CA TRP C 193 -1.38 -41.13 35.30
C TRP C 193 -2.64 -41.80 34.80
N THR C 194 -3.11 -42.80 35.55
CA THR C 194 -4.46 -43.38 35.42
C THR C 194 -5.18 -43.01 36.70
N PRO C 195 -6.51 -42.78 36.64
CA PRO C 195 -7.30 -42.65 37.89
C PRO C 195 -6.85 -43.69 38.94
N GLY C 196 -6.42 -43.18 40.09
CA GLY C 196 -5.94 -43.99 41.18
C GLY C 196 -4.45 -43.77 41.35
N ALA C 197 -3.76 -43.35 40.30
CA ALA C 197 -2.30 -43.27 40.41
C ALA C 197 -1.94 -42.00 41.22
N ALA C 198 -0.63 -41.77 41.46
CA ALA C 198 -0.20 -40.63 42.31
C ALA C 198 -0.33 -39.28 41.56
N THR C 199 -0.94 -38.29 42.21
CA THR C 199 -0.97 -36.95 41.64
C THR C 199 0.25 -36.17 42.18
N ILE C 200 0.31 -34.86 41.91
CA ILE C 200 1.39 -34.02 42.41
C ILE C 200 0.76 -32.72 42.89
N LYS C 201 1.11 -32.31 44.11
CA LYS C 201 0.75 -30.99 44.63
C LYS C 201 1.62 -29.95 43.87
N PRO C 202 0.99 -29.19 42.94
CA PRO C 202 1.82 -28.38 41.99
C PRO C 202 2.56 -27.17 42.62
N THR C 203 3.36 -27.42 43.66
CA THR C 203 4.12 -26.36 44.33
C THR C 203 5.45 -26.93 44.78
N VAL C 204 6.51 -26.15 44.58
CA VAL C 204 7.86 -26.52 45.02
C VAL C 204 7.96 -27.24 46.39
N GLU C 205 7.10 -26.89 47.35
CA GLU C 205 7.13 -27.52 48.68
C GLU C 205 6.23 -28.76 48.78
N ASP C 206 4.97 -28.63 48.37
CA ASP C 206 4.08 -29.77 48.46
C ASP C 206 4.41 -30.72 47.31
N SER C 207 5.14 -30.20 46.33
CA SER C 207 5.66 -31.03 45.26
C SER C 207 6.39 -32.23 45.85
N LYS C 208 7.44 -31.98 46.62
CA LYS C 208 8.39 -33.03 47.08
C LYS C 208 7.72 -34.25 47.76
N GLU C 209 6.51 -34.06 48.29
CA GLU C 209 5.69 -35.17 48.76
C GLU C 209 5.59 -36.29 47.71
N TYR C 210 5.18 -35.92 46.49
CA TYR C 210 5.15 -36.88 45.38
C TYR C 210 6.54 -37.43 44.95
N PHE C 211 7.52 -36.54 44.74
CA PHE C 211 8.83 -37.01 44.18
C PHE C 211 9.55 -38.05 45.04
N GLU C 212 9.51 -37.82 46.36
CA GLU C 212 10.07 -38.72 47.36
C GLU C 212 9.39 -40.07 47.37
N ALA C 213 8.04 -40.02 47.43
CA ALA C 213 7.14 -41.19 47.45
C ALA C 213 7.27 -42.04 46.20
N ALA C 214 7.59 -41.38 45.08
CA ALA C 214 7.76 -42.03 43.77
C ALA C 214 9.09 -42.71 43.55
N ASN C 215 10.01 -42.63 44.51
CA ASN C 215 11.41 -42.93 44.19
C ASN C 215 12.24 -43.69 45.24
N LYS C 216 13.18 -44.51 44.75
CA LYS C 216 14.23 -45.10 45.60
C LYS C 216 15.46 -44.16 45.69
N VAL D 22 3.72 -23.30 11.12
CA VAL D 22 4.22 -24.21 12.21
C VAL D 22 4.19 -25.71 11.81
N ALA D 23 4.47 -26.58 12.79
CA ALA D 23 4.50 -28.06 12.62
C ALA D 23 3.11 -28.63 12.35
N GLN D 24 3.03 -29.55 11.38
CA GLN D 24 1.76 -30.18 11.00
C GLN D 24 2.00 -31.61 10.58
N VAL D 25 1.09 -32.51 10.98
CA VAL D 25 1.23 -33.89 10.53
C VAL D 25 1.30 -33.90 9.01
N GLN D 26 2.03 -34.86 8.45
CA GLN D 26 2.14 -35.03 7.01
C GLN D 26 3.10 -34.04 6.39
N LYS D 27 3.55 -33.07 7.18
CA LYS D 27 4.50 -32.08 6.70
C LYS D 27 5.87 -32.31 7.32
N GLN D 28 6.92 -31.90 6.61
CA GLN D 28 8.29 -31.96 7.13
C GLN D 28 8.37 -31.33 8.51
N ALA D 29 9.14 -31.98 9.38
CA ALA D 29 9.34 -31.47 10.73
C ALA D 29 10.26 -30.28 10.66
N PRO D 30 9.82 -29.15 11.24
CA PRO D 30 10.71 -27.99 11.25
C PRO D 30 12.05 -28.43 11.83
N THR D 31 13.13 -28.09 11.13
CA THR D 31 14.44 -28.56 11.53
C THR D 31 15.04 -27.62 12.56
N PHE D 32 16.13 -28.11 13.17
CA PHE D 32 16.77 -27.37 14.23
C PHE D 32 18.16 -27.85 14.49
N LYS D 33 18.86 -26.99 15.24
CA LYS D 33 20.20 -27.22 15.75
C LYS D 33 20.10 -26.62 17.13
N LYS D 34 20.02 -27.45 18.14
CA LYS D 34 19.87 -26.90 19.44
C LYS D 34 20.92 -27.55 20.34
N THR D 35 21.54 -26.75 21.20
CA THR D 35 22.47 -27.32 22.16
C THR D 35 21.66 -28.08 23.19
N ALA D 36 22.19 -29.25 23.56
CA ALA D 36 21.50 -30.16 24.44
C ALA D 36 22.40 -30.68 25.59
N VAL D 37 21.74 -31.16 26.67
CA VAL D 37 22.41 -32.09 27.57
C VAL D 37 22.26 -33.53 27.10
N VAL D 38 23.39 -34.15 26.82
CA VAL D 38 23.44 -35.50 26.31
C VAL D 38 24.45 -36.21 27.20
N ASP D 39 24.00 -37.27 27.88
CA ASP D 39 24.84 -38.00 28.82
C ASP D 39 25.59 -36.99 29.65
N GLY D 40 24.87 -36.14 30.38
CA GLY D 40 25.50 -35.22 31.33
C GLY D 40 26.40 -34.07 30.85
N VAL D 41 26.88 -34.13 29.61
CA VAL D 41 27.66 -33.02 28.99
C VAL D 41 26.83 -32.22 27.95
N PHE D 42 27.43 -31.21 27.31
CA PHE D 42 26.72 -30.51 26.22
C PHE D 42 27.04 -31.13 24.88
N ASP D 43 26.00 -31.23 24.04
CA ASP D 43 26.14 -31.65 22.64
C ASP D 43 25.13 -30.89 21.85
N GLU D 44 25.31 -30.83 20.54
CA GLU D 44 24.31 -30.20 19.69
C GLU D 44 23.36 -31.28 19.28
N VAL D 45 22.07 -31.03 19.30
CA VAL D 45 21.13 -32.04 18.88
C VAL D 45 20.38 -31.53 17.67
N SER D 46 20.00 -32.45 16.78
CA SER D 46 19.42 -32.10 15.49
C SER D 46 18.75 -33.31 14.88
N LEU D 47 17.63 -33.10 14.23
CA LEU D 47 16.80 -34.22 13.77
C LEU D 47 17.56 -35.23 12.99
N ASP D 48 18.38 -34.77 12.04
CA ASP D 48 19.19 -35.68 11.22
C ASP D 48 20.41 -36.29 11.92
N LYS D 49 20.60 -35.95 13.20
CA LYS D 49 21.66 -36.57 14.03
C LYS D 49 21.26 -37.99 14.29
N TYR D 50 19.96 -38.23 14.19
CA TYR D 50 19.38 -39.56 14.35
C TYR D 50 18.79 -40.07 13.06
N LYS D 51 19.45 -39.70 11.95
CA LYS D 51 19.01 -40.06 10.61
C LYS D 51 18.65 -41.56 10.55
N GLY D 52 17.43 -41.86 10.09
CA GLY D 52 16.99 -43.26 9.91
C GLY D 52 16.17 -43.75 11.08
N LYS D 53 16.09 -42.91 12.10
CA LYS D 53 15.33 -43.22 13.29
C LYS D 53 14.06 -42.39 13.30
N TYR D 54 13.01 -42.93 13.88
CA TYR D 54 11.87 -42.11 14.21
C TYR D 54 12.33 -41.23 15.33
N VAL D 55 11.85 -39.98 15.37
CA VAL D 55 12.20 -39.10 16.46
C VAL D 55 10.93 -38.74 17.19
N VAL D 56 10.86 -39.11 18.47
CA VAL D 56 9.79 -38.63 19.32
C VAL D 56 10.39 -37.39 19.96
N LEU D 57 10.06 -36.20 19.48
CA LEU D 57 10.56 -34.96 20.09
C LEU D 57 9.46 -34.55 21.07
N ALA D 58 9.81 -34.26 22.32
CA ALA D 58 8.81 -33.93 23.35
C ALA D 58 9.14 -32.68 24.14
N PHE D 59 8.15 -31.80 24.19
CA PHE D 59 8.29 -30.49 24.82
C PHE D 59 7.74 -30.56 26.23
N ILE D 60 8.42 -29.89 27.16
CA ILE D 60 7.89 -29.80 28.53
C ILE D 60 8.02 -28.38 28.98
N PRO D 61 6.98 -27.86 29.66
CA PRO D 61 7.03 -26.41 29.95
C PRO D 61 8.27 -25.97 30.74
N LEU D 62 8.66 -26.67 31.81
CA LEU D 62 9.70 -26.10 32.67
C LEU D 62 10.56 -27.10 33.40
N ALA D 63 11.85 -26.78 33.53
CA ALA D 63 12.74 -27.54 34.41
C ALA D 63 12.39 -27.18 35.83
N PHE D 64 12.61 -28.09 36.78
CA PHE D 64 12.34 -27.80 38.21
C PHE D 64 10.85 -27.57 38.52
N THR D 65 9.98 -28.22 37.74
CA THR D 65 8.56 -28.24 38.01
C THR D 65 8.18 -29.71 38.30
N PHE D 66 6.97 -30.11 37.91
CA PHE D 66 6.34 -31.23 38.57
C PHE D 66 5.96 -32.34 37.60
N VAL D 67 5.32 -31.98 36.50
CA VAL D 67 4.92 -33.04 35.60
C VAL D 67 6.08 -33.33 34.64
N SER D 68 6.76 -32.28 34.21
CA SER D 68 7.89 -32.44 33.33
C SER D 68 8.87 -33.53 33.82
N PRO D 69 9.25 -33.53 35.12
CA PRO D 69 10.23 -34.59 35.41
C PRO D 69 9.62 -35.99 35.21
N THR D 70 8.39 -36.19 35.64
CA THR D 70 7.83 -37.53 35.52
C THR D 70 7.89 -38.02 34.06
N GLU D 71 7.62 -37.10 33.13
CA GLU D 71 7.58 -37.41 31.69
C GLU D 71 8.99 -37.71 31.24
N ILE D 72 9.92 -36.87 31.68
CA ILE D 72 11.31 -37.08 31.32
C ILE D 72 11.83 -38.46 31.80
N ILE D 73 11.63 -38.72 33.10
CA ILE D 73 12.05 -39.96 33.74
C ILE D 73 11.38 -41.13 33.07
N ALA D 74 10.05 -41.06 32.97
CA ALA D 74 9.27 -42.18 32.39
C ALA D 74 9.75 -42.52 31.00
N PHE D 75 10.23 -41.49 30.29
CA PHE D 75 10.67 -41.60 28.90
C PHE D 75 12.13 -42.05 28.83
N SER D 76 12.98 -41.38 29.63
CA SER D 76 14.37 -41.83 29.88
C SER D 76 14.39 -43.32 30.22
N GLU D 77 13.54 -43.72 31.17
CA GLU D 77 13.50 -45.10 31.63
C GLU D 77 13.11 -45.98 30.44
N ALA D 78 12.30 -45.44 29.55
CA ALA D 78 11.87 -46.23 28.40
C ALA D 78 12.76 -46.01 27.17
N ALA D 79 13.78 -45.15 27.30
CA ALA D 79 14.67 -44.89 26.17
C ALA D 79 15.00 -46.18 25.45
N LYS D 80 15.52 -47.16 26.19
CA LYS D 80 15.77 -48.47 25.63
C LYS D 80 14.59 -49.00 24.80
N LYS D 81 13.38 -49.00 25.39
CA LYS D 81 12.20 -49.45 24.64
C LYS D 81 12.00 -48.76 23.26
N PHE D 82 12.16 -47.44 23.19
CA PHE D 82 12.08 -46.81 21.89
C PHE D 82 13.23 -47.25 21.01
N GLU D 83 14.46 -47.14 21.51
CA GLU D 83 15.64 -47.57 20.72
C GLU D 83 15.27 -48.83 19.90
N GLU D 84 14.73 -49.87 20.56
CA GLU D 84 14.31 -51.11 19.91
C GLU D 84 13.27 -50.97 18.79
N GLN D 85 12.54 -49.85 18.78
CA GLN D 85 11.57 -49.61 17.71
C GLN D 85 12.10 -48.55 16.75
N GLY D 86 13.42 -48.39 16.71
CA GLY D 86 14.05 -47.43 15.84
C GLY D 86 13.61 -46.01 16.09
N ALA D 87 13.37 -45.64 17.36
CA ALA D 87 12.98 -44.28 17.73
C ALA D 87 13.92 -43.68 18.75
N GLN D 88 14.26 -42.42 18.49
CA GLN D 88 15.12 -41.64 19.34
C GLN D 88 14.19 -40.69 19.96
N VAL D 89 14.42 -40.40 21.23
CA VAL D 89 13.51 -39.56 21.93
C VAL D 89 14.30 -38.40 22.33
N LEU D 90 13.73 -37.23 22.09
CA LEU D 90 14.29 -35.95 22.45
C LEU D 90 13.31 -35.23 23.34
N PHE D 91 13.82 -34.59 24.36
CA PHE D 91 12.99 -33.62 25.04
C PHE D 91 13.58 -32.21 24.86
N ALA D 92 12.77 -31.21 25.19
CA ALA D 92 13.10 -29.83 24.96
C ALA D 92 12.26 -28.96 25.85
N SER D 93 12.68 -27.71 25.96
CA SER D 93 12.17 -26.78 26.96
C SER D 93 12.79 -25.42 26.67
N THR D 94 12.14 -24.35 27.11
CA THR D 94 12.77 -23.06 26.98
C THR D 94 13.93 -22.80 28.00
N ASP D 95 14.09 -23.63 29.00
CA ASP D 95 15.25 -23.50 29.85
C ASP D 95 16.55 -23.71 29.06
N SER D 96 17.61 -23.03 29.52
CA SER D 96 18.96 -23.14 28.95
C SER D 96 19.54 -24.53 29.14
N GLU D 97 20.61 -24.85 28.41
CA GLU D 97 21.31 -26.10 28.70
C GLU D 97 21.80 -26.17 30.16
N TYR D 98 22.01 -24.98 30.75
CA TYR D 98 22.47 -24.88 32.15
C TYR D 98 21.36 -25.25 33.09
N SER D 99 20.18 -24.64 32.95
CA SER D 99 19.10 -24.99 33.89
C SER D 99 18.85 -26.47 33.78
N LEU D 100 18.90 -27.00 32.56
CA LEU D 100 18.71 -28.42 32.37
C LEU D 100 19.79 -29.14 33.15
N LEU D 101 21.04 -28.89 32.78
CA LEU D 101 22.19 -29.61 33.36
C LEU D 101 21.97 -29.74 34.86
N ALA D 102 21.76 -28.59 35.50
CA ALA D 102 21.43 -28.41 36.92
C ALA D 102 20.35 -29.36 37.43
N TRP D 103 19.16 -29.22 36.84
CA TRP D 103 18.04 -30.15 37.01
C TRP D 103 18.45 -31.61 36.87
N THR D 104 19.43 -31.87 36.00
CA THR D 104 20.00 -33.21 35.88
C THR D 104 20.86 -33.60 37.13
N ASN D 105 21.47 -32.61 37.80
CA ASN D 105 22.25 -32.87 39.03
C ASN D 105 21.40 -32.93 40.32
N ILE D 106 20.11 -33.26 40.21
CA ILE D 106 19.27 -33.28 41.39
C ILE D 106 18.59 -34.64 41.54
N PRO D 107 18.82 -35.31 42.69
CA PRO D 107 18.24 -36.66 42.76
C PRO D 107 16.74 -36.59 42.45
N ARG D 108 16.26 -37.65 41.80
CA ARG D 108 14.84 -37.83 41.48
C ARG D 108 13.98 -37.63 42.72
N LYS D 109 14.37 -38.30 43.80
CA LYS D 109 13.93 -37.96 45.18
C LYS D 109 13.41 -36.52 45.34
N GLU D 110 14.12 -35.58 44.70
CA GLU D 110 13.95 -34.14 44.97
C GLU D 110 13.02 -33.26 44.04
N GLY D 111 12.66 -33.61 42.80
CA GLY D 111 13.50 -34.25 41.80
C GLY D 111 13.30 -33.46 40.50
N GLY D 112 13.42 -34.10 39.34
CA GLY D 112 14.24 -35.27 39.10
C GLY D 112 15.52 -34.51 38.87
N LEU D 113 16.31 -34.89 37.87
CA LEU D 113 15.90 -35.89 36.93
C LEU D 113 16.90 -36.99 37.09
N GLY D 114 17.91 -36.66 37.89
CA GLY D 114 19.05 -37.55 38.09
C GLY D 114 19.76 -37.78 36.77
N PRO D 115 20.23 -39.01 36.55
CA PRO D 115 20.80 -39.30 35.25
C PRO D 115 19.67 -39.78 34.40
N ILE D 116 19.72 -39.49 33.09
CA ILE D 116 18.69 -39.89 32.14
C ILE D 116 19.41 -40.28 30.85
N ASN D 117 18.70 -41.00 29.97
CA ASN D 117 19.29 -41.46 28.70
C ASN D 117 18.74 -40.72 27.48
N ILE D 118 17.94 -39.66 27.70
CA ILE D 118 17.41 -38.90 26.56
C ILE D 118 17.87 -37.46 26.51
N PRO D 119 18.17 -36.95 25.31
CA PRO D 119 18.72 -35.63 25.26
C PRO D 119 17.70 -34.62 25.76
N LEU D 120 18.17 -33.61 26.49
CA LEU D 120 17.35 -32.45 26.85
C LEU D 120 17.77 -31.24 26.00
N LEU D 121 16.82 -30.69 25.24
CA LEU D 121 17.15 -29.63 24.30
C LEU D 121 16.84 -28.27 24.87
N ALA D 122 17.85 -27.41 24.85
CA ALA D 122 17.68 -26.08 25.43
C ALA D 122 17.11 -25.09 24.41
N ASP D 123 15.80 -24.91 24.44
CA ASP D 123 15.21 -24.03 23.46
C ASP D 123 15.21 -22.64 24.05
N THR D 124 16.42 -22.18 24.39
CA THR D 124 16.58 -20.95 25.13
C THR D 124 16.01 -19.78 24.35
N ASN D 125 16.38 -19.68 23.07
CA ASN D 125 15.77 -18.65 22.21
C ASN D 125 14.32 -18.91 21.72
N HIS D 126 13.70 -20.02 22.12
CA HIS D 126 12.28 -20.25 21.80
C HIS D 126 11.94 -20.72 20.34
N SER D 127 12.95 -20.83 19.47
CA SER D 127 12.70 -21.14 18.05
C SER D 127 11.96 -22.49 17.90
N LEU D 128 12.56 -23.56 18.44
CA LEU D 128 11.92 -24.87 18.48
C LEU D 128 10.45 -24.75 18.91
N SER D 129 10.22 -24.38 20.18
CA SER D 129 8.86 -24.15 20.65
C SER D 129 7.97 -23.38 19.64
N ARG D 130 8.45 -22.26 19.11
CA ARG D 130 7.68 -21.45 18.16
C ARG D 130 7.34 -22.34 16.98
N ASP D 131 8.39 -22.83 16.33
CA ASP D 131 8.25 -23.62 15.14
C ASP D 131 7.29 -24.79 15.35
N TYR D 132 7.24 -25.31 16.56
CA TYR D 132 6.48 -26.51 16.79
C TYR D 132 5.09 -26.20 17.30
N GLY D 133 4.83 -24.93 17.54
CA GLY D 133 3.48 -24.49 17.88
C GLY D 133 3.05 -24.84 19.29
N VAL D 134 4.06 -25.06 20.13
CA VAL D 134 3.81 -25.49 21.47
C VAL D 134 4.18 -24.37 22.40
N LEU D 135 4.92 -23.40 21.88
CA LEU D 135 5.30 -22.26 22.72
C LEU D 135 4.10 -21.41 23.16
N ILE D 136 3.88 -21.27 24.47
CA ILE D 136 2.92 -20.29 25.00
C ILE D 136 3.62 -18.92 24.98
N GLU D 137 3.36 -18.16 23.92
CA GLU D 137 4.06 -16.87 23.73
C GLU D 137 4.16 -16.08 25.01
N GLU D 138 3.07 -15.99 25.76
CA GLU D 138 3.02 -15.15 26.95
C GLU D 138 3.82 -15.70 28.16
N GLU D 139 4.19 -16.99 28.10
CA GLU D 139 4.76 -17.67 29.27
C GLU D 139 6.29 -17.76 29.45
N GLY D 140 7.11 -17.76 28.40
CA GLY D 140 6.91 -18.41 27.14
C GLY D 140 7.62 -19.74 27.35
N VAL D 141 6.80 -20.75 27.62
CA VAL D 141 7.26 -22.12 27.79
C VAL D 141 6.53 -22.94 26.76
N ALA D 142 6.96 -24.18 26.60
CA ALA D 142 6.33 -25.05 25.59
C ALA D 142 5.23 -25.87 26.23
N LEU D 143 4.09 -26.00 25.56
CA LEU D 143 3.05 -26.90 26.01
C LEU D 143 3.60 -28.33 25.89
N ARG D 144 2.92 -29.29 26.53
CA ARG D 144 3.34 -30.70 26.46
C ARG D 144 3.15 -31.29 25.06
N GLY D 145 3.67 -30.56 24.06
CA GLY D 145 3.69 -31.03 22.66
C GLY D 145 4.57 -32.25 22.62
N LEU D 146 4.25 -33.18 21.74
CA LEU D 146 5.13 -34.29 21.46
C LEU D 146 4.84 -34.64 20.03
N PHE D 147 5.87 -35.06 19.31
CA PHE D 147 5.82 -35.12 17.87
C PHE D 147 6.58 -36.33 17.49
N ILE D 148 5.95 -37.18 16.70
CA ILE D 148 6.62 -38.36 16.21
C ILE D 148 6.98 -38.03 14.80
N ILE D 149 8.23 -38.23 14.44
CA ILE D 149 8.72 -37.72 13.17
C ILE D 149 9.36 -38.83 12.37
N ASP D 150 8.99 -38.87 11.10
CA ASP D 150 9.52 -39.79 10.10
C ASP D 150 11.04 -39.83 10.01
N PRO D 151 11.57 -41.00 9.61
CA PRO D 151 12.93 -40.96 9.17
C PRO D 151 13.08 -40.07 7.95
N LYS D 152 11.97 -39.82 7.25
CA LYS D 152 11.94 -38.89 6.09
C LYS D 152 11.71 -37.44 6.52
N GLY D 153 11.73 -37.19 7.83
CA GLY D 153 11.60 -35.86 8.38
C GLY D 153 10.17 -35.39 8.53
N VAL D 154 9.21 -36.31 8.41
CA VAL D 154 7.79 -35.96 8.30
C VAL D 154 6.95 -36.22 9.56
N ILE D 155 6.43 -35.17 10.18
CA ILE D 155 5.53 -35.34 11.34
C ILE D 155 4.39 -36.34 11.08
N ARG D 156 4.25 -37.36 11.92
CA ARG D 156 3.25 -38.43 11.67
C ARG D 156 2.23 -38.45 12.77
N HIS D 157 2.56 -37.72 13.81
CA HIS D 157 1.73 -37.67 14.98
C HIS D 157 2.08 -36.47 15.82
N ILE D 158 1.04 -35.90 16.39
CA ILE D 158 1.19 -34.84 17.32
C ILE D 158 0.22 -35.16 18.42
N THR D 159 0.71 -35.05 19.65
CA THR D 159 -0.17 -34.82 20.76
C THR D 159 0.35 -33.55 21.40
N ILE D 160 -0.59 -32.77 21.91
CA ILE D 160 -0.26 -31.63 22.74
C ILE D 160 -1.16 -31.73 23.98
N ASN D 161 -0.55 -31.57 25.17
CA ASN D 161 -1.31 -31.49 26.42
C ASN D 161 -1.27 -30.10 27.03
N ASP D 162 -2.38 -29.70 27.66
CA ASP D 162 -2.33 -28.54 28.51
C ASP D 162 -1.29 -28.88 29.56
N LEU D 163 -0.86 -27.80 30.21
CA LEU D 163 0.27 -27.82 31.13
C LEU D 163 0.22 -28.83 32.30
N PRO D 164 -1.00 -29.24 32.76
CA PRO D 164 -1.19 -29.99 34.00
C PRO D 164 -1.29 -31.49 33.86
N VAL D 165 -1.02 -32.02 32.67
CA VAL D 165 -1.22 -33.47 32.50
C VAL D 165 -0.12 -34.08 31.69
N GLY D 166 0.66 -34.97 32.30
CA GLY D 166 1.75 -35.61 31.55
C GLY D 166 1.19 -36.46 30.43
N ARG D 167 2.07 -36.88 29.53
CA ARG D 167 1.66 -37.66 28.39
C ARG D 167 1.63 -39.14 28.75
N ASN D 168 1.85 -39.99 27.74
CA ASN D 168 1.72 -41.41 27.94
C ASN D 168 2.73 -42.26 27.17
N VAL D 169 3.85 -42.54 27.84
CA VAL D 169 5.02 -43.13 27.19
C VAL D 169 4.62 -44.32 26.34
N ASP D 170 3.61 -45.06 26.81
CA ASP D 170 3.22 -46.34 26.22
C ASP D 170 2.60 -46.11 24.88
N GLU D 171 1.63 -45.20 24.89
CA GLU D 171 1.01 -44.55 23.74
C GLU D 171 2.03 -44.00 22.75
N ALA D 172 3.01 -43.25 23.26
CA ALA D 172 4.06 -42.76 22.38
C ALA D 172 4.70 -43.96 21.68
N LEU D 173 5.05 -44.97 22.47
CA LEU D 173 5.71 -46.18 21.94
C LEU D 173 4.79 -46.82 20.90
N ARG D 174 3.51 -46.88 21.24
CA ARG D 174 2.51 -47.56 20.44
C ARG D 174 2.56 -46.91 19.07
N LEU D 175 2.43 -45.58 19.11
CA LEU D 175 2.36 -44.78 17.94
C LEU D 175 3.62 -45.02 17.15
N VAL D 176 4.79 -45.01 17.79
CA VAL D 176 6.04 -45.21 17.03
C VAL D 176 5.97 -46.53 16.34
N GLU D 177 5.50 -47.55 17.05
CA GLU D 177 5.45 -48.84 16.43
C GLU D 177 4.44 -48.83 15.32
N ALA D 178 3.36 -48.07 15.50
CA ALA D 178 2.27 -48.13 14.52
C ALA D 178 2.78 -47.62 13.18
N PHE D 179 3.39 -46.46 13.23
CA PHE D 179 3.97 -45.88 12.06
C PHE D 179 5.19 -46.58 11.54
N GLN D 180 5.89 -47.29 12.41
CA GLN D 180 6.96 -48.13 11.90
C GLN D 180 6.36 -49.22 11.02
N TRP D 181 5.13 -49.63 11.36
CA TRP D 181 4.45 -50.77 10.74
C TRP D 181 3.87 -50.37 9.40
N THR D 182 2.86 -49.50 9.47
CA THR D 182 2.47 -48.64 8.36
C THR D 182 3.56 -48.39 7.28
N ASP D 183 4.68 -47.78 7.68
CA ASP D 183 5.83 -47.55 6.79
C ASP D 183 6.32 -48.87 6.17
N LYS D 184 6.61 -49.85 7.03
CA LYS D 184 7.09 -51.15 6.60
C LYS D 184 6.08 -51.79 5.60
N ASN D 185 4.88 -52.05 6.09
CA ASN D 185 3.90 -52.89 5.46
C ASN D 185 2.90 -52.20 4.56
N GLY D 186 2.58 -50.95 4.81
CA GLY D 186 1.54 -50.32 4.01
C GLY D 186 0.16 -50.95 4.20
N THR D 187 -0.05 -51.61 5.34
CA THR D 187 -1.42 -51.81 5.79
C THR D 187 -1.69 -50.68 6.77
N VAL D 188 -2.94 -50.53 7.16
CA VAL D 188 -3.30 -49.45 8.05
C VAL D 188 -3.75 -49.99 9.39
N LEU D 189 -3.56 -49.21 10.45
CA LEU D 189 -3.82 -49.76 11.79
C LEU D 189 -5.12 -49.33 12.42
N PRO D 190 -5.91 -50.31 12.83
CA PRO D 190 -7.16 -49.97 13.47
C PRO D 190 -6.92 -49.20 14.75
N CYS D 191 -8.00 -48.64 15.27
CA CYS D 191 -8.09 -48.12 16.62
C CYS D 191 -7.46 -49.05 17.67
N ASN D 192 -6.67 -48.48 18.58
CA ASN D 192 -6.06 -49.25 19.67
C ASN D 192 -5.09 -50.30 19.23
N TRP D 193 -4.78 -50.35 17.94
CA TRP D 193 -3.83 -51.34 17.47
C TRP D 193 -2.59 -51.41 18.37
N THR D 194 -2.06 -52.62 18.56
CA THR D 194 -0.72 -52.79 19.14
C THR D 194 0.04 -53.87 18.33
N PRO D 195 1.39 -53.88 18.39
CA PRO D 195 2.08 -54.96 17.66
C PRO D 195 1.41 -56.30 17.89
N GLY D 196 1.13 -57.02 16.80
CA GLY D 196 0.41 -58.28 16.89
C GLY D 196 -1.08 -58.20 16.59
N ALA D 197 -1.72 -57.09 16.99
CA ALA D 197 -3.16 -56.90 16.73
C ALA D 197 -3.49 -56.89 15.23
N ALA D 198 -4.71 -57.30 14.89
CA ALA D 198 -5.21 -57.24 13.50
C ALA D 198 -4.96 -55.88 12.83
N THR D 199 -4.77 -55.96 11.53
CA THR D 199 -4.24 -54.88 10.72
C THR D 199 -5.26 -54.68 9.57
N ILE D 200 -5.25 -53.55 8.87
CA ILE D 200 -6.18 -53.44 7.73
C ILE D 200 -5.47 -53.29 6.36
N LYS D 201 -5.90 -54.10 5.38
CA LYS D 201 -5.54 -53.85 3.97
C LYS D 201 -6.43 -52.72 3.36
N PRO D 202 -5.82 -51.60 2.96
CA PRO D 202 -6.61 -50.39 2.69
C PRO D 202 -7.07 -50.26 1.24
N THR D 203 -7.95 -51.16 0.82
CA THR D 203 -8.67 -51.08 -0.45
C THR D 203 -10.06 -51.58 -0.15
N VAL D 204 -11.04 -51.20 -0.96
CA VAL D 204 -12.42 -51.56 -0.64
C VAL D 204 -12.58 -53.06 -0.46
N GLU D 205 -11.91 -53.82 -1.33
CA GLU D 205 -12.11 -55.25 -1.44
C GLU D 205 -11.29 -56.05 -0.41
N ASP D 206 -10.05 -55.65 -0.18
CA ASP D 206 -9.22 -56.38 0.78
C ASP D 206 -9.60 -56.13 2.24
N SER D 207 -10.08 -54.93 2.57
CA SER D 207 -10.45 -54.56 3.94
C SER D 207 -11.60 -55.39 4.48
N LYS D 208 -12.37 -56.02 3.59
CA LYS D 208 -13.50 -56.87 3.98
C LYS D 208 -13.00 -57.93 4.94
N GLU D 209 -12.03 -58.72 4.49
CA GLU D 209 -11.52 -59.82 5.32
C GLU D 209 -11.34 -59.36 6.77
N TYR D 210 -10.79 -58.17 6.98
CA TYR D 210 -10.64 -57.59 8.32
C TYR D 210 -11.96 -57.36 9.05
N PHE D 211 -12.85 -56.58 8.44
CA PHE D 211 -14.11 -56.21 9.07
C PHE D 211 -14.92 -57.44 9.35
N GLU D 212 -14.84 -58.40 8.44
CA GLU D 212 -15.62 -59.60 8.52
C GLU D 212 -15.17 -60.30 9.80
N ALA D 213 -13.86 -60.37 10.01
CA ALA D 213 -13.23 -61.03 11.17
C ALA D 213 -13.41 -60.29 12.50
N ALA D 214 -13.44 -58.97 12.46
CA ALA D 214 -13.60 -58.15 13.65
C ALA D 214 -15.06 -57.99 14.08
N ASN D 215 -15.95 -58.52 13.24
CA ASN D 215 -17.36 -58.08 13.12
C ASN D 215 -17.50 -56.58 12.75
N VAL E 22 13.22 0.99 22.18
CA VAL E 22 13.44 0.12 23.37
C VAL E 22 13.33 0.95 24.65
N ALA E 23 14.24 0.68 25.61
CA ALA E 23 14.46 1.46 26.84
C ALA E 23 15.68 2.37 26.69
N GLN E 24 15.51 3.61 27.14
CA GLN E 24 16.53 4.63 26.96
C GLN E 24 16.59 5.67 28.07
N VAL E 25 17.81 6.13 28.30
CA VAL E 25 18.10 7.15 29.25
C VAL E 25 17.31 8.41 28.97
N GLN E 26 16.69 8.89 30.03
CA GLN E 26 15.66 9.95 30.05
C GLN E 26 14.32 9.63 29.38
N LYS E 27 14.12 8.41 28.93
CA LYS E 27 12.79 8.01 28.56
C LYS E 27 12.27 7.22 29.74
N GLN E 28 10.95 7.13 29.87
CA GLN E 28 10.40 6.33 30.94
C GLN E 28 11.01 4.94 30.82
N ALA E 29 11.14 4.28 31.96
CA ALA E 29 11.47 2.87 32.00
C ALA E 29 10.23 2.04 31.59
N PRO E 30 10.47 0.95 30.85
CA PRO E 30 9.40 0.04 30.50
C PRO E 30 8.89 -0.69 31.75
N THR E 31 7.59 -0.60 31.97
CA THR E 31 6.99 -1.17 33.14
C THR E 31 6.88 -2.67 32.92
N PHE E 32 6.53 -3.40 33.98
CA PHE E 32 6.38 -4.82 33.89
C PHE E 32 5.77 -5.32 35.18
N LYS E 33 5.13 -6.48 35.14
CA LYS E 33 4.95 -7.31 36.30
C LYS E 33 5.72 -8.58 35.95
N LYS E 34 6.67 -8.98 36.77
CA LYS E 34 7.38 -10.22 36.56
C LYS E 34 7.30 -11.08 37.78
N THR E 35 6.97 -12.36 37.64
CA THR E 35 7.20 -13.31 38.73
C THR E 35 8.69 -13.34 39.09
N ALA E 36 8.97 -13.40 40.39
CA ALA E 36 10.34 -13.32 40.87
C ALA E 36 10.51 -14.10 42.14
N VAL E 37 11.76 -14.47 42.42
CA VAL E 37 12.07 -15.05 43.71
C VAL E 37 12.36 -13.91 44.67
N VAL E 38 11.61 -13.89 45.77
CA VAL E 38 11.71 -12.88 46.78
C VAL E 38 11.75 -13.57 48.15
N ASP E 39 12.96 -13.83 48.62
CA ASP E 39 13.18 -14.58 49.87
C ASP E 39 12.55 -15.97 49.79
N GLY E 40 12.74 -16.63 48.66
CA GLY E 40 12.37 -18.04 48.52
C GLY E 40 11.00 -18.33 47.92
N VAL E 41 10.03 -17.47 48.16
CA VAL E 41 8.71 -17.73 47.61
C VAL E 41 8.55 -16.93 46.34
N PHE E 42 7.62 -17.29 45.49
CA PHE E 42 7.44 -16.49 44.30
C PHE E 42 6.74 -15.18 44.62
N ASP E 43 7.14 -14.13 43.90
CA ASP E 43 6.57 -12.81 44.11
C ASP E 43 6.42 -12.10 42.81
N GLU E 44 5.27 -11.47 42.66
CA GLU E 44 4.95 -10.64 41.51
C GLU E 44 5.61 -9.29 41.79
N VAL E 45 6.61 -8.96 40.98
CA VAL E 45 7.43 -7.75 41.17
C VAL E 45 7.28 -6.78 40.01
N SER E 46 7.00 -5.52 40.33
CA SER E 46 6.89 -4.46 39.32
C SER E 46 7.74 -3.24 39.66
N LEU E 47 7.83 -2.28 38.75
CA LEU E 47 8.60 -1.09 39.06
C LEU E 47 7.98 -0.34 40.21
N ASP E 48 6.67 -0.10 40.14
CA ASP E 48 5.95 0.59 41.23
C ASP E 48 5.88 -0.14 42.58
N LYS E 49 6.47 -1.33 42.69
CA LYS E 49 6.54 -2.05 43.96
C LYS E 49 7.54 -1.35 44.88
N TYR E 50 8.22 -0.34 44.35
CA TYR E 50 9.22 0.42 45.10
C TYR E 50 9.04 1.92 44.96
N LYS E 51 7.79 2.36 44.81
CA LYS E 51 7.49 3.76 44.50
C LYS E 51 8.31 4.70 45.41
N GLY E 52 9.00 5.65 44.79
CA GLY E 52 9.85 6.56 45.55
C GLY E 52 11.28 6.09 45.73
N LYS E 53 11.55 4.82 45.47
CA LYS E 53 12.94 4.35 45.51
C LYS E 53 13.58 4.39 44.11
N TYR E 54 14.92 4.46 44.06
CA TYR E 54 15.65 4.21 42.83
C TYR E 54 15.63 2.73 42.60
N VAL E 55 15.47 2.34 41.34
CA VAL E 55 15.61 0.94 41.01
C VAL E 55 16.88 0.69 40.18
N VAL E 56 17.54 -0.42 40.46
CA VAL E 56 18.68 -0.87 39.69
C VAL E 56 18.27 -2.23 39.12
N LEU E 57 17.69 -2.20 37.92
CA LEU E 57 17.38 -3.39 37.16
C LEU E 57 18.67 -3.89 36.57
N ALA E 58 19.01 -5.14 36.88
CA ALA E 58 20.22 -5.70 36.34
C ALA E 58 19.91 -7.01 35.69
N PHE E 59 20.36 -7.14 34.44
CA PHE E 59 20.06 -8.29 33.60
C PHE E 59 21.25 -9.22 33.52
N ILE E 60 21.13 -10.38 34.12
CA ILE E 60 22.11 -11.42 33.83
C ILE E 60 21.66 -12.34 32.69
N PRO E 61 22.63 -12.87 31.90
CA PRO E 61 22.42 -13.81 30.82
C PRO E 61 21.73 -15.06 31.31
N LEU E 62 22.41 -15.91 32.08
CA LEU E 62 21.82 -17.22 32.43
C LEU E 62 22.09 -17.73 33.81
N ALA E 63 21.05 -18.30 34.41
CA ALA E 63 21.16 -19.06 35.63
C ALA E 63 22.17 -20.23 35.50
N PHE E 64 22.72 -20.66 36.63
CA PHE E 64 23.73 -21.72 36.72
C PHE E 64 24.93 -21.49 35.84
N THR E 65 25.20 -20.22 35.52
CA THR E 65 26.43 -19.85 34.82
C THR E 65 27.53 -19.30 35.75
N PHE E 66 28.33 -18.37 35.24
CA PHE E 66 29.62 -18.10 35.85
C PHE E 66 29.81 -16.67 36.36
N VAL E 67 29.89 -15.71 35.46
CA VAL E 67 29.93 -14.30 35.87
C VAL E 67 28.64 -13.91 36.63
N SER E 68 27.49 -14.24 36.04
CA SER E 68 26.18 -13.88 36.54
C SER E 68 25.93 -14.14 38.03
N PRO E 69 26.22 -15.36 38.56
CA PRO E 69 26.03 -15.44 40.01
C PRO E 69 26.84 -14.39 40.77
N THR E 70 28.13 -14.26 40.47
CA THR E 70 28.99 -13.30 41.16
C THR E 70 28.37 -11.89 41.25
N GLU E 71 27.83 -11.40 40.14
CA GLU E 71 27.10 -10.12 40.12
C GLU E 71 25.99 -10.13 41.16
N ILE E 72 25.06 -11.07 41.04
CA ILE E 72 23.99 -11.21 42.02
C ILE E 72 24.59 -11.28 43.43
N ILE E 73 25.50 -12.21 43.67
CA ILE E 73 26.08 -12.35 44.99
C ILE E 73 26.66 -10.99 45.49
N ALA E 74 27.42 -10.30 44.64
CA ALA E 74 27.97 -8.98 44.97
C ALA E 74 26.88 -7.93 45.29
N PHE E 75 25.92 -7.79 44.40
CA PHE E 75 24.79 -6.92 44.65
C PHE E 75 23.91 -7.34 45.83
N SER E 76 23.97 -8.61 46.23
CA SER E 76 23.14 -9.06 47.35
C SER E 76 23.69 -8.46 48.65
N GLU E 77 24.97 -8.75 48.94
CA GLU E 77 25.68 -8.21 50.11
C GLU E 77 25.67 -6.69 50.07
N ALA E 78 25.53 -6.13 48.87
CA ALA E 78 25.50 -4.69 48.73
C ALA E 78 24.09 -4.11 48.91
N ALA E 79 23.07 -4.98 48.98
CA ALA E 79 21.67 -4.54 49.05
C ALA E 79 21.43 -3.52 50.17
N LYS E 80 22.04 -3.81 51.33
CA LYS E 80 22.08 -2.90 52.47
C LYS E 80 22.48 -1.49 52.00
N LYS E 81 23.66 -1.34 51.37
CA LYS E 81 24.05 -0.03 50.84
C LYS E 81 22.96 0.58 49.94
N PHE E 82 22.36 -0.21 49.06
CA PHE E 82 21.42 0.36 48.11
C PHE E 82 20.17 0.83 48.81
N GLU E 83 19.73 0.08 49.82
CA GLU E 83 18.55 0.46 50.61
C GLU E 83 18.80 1.85 51.21
N GLU E 84 20.06 2.07 51.62
CA GLU E 84 20.51 3.35 52.19
C GLU E 84 20.46 4.52 51.20
N GLN E 85 21.03 4.35 50.02
CA GLN E 85 20.98 5.40 49.03
C GLN E 85 19.63 5.43 48.29
N GLY E 86 18.66 4.72 48.87
CA GLY E 86 17.26 4.75 48.41
C GLY E 86 17.01 3.91 47.18
N ALA E 87 17.74 2.79 47.05
CA ALA E 87 17.66 1.92 45.87
C ALA E 87 17.13 0.53 46.18
N GLN E 88 16.26 0.03 45.32
CA GLN E 88 15.93 -1.39 45.31
C GLN E 88 16.72 -1.95 44.15
N VAL E 89 17.58 -2.92 44.44
CA VAL E 89 18.28 -3.58 43.36
C VAL E 89 17.52 -4.83 43.00
N LEU E 90 17.32 -4.97 41.69
CA LEU E 90 16.56 -6.04 41.08
C LEU E 90 17.42 -6.76 40.06
N PHE E 91 17.39 -8.09 40.09
CA PHE E 91 18.06 -8.84 39.04
C PHE E 91 17.10 -9.63 38.20
N ALA E 92 17.44 -9.79 36.93
CA ALA E 92 16.59 -10.51 35.99
C ALA E 92 17.32 -11.34 34.96
N SER E 93 16.65 -12.40 34.55
CA SER E 93 17.11 -13.24 33.46
C SER E 93 15.90 -13.76 32.68
N THR E 94 16.17 -14.34 31.52
CA THR E 94 15.16 -15.12 30.79
C THR E 94 14.74 -16.47 31.47
N ASP E 95 15.49 -16.87 32.52
CA ASP E 95 15.26 -18.10 33.26
C ASP E 95 13.99 -18.10 34.09
N SER E 96 13.40 -19.27 34.32
CA SER E 96 12.11 -19.37 35.03
C SER E 96 12.19 -19.04 36.51
N GLU E 97 11.03 -18.76 37.09
CA GLU E 97 10.89 -18.61 38.53
C GLU E 97 11.46 -19.82 39.22
N TYR E 98 11.29 -20.98 38.59
CA TYR E 98 11.77 -22.23 39.11
C TYR E 98 13.26 -22.43 38.97
N SER E 99 13.85 -21.89 37.90
CA SER E 99 15.28 -22.06 37.67
C SER E 99 16.08 -21.15 38.57
N LEU E 100 15.69 -19.87 38.59
CA LEU E 100 16.12 -18.95 39.60
C LEU E 100 15.90 -19.51 41.02
N LEU E 101 14.65 -19.81 41.40
CA LEU E 101 14.44 -20.32 42.76
C LEU E 101 15.43 -21.43 43.07
N ALA E 102 15.56 -22.38 42.16
CA ALA E 102 16.40 -23.54 42.39
C ALA E 102 17.89 -23.24 42.18
N TRP E 103 18.21 -22.02 41.80
CA TRP E 103 19.58 -21.59 41.72
C TRP E 103 20.00 -21.12 43.10
N THR E 104 19.06 -20.53 43.83
CA THR E 104 19.28 -20.12 45.22
C THR E 104 19.18 -21.25 46.24
N ASN E 105 18.79 -22.45 45.82
CA ASN E 105 18.81 -23.62 46.71
C ASN E 105 20.17 -24.26 46.66
N ILE E 106 20.98 -23.75 45.74
CA ILE E 106 22.31 -24.26 45.53
C ILE E 106 23.32 -23.35 46.18
N PRO E 107 24.02 -23.87 47.21
CA PRO E 107 25.06 -23.17 48.00
C PRO E 107 26.04 -22.46 47.10
N ARG E 108 26.57 -21.32 47.54
CA ARG E 108 27.50 -20.54 46.72
C ARG E 108 28.82 -21.25 46.45
N LYS E 109 29.19 -22.15 47.34
CA LYS E 109 30.37 -22.97 47.13
C LYS E 109 30.32 -23.65 45.76
N GLU E 110 29.11 -23.99 45.31
CA GLU E 110 28.95 -24.66 44.00
C GLU E 110 28.18 -23.85 42.93
N GLY E 111 28.73 -22.73 42.51
CA GLY E 111 28.15 -21.94 41.43
C GLY E 111 26.74 -21.43 41.65
N GLY E 112 26.21 -21.69 42.84
CA GLY E 112 24.84 -21.29 43.18
C GLY E 112 24.78 -19.90 43.75
N LEU E 113 23.60 -19.52 44.21
CA LEU E 113 23.44 -18.19 44.82
C LEU E 113 23.29 -18.22 46.33
N GLY E 114 22.88 -19.36 46.88
CA GLY E 114 22.64 -19.45 48.31
C GLY E 114 21.52 -18.48 48.60
N PRO E 115 21.28 -18.15 49.88
CA PRO E 115 20.20 -17.20 50.13
C PRO E 115 20.59 -15.81 49.64
N ILE E 116 19.64 -15.03 49.15
CA ILE E 116 19.98 -13.70 48.64
C ILE E 116 18.93 -12.63 48.98
N ASN E 117 19.35 -11.36 48.95
CA ASN E 117 18.49 -10.22 49.33
C ASN E 117 17.77 -9.59 48.15
N ILE E 118 18.34 -9.77 46.96
CA ILE E 118 17.85 -9.23 45.70
C ILE E 118 16.70 -10.05 45.14
N PRO E 119 15.60 -9.40 44.70
CA PRO E 119 14.64 -10.17 43.95
C PRO E 119 15.25 -10.69 42.65
N LEU E 120 14.92 -11.92 42.28
CA LEU E 120 15.33 -12.54 41.03
C LEU E 120 14.13 -12.66 40.09
N LEU E 121 14.19 -11.97 38.97
CA LEU E 121 13.04 -11.74 38.13
C LEU E 121 13.06 -12.66 36.93
N ALA E 122 12.08 -13.55 36.86
CA ALA E 122 11.94 -14.49 35.76
C ALA E 122 11.32 -13.80 34.55
N ASP E 123 12.12 -13.63 33.51
CA ASP E 123 11.63 -13.00 32.29
C ASP E 123 11.47 -14.09 31.26
N THR E 124 10.62 -15.07 31.58
CA THR E 124 10.49 -16.28 30.77
C THR E 124 10.07 -15.94 29.34
N ASN E 125 9.15 -14.99 29.20
CA ASN E 125 8.65 -14.67 27.90
C ASN E 125 9.52 -13.68 27.11
N HIS E 126 10.65 -13.28 27.70
CA HIS E 126 11.62 -12.35 27.05
C HIS E 126 11.20 -10.86 26.97
N SER E 127 10.01 -10.52 27.49
CA SER E 127 9.52 -9.14 27.32
C SER E 127 10.35 -8.10 28.09
N LEU E 128 10.86 -8.49 29.27
CA LEU E 128 11.74 -7.60 30.00
C LEU E 128 12.97 -7.39 29.17
N SER E 129 13.63 -8.47 28.78
CA SER E 129 14.91 -8.31 28.11
C SER E 129 14.78 -7.57 26.79
N ARG E 130 13.72 -7.90 26.05
CA ARG E 130 13.47 -7.33 24.75
C ARG E 130 13.22 -5.82 24.90
N ASP E 131 12.27 -5.48 25.78
CA ASP E 131 11.89 -4.11 26.13
C ASP E 131 13.08 -3.32 26.66
N TYR E 132 14.05 -4.00 27.24
CA TYR E 132 15.20 -3.29 27.78
C TYR E 132 16.42 -3.29 26.84
N GLY E 133 16.32 -4.02 25.72
CA GLY E 133 17.28 -3.86 24.63
C GLY E 133 18.50 -4.68 24.91
N VAL E 134 18.34 -5.61 25.83
CA VAL E 134 19.40 -6.47 26.23
C VAL E 134 19.13 -7.89 25.82
N LEU E 135 18.04 -8.13 25.12
CA LEU E 135 17.75 -9.48 24.65
C LEU E 135 18.58 -9.85 23.44
N ILE E 136 19.45 -10.83 23.58
CA ILE E 136 20.11 -11.27 22.37
C ILE E 136 19.23 -12.35 21.74
N GLU E 137 18.53 -11.91 20.69
CA GLU E 137 17.42 -12.68 20.12
C GLU E 137 17.84 -14.07 19.67
N GLU E 138 18.93 -14.12 18.91
CA GLU E 138 19.40 -15.39 18.36
C GLU E 138 19.76 -16.36 19.47
N GLU E 139 19.74 -15.89 20.72
CA GLU E 139 20.24 -16.69 21.83
C GLU E 139 19.29 -16.81 23.02
N GLY E 140 18.36 -15.88 23.15
CA GLY E 140 17.30 -16.03 24.16
C GLY E 140 17.79 -15.65 25.53
N VAL E 141 18.82 -14.83 25.56
CA VAL E 141 19.49 -14.47 26.77
C VAL E 141 19.71 -12.96 26.83
N ALA E 142 19.66 -12.40 28.03
CA ALA E 142 19.85 -10.97 28.20
C ALA E 142 21.34 -10.66 28.42
N LEU E 143 21.81 -9.61 27.75
CA LEU E 143 23.15 -9.07 27.97
C LEU E 143 23.27 -8.48 29.38
N ARG E 144 24.50 -8.19 29.84
CA ARG E 144 24.67 -7.62 31.17
C ARG E 144 24.19 -6.17 31.32
N GLY E 145 22.88 -6.01 31.23
CA GLY E 145 22.23 -4.71 31.22
C GLY E 145 21.80 -4.34 32.61
N LEU E 146 21.91 -3.08 32.92
CA LEU E 146 21.75 -2.57 34.25
C LEU E 146 21.29 -1.19 33.98
N PHE E 147 20.08 -0.92 34.45
CA PHE E 147 19.47 0.37 34.27
C PHE E 147 19.24 0.94 35.63
N ILE E 148 19.58 2.21 35.75
CA ILE E 148 19.16 2.92 36.95
C ILE E 148 17.98 3.80 36.57
N ILE E 149 16.95 3.66 37.40
CA ILE E 149 15.67 4.30 37.23
C ILE E 149 15.35 5.05 38.49
N ASP E 150 15.13 6.34 38.35
CA ASP E 150 14.72 7.19 39.46
C ASP E 150 13.25 6.95 39.84
N PRO E 151 12.86 7.45 41.00
CA PRO E 151 11.44 7.33 41.38
C PRO E 151 10.40 7.89 40.38
N LYS E 152 10.82 8.65 39.38
CA LYS E 152 9.85 9.18 38.40
C LYS E 152 9.69 8.23 37.20
N GLY E 153 10.31 7.06 37.32
CA GLY E 153 10.20 6.00 36.32
C GLY E 153 11.06 6.22 35.10
N VAL E 154 12.17 6.92 35.27
CA VAL E 154 12.99 7.47 34.17
C VAL E 154 14.35 6.82 34.18
N ILE E 155 14.71 6.12 33.11
CA ILE E 155 16.08 5.55 33.06
C ILE E 155 17.12 6.68 33.13
N ARG E 156 17.89 6.66 34.20
CA ARG E 156 18.99 7.61 34.41
C ARG E 156 20.33 7.16 33.82
N HIS E 157 20.54 5.85 33.84
CA HIS E 157 21.81 5.28 33.47
C HIS E 157 21.57 3.90 32.91
N ILE E 158 22.35 3.60 31.86
CA ILE E 158 22.42 2.29 31.29
C ILE E 158 23.88 1.86 31.27
N THR E 159 24.18 0.73 31.90
CA THR E 159 25.40 0.06 31.55
C THR E 159 25.01 -1.29 31.01
N ILE E 160 25.50 -1.58 29.82
CA ILE E 160 25.34 -2.87 29.19
C ILE E 160 26.72 -3.41 28.97
N ASN E 161 26.93 -4.60 29.54
CA ASN E 161 28.21 -5.29 29.44
C ASN E 161 27.98 -6.52 28.61
N ASP E 162 28.83 -6.72 27.59
CA ASP E 162 28.95 -8.03 26.94
C ASP E 162 29.21 -9.07 28.01
N LEU E 163 28.93 -10.33 27.67
CA LEU E 163 28.82 -11.40 28.63
C LEU E 163 30.08 -11.71 29.42
N PRO E 164 31.25 -11.76 28.76
CA PRO E 164 32.37 -12.33 29.47
C PRO E 164 32.87 -11.49 30.67
N VAL E 165 32.45 -10.24 30.76
CA VAL E 165 32.88 -9.48 31.92
C VAL E 165 31.77 -8.88 32.79
N GLY E 166 31.93 -9.06 34.09
CA GLY E 166 30.97 -8.58 35.04
C GLY E 166 31.08 -7.09 35.30
N ARG E 167 29.99 -6.58 35.88
CA ARG E 167 29.85 -5.17 36.22
C ARG E 167 30.49 -4.80 37.55
N ASN E 168 30.04 -3.69 38.12
CA ASN E 168 30.73 -3.06 39.22
C ASN E 168 29.68 -2.63 40.22
N VAL E 169 29.64 -3.30 41.39
CA VAL E 169 28.63 -2.96 42.39
C VAL E 169 28.83 -1.55 42.89
N ASP E 170 30.11 -1.19 43.08
CA ASP E 170 30.47 0.16 43.50
C ASP E 170 29.97 1.18 42.50
N GLU E 171 30.36 1.04 41.23
CA GLU E 171 29.91 1.96 40.21
C GLU E 171 28.39 2.02 40.13
N ALA E 172 27.71 0.91 40.38
CA ALA E 172 26.25 0.96 40.39
C ALA E 172 25.82 1.92 41.49
N LEU E 173 26.46 1.76 42.66
CA LEU E 173 26.18 2.55 43.87
C LEU E 173 26.48 4.02 43.66
N ARG E 174 27.72 4.32 43.26
CA ARG E 174 28.07 5.68 42.83
C ARG E 174 26.88 6.25 42.06
N LEU E 175 26.71 5.80 40.84
CA LEU E 175 25.64 6.25 40.01
C LEU E 175 24.26 6.31 40.73
N VAL E 176 24.04 5.58 41.82
CA VAL E 176 22.78 5.82 42.55
C VAL E 176 22.93 7.05 43.45
N GLU E 177 23.91 7.02 44.35
CA GLU E 177 24.25 8.18 45.16
C GLU E 177 24.37 9.41 44.26
N ALA E 178 24.89 9.20 43.05
CA ALA E 178 25.16 10.24 42.06
C ALA E 178 23.92 10.95 41.57
N PHE E 179 22.86 10.18 41.38
CA PHE E 179 21.65 10.71 40.78
C PHE E 179 20.70 11.19 41.84
N GLN E 180 20.79 10.54 42.99
CA GLN E 180 19.99 10.92 44.11
C GLN E 180 20.35 12.39 44.41
N TRP E 181 21.65 12.64 44.53
CA TRP E 181 22.20 13.98 44.74
C TRP E 181 21.63 15.03 43.79
N THR E 182 22.03 14.94 42.52
CA THR E 182 21.52 15.78 41.46
C THR E 182 19.98 15.94 41.50
N ASP E 183 19.26 14.83 41.69
CA ASP E 183 17.80 14.91 41.84
C ASP E 183 17.48 15.90 42.94
N LYS E 184 18.17 15.75 44.07
CA LYS E 184 17.97 16.54 45.30
C LYS E 184 18.53 17.96 45.26
N ASN E 185 19.78 18.09 44.82
CA ASN E 185 20.47 19.37 44.92
C ASN E 185 20.58 20.15 43.63
N GLY E 186 20.05 19.60 42.54
CA GLY E 186 20.07 20.26 41.22
C GLY E 186 21.44 20.73 40.73
N THR E 187 22.48 20.12 41.30
CA THR E 187 23.87 20.33 40.90
C THR E 187 24.32 19.12 40.09
N VAL E 188 25.35 19.29 39.27
CA VAL E 188 25.74 18.27 38.30
C VAL E 188 27.10 17.74 38.66
N LEU E 189 27.25 16.42 38.64
CA LEU E 189 28.39 15.74 39.25
C LEU E 189 29.54 15.50 38.31
N PRO E 190 30.75 15.80 38.74
CA PRO E 190 31.85 15.62 37.80
C PRO E 190 32.22 14.17 37.61
N CYS E 191 32.94 13.92 36.54
CA CYS E 191 33.62 12.68 36.31
C CYS E 191 34.21 12.18 37.63
N ASN E 192 33.99 10.90 37.93
CA ASN E 192 34.57 10.24 39.13
C ASN E 192 34.01 10.67 40.47
N TRP E 193 32.95 11.46 40.45
CA TRP E 193 32.35 11.97 41.68
C TRP E 193 31.94 10.85 42.62
N THR E 194 32.46 10.87 43.84
CA THR E 194 31.83 10.13 44.96
C THR E 194 31.27 11.13 45.97
N PRO E 195 30.52 10.65 46.99
CA PRO E 195 29.95 11.68 47.88
C PRO E 195 30.98 12.47 48.67
N GLY E 196 30.81 13.80 48.68
CA GLY E 196 31.77 14.73 49.27
C GLY E 196 32.99 14.95 48.40
N ALA E 197 32.90 14.62 47.12
CA ALA E 197 33.93 15.08 46.20
C ALA E 197 33.36 16.39 45.68
N ALA E 198 34.23 17.20 45.10
CA ALA E 198 33.82 18.43 44.47
C ALA E 198 32.56 18.21 43.59
N THR E 199 31.62 19.15 43.70
CA THR E 199 30.32 19.13 43.03
C THR E 199 30.24 20.38 42.07
N ILE E 200 29.20 20.50 41.22
CA ILE E 200 29.11 21.67 40.27
C ILE E 200 27.75 22.39 40.11
N LYS E 201 27.77 23.73 40.22
CA LYS E 201 26.61 24.57 39.93
C LYS E 201 26.49 24.79 38.41
N PRO E 202 25.46 24.18 37.78
CA PRO E 202 25.35 24.14 36.31
C PRO E 202 24.93 25.46 35.66
N THR E 203 25.63 26.54 36.01
CA THR E 203 25.45 27.85 35.39
C THR E 203 26.80 28.39 34.99
N VAL E 204 26.81 29.11 33.86
CA VAL E 204 28.05 29.66 33.30
C VAL E 204 28.79 30.49 34.34
N GLU E 205 28.02 31.22 35.17
CA GLU E 205 28.57 31.94 36.32
C GLU E 205 29.04 31.00 37.43
N ASP E 206 28.11 30.42 38.20
CA ASP E 206 28.41 29.67 39.44
C ASP E 206 29.32 28.42 39.26
N SER E 207 29.32 27.86 38.06
CA SER E 207 30.24 26.78 37.69
C SER E 207 31.71 27.19 37.74
N LYS E 208 31.96 28.50 37.62
CA LYS E 208 33.34 29.00 37.70
C LYS E 208 33.92 28.84 39.13
N GLU E 209 33.06 28.80 40.14
CA GLU E 209 33.52 28.60 41.52
C GLU E 209 34.08 27.19 41.62
N TYR E 210 33.63 26.31 40.73
CA TYR E 210 34.11 24.94 40.72
C TYR E 210 35.43 24.84 39.98
N PHE E 211 35.50 25.42 38.78
CA PHE E 211 36.69 25.25 37.96
C PHE E 211 37.91 25.93 38.55
N GLU E 212 37.69 27.01 39.32
CA GLU E 212 38.77 27.68 40.05
C GLU E 212 39.36 26.74 41.10
N ALA E 213 38.54 26.43 42.10
CA ALA E 213 38.89 25.48 43.15
C ALA E 213 39.50 24.15 42.63
N ALA E 214 39.16 23.77 41.40
CA ALA E 214 39.57 22.48 40.83
C ALA E 214 40.90 22.48 40.06
N ASN E 215 41.49 23.67 39.84
CA ASN E 215 42.67 23.80 38.93
C ASN E 215 43.75 24.80 39.37
N LYS E 216 44.89 24.28 39.85
CA LYS E 216 46.12 25.07 40.09
C LYS E 216 47.22 24.20 40.69
N VAL F 22 21.03 0.86 15.69
CA VAL F 22 22.11 1.74 16.24
C VAL F 22 23.18 0.79 16.80
N ALA F 23 24.06 1.34 17.66
CA ALA F 23 25.09 0.56 18.34
C ALA F 23 24.51 -0.32 19.44
N GLN F 24 24.76 -1.62 19.28
CA GLN F 24 24.41 -2.57 20.31
C GLN F 24 25.65 -3.35 20.72
N VAL F 25 25.72 -3.71 22.00
CA VAL F 25 26.81 -4.56 22.44
C VAL F 25 26.78 -5.86 21.64
N GLN F 26 27.98 -6.39 21.42
CA GLN F 26 28.28 -7.54 20.57
C GLN F 26 28.05 -7.39 19.06
N LYS F 27 27.68 -6.17 18.68
CA LYS F 27 27.50 -5.86 17.27
C LYS F 27 28.60 -4.94 16.76
N GLN F 28 28.77 -4.84 15.45
CA GLN F 28 29.82 -3.96 14.92
C GLN F 28 29.63 -2.49 15.34
N ALA F 29 30.68 -1.83 15.77
CA ALA F 29 30.50 -0.41 16.09
C ALA F 29 30.27 0.40 14.82
N PRO F 30 29.22 1.24 14.79
CA PRO F 30 28.99 2.15 13.67
C PRO F 30 30.29 2.84 13.29
N THR F 31 30.71 2.70 12.05
CA THR F 31 32.01 3.25 11.70
C THR F 31 31.79 4.69 11.34
N PHE F 32 32.88 5.46 11.31
CA PHE F 32 32.79 6.89 11.03
C PHE F 32 34.09 7.48 10.53
N LYS F 33 33.96 8.57 9.80
CA LYS F 33 35.07 9.50 9.55
C LYS F 33 34.61 10.84 10.14
N LYS F 34 35.41 11.40 11.05
CA LYS F 34 35.08 12.67 11.72
C LYS F 34 36.24 13.62 11.84
N THR F 35 35.99 14.87 11.44
CA THR F 35 36.93 15.95 11.72
C THR F 35 37.00 16.00 13.22
N ALA F 36 38.20 16.12 13.74
CA ALA F 36 38.39 16.14 15.16
C ALA F 36 39.62 16.92 15.44
N VAL F 37 39.67 17.47 16.65
CA VAL F 37 40.81 18.20 17.16
C VAL F 37 41.82 17.23 17.79
N VAL F 38 42.89 16.94 17.06
CA VAL F 38 43.95 16.05 17.53
C VAL F 38 45.24 16.83 17.67
N ASP F 39 45.86 16.76 18.84
CA ASP F 39 47.09 17.56 19.03
C ASP F 39 46.85 19.04 18.68
N GLY F 40 45.62 19.48 18.84
CA GLY F 40 45.30 20.88 18.71
C GLY F 40 45.19 21.34 17.27
N VAL F 41 44.98 20.40 16.38
CA VAL F 41 45.00 20.70 14.97
C VAL F 41 43.98 19.78 14.28
N PHE F 42 43.28 20.23 13.25
CA PHE F 42 42.20 19.37 12.76
C PHE F 42 42.74 18.13 12.11
N ASP F 43 42.29 16.99 12.60
CA ASP F 43 42.66 15.71 12.00
C ASP F 43 41.38 15.01 11.65
N GLU F 44 41.44 14.18 10.63
CA GLU F 44 40.34 13.27 10.35
C GLU F 44 40.55 11.94 11.13
N VAL F 45 39.46 11.45 11.74
CA VAL F 45 39.49 10.37 12.71
C VAL F 45 38.44 9.27 12.44
N SER F 46 38.85 8.01 12.34
CA SER F 46 37.92 6.90 12.25
C SER F 46 38.23 5.84 13.33
N LEU F 47 37.45 4.74 13.39
CA LEU F 47 37.94 3.56 14.12
C LEU F 47 39.22 3.00 13.48
N ASP F 48 39.25 2.86 12.15
CA ASP F 48 40.46 2.41 11.43
C ASP F 48 41.74 3.02 12.02
N LYS F 49 41.71 4.33 12.29
CA LYS F 49 42.89 5.08 12.79
C LYS F 49 43.66 4.32 13.90
N TYR F 50 42.94 3.58 14.72
CA TYR F 50 43.59 2.87 15.80
C TYR F 50 43.38 1.38 15.68
N LYS F 51 43.69 0.87 14.49
CA LYS F 51 43.69 -0.56 14.24
C LYS F 51 44.35 -1.30 15.43
N GLY F 52 43.77 -2.43 15.81
CA GLY F 52 44.34 -3.21 16.89
C GLY F 52 44.11 -2.62 18.27
N LYS F 53 43.68 -1.37 18.36
CA LYS F 53 43.51 -0.75 19.69
C LYS F 53 42.07 -0.95 20.10
N TYR F 54 41.84 -1.22 21.35
CA TYR F 54 40.51 -1.11 21.88
C TYR F 54 40.26 0.38 21.82
N VAL F 55 39.04 0.79 21.48
CA VAL F 55 38.74 2.23 21.61
C VAL F 55 37.62 2.55 22.60
N VAL F 56 37.77 3.69 23.29
CA VAL F 56 36.80 4.07 24.27
C VAL F 56 36.17 5.30 23.68
N LEU F 57 34.98 5.18 23.12
CA LEU F 57 34.43 6.37 22.49
C LEU F 57 33.41 6.99 23.40
N ALA F 58 33.66 8.26 23.74
CA ALA F 58 32.95 8.90 24.82
C ALA F 58 32.37 10.18 24.30
N PHE F 59 31.06 10.28 24.51
CA PHE F 59 30.20 11.31 24.02
C PHE F 59 29.92 12.23 25.15
N ILE F 60 29.97 13.52 24.87
CA ILE F 60 29.64 14.47 25.90
C ILE F 60 28.58 15.39 25.31
N PRO F 61 27.72 15.94 26.18
CA PRO F 61 26.62 16.77 25.68
C PRO F 61 27.09 17.95 24.86
N LEU F 62 27.90 18.82 25.43
CA LEU F 62 28.43 19.93 24.63
C LEU F 62 29.60 20.72 25.24
N ALA F 63 30.50 21.14 24.37
CA ALA F 63 31.55 22.13 24.67
C ALA F 63 31.10 23.30 25.56
N PHE F 64 32.06 23.81 26.36
CA PHE F 64 31.88 25.00 27.22
C PHE F 64 30.86 24.81 28.36
N THR F 65 30.66 23.56 28.80
CA THR F 65 29.77 23.31 29.95
C THR F 65 30.50 22.80 31.20
N PHE F 66 29.81 21.92 31.96
CA PHE F 66 30.20 21.67 33.34
C PHE F 66 30.73 20.27 33.67
N VAL F 67 29.90 19.23 33.55
CA VAL F 67 30.40 17.87 33.77
C VAL F 67 31.44 17.58 32.65
N SER F 68 31.02 17.82 31.41
CA SER F 68 31.83 17.46 30.25
C SER F 68 33.34 17.75 30.35
N PRO F 69 33.78 19.04 30.58
CA PRO F 69 35.25 19.26 30.71
C PRO F 69 35.89 18.28 31.72
N THR F 70 35.27 18.13 32.89
CA THR F 70 35.82 17.24 33.93
C THR F 70 36.04 15.84 33.36
N GLU F 71 35.12 15.40 32.49
CA GLU F 71 35.23 14.07 31.91
C GLU F 71 36.43 13.97 30.94
N ILE F 72 36.48 14.90 29.99
CA ILE F 72 37.55 14.87 28.99
C ILE F 72 38.87 15.11 29.67
N ILE F 73 38.84 15.92 30.75
CA ILE F 73 40.07 16.27 31.46
C ILE F 73 40.50 15.01 32.13
N ALA F 74 39.69 14.49 33.05
CA ALA F 74 39.94 13.14 33.59
C ALA F 74 40.50 12.19 32.52
N PHE F 75 39.84 12.08 31.37
CA PHE F 75 40.35 11.11 30.42
C PHE F 75 41.67 11.53 29.86
N SER F 76 41.79 12.81 29.51
CA SER F 76 43.05 13.34 29.01
C SER F 76 44.15 12.95 29.99
N GLU F 77 43.94 13.32 31.26
CA GLU F 77 44.83 12.89 32.33
C GLU F 77 45.17 11.41 32.21
N ALA F 78 44.17 10.53 32.05
CA ALA F 78 44.43 9.05 32.09
C ALA F 78 44.87 8.49 30.76
N ALA F 79 44.91 9.31 29.72
CA ALA F 79 45.22 8.81 28.38
C ALA F 79 46.28 7.69 28.43
N LYS F 80 47.42 7.93 29.12
CA LYS F 80 48.58 7.00 29.05
C LYS F 80 48.25 5.68 29.75
N LYS F 81 47.50 5.78 30.84
CA LYS F 81 46.92 4.60 31.44
C LYS F 81 46.02 3.88 30.38
N PHE F 82 45.16 4.56 29.64
CA PHE F 82 44.50 3.78 28.59
C PHE F 82 45.42 3.26 27.47
N GLU F 83 46.52 3.95 27.17
CA GLU F 83 47.42 3.54 26.09
C GLU F 83 48.06 2.23 26.52
N GLU F 84 48.53 2.22 27.76
CA GLU F 84 49.18 1.07 28.41
C GLU F 84 48.31 -0.18 28.34
N GLN F 85 46.99 -0.01 28.40
CA GLN F 85 46.05 -1.10 28.17
C GLN F 85 45.56 -1.21 26.72
N GLY F 86 46.31 -0.64 25.78
CA GLY F 86 46.01 -0.80 24.34
C GLY F 86 44.64 -0.25 23.97
N ALA F 87 44.36 0.94 24.49
CA ALA F 87 43.08 1.54 24.27
C ALA F 87 43.32 2.96 23.86
N GLN F 88 42.57 3.38 22.85
CA GLN F 88 42.56 4.77 22.45
C GLN F 88 41.32 5.39 23.06
N VAL F 89 41.49 6.55 23.71
CA VAL F 89 40.29 7.29 24.13
C VAL F 89 39.81 8.25 23.03
N LEU F 90 38.51 8.35 22.81
CA LEU F 90 38.07 9.35 21.83
C LEU F 90 36.93 10.08 22.43
N PHE F 91 36.92 11.38 22.30
CA PHE F 91 35.74 12.09 22.72
C PHE F 91 35.00 12.65 21.54
N ALA F 92 33.69 12.74 21.70
CA ALA F 92 32.88 13.33 20.68
C ALA F 92 31.79 14.14 21.32
N SER F 93 31.46 15.25 20.67
CA SER F 93 30.24 15.97 20.99
C SER F 93 29.71 16.41 19.65
N THR F 94 28.54 17.03 19.67
CA THR F 94 27.97 17.58 18.45
C THR F 94 28.51 18.99 18.13
N ASP F 95 29.30 19.56 19.05
CA ASP F 95 29.96 20.85 18.77
C ASP F 95 30.86 20.73 17.60
N SER F 96 31.05 21.83 16.88
CA SER F 96 31.92 21.81 15.68
C SER F 96 33.36 21.70 16.12
N GLU F 97 34.25 21.41 15.18
CA GLU F 97 35.66 21.31 15.52
C GLU F 97 36.21 22.63 15.99
N TYR F 98 35.82 23.69 15.28
CA TYR F 98 36.18 25.06 15.67
C TYR F 98 35.80 25.30 17.15
N SER F 99 34.63 24.81 17.50
CA SER F 99 34.11 25.04 18.79
C SER F 99 34.88 24.20 19.80
N LEU F 100 35.22 22.98 19.39
CA LEU F 100 35.96 22.07 20.24
C LEU F 100 37.37 22.64 20.39
N LEU F 101 37.96 23.01 19.26
CA LEU F 101 39.35 23.50 19.26
C LEU F 101 39.34 24.65 20.22
N ALA F 102 38.30 25.47 20.12
CA ALA F 102 38.22 26.72 20.88
C ALA F 102 38.21 26.41 22.35
N TRP F 103 37.31 25.51 22.75
CA TRP F 103 37.35 24.93 24.07
C TRP F 103 38.75 24.52 24.56
N THR F 104 39.60 23.91 23.72
CA THR F 104 40.92 23.58 24.23
C THR F 104 41.69 24.86 24.56
N ASN F 105 41.43 25.94 23.84
CA ASN F 105 42.20 27.16 24.08
C ASN F 105 41.98 27.90 25.43
N ILE F 106 40.83 27.68 26.05
CA ILE F 106 40.58 28.22 27.38
C ILE F 106 41.22 27.36 28.51
N PRO F 107 41.93 27.98 29.46
CA PRO F 107 42.47 27.29 30.64
C PRO F 107 41.42 26.54 31.43
N ARG F 108 41.84 25.51 32.13
CA ARG F 108 40.88 24.66 32.84
C ARG F 108 40.28 25.38 34.03
N LYS F 109 41.03 26.32 34.59
CA LYS F 109 40.54 27.05 35.77
C LYS F 109 39.31 27.82 35.37
N GLU F 110 39.17 28.01 34.06
CA GLU F 110 38.16 28.88 33.45
C GLU F 110 37.09 27.99 32.77
N GLY F 111 37.12 26.68 33.06
CA GLY F 111 36.23 25.69 32.42
C GLY F 111 36.68 25.22 31.03
N GLY F 112 37.86 25.67 30.59
CA GLY F 112 38.42 25.26 29.30
C GLY F 112 38.98 23.87 29.44
N LEU F 113 39.72 23.43 28.44
CA LEU F 113 40.25 22.07 28.45
C LEU F 113 41.73 22.09 28.66
N GLY F 114 42.32 23.25 28.40
CA GLY F 114 43.78 23.35 28.23
C GLY F 114 44.21 22.37 27.14
N PRO F 115 45.52 22.13 27.02
CA PRO F 115 45.93 20.96 26.22
C PRO F 115 45.24 19.64 26.71
N ILE F 116 44.81 18.81 25.75
CA ILE F 116 44.32 17.48 26.10
C ILE F 116 45.07 16.45 25.28
N ASN F 117 45.15 15.21 25.77
CA ASN F 117 45.93 14.15 25.06
C ASN F 117 45.08 13.29 24.14
N ILE F 118 43.77 13.57 24.11
CA ILE F 118 42.81 12.70 23.42
C ILE F 118 41.96 13.50 22.42
N PRO F 119 41.66 12.91 21.24
CA PRO F 119 41.01 13.65 20.15
C PRO F 119 39.57 14.00 20.50
N LEU F 120 39.00 14.92 19.75
CA LEU F 120 37.68 15.47 20.07
C LEU F 120 36.87 15.43 18.79
N LEU F 121 35.95 14.47 18.68
CA LEU F 121 35.29 14.24 17.41
C LEU F 121 34.17 15.25 17.34
N ALA F 122 34.20 16.09 16.33
CA ALA F 122 33.06 16.95 16.10
C ALA F 122 32.00 16.13 15.32
N ASP F 123 30.83 16.01 15.93
CA ASP F 123 29.73 15.36 15.30
C ASP F 123 28.76 16.47 14.97
N THR F 124 29.18 17.36 14.10
CA THR F 124 28.36 18.50 13.73
C THR F 124 27.12 18.02 12.98
N ASN F 125 27.23 17.01 12.12
CA ASN F 125 25.96 16.52 11.50
C ASN F 125 25.18 15.49 12.31
N HIS F 126 25.71 15.13 13.49
CA HIS F 126 24.89 14.38 14.44
C HIS F 126 24.86 12.90 14.08
N SER F 127 25.46 12.53 12.94
CA SER F 127 25.53 11.14 12.52
C SER F 127 26.13 10.33 13.64
N LEU F 128 27.28 10.71 14.15
CA LEU F 128 27.89 9.88 15.19
C LEU F 128 26.87 9.64 16.28
N SER F 129 26.54 10.71 17.00
CA SER F 129 25.62 10.63 18.12
C SER F 129 24.37 9.84 17.81
N ARG F 130 23.84 10.00 16.60
CA ARG F 130 22.64 9.28 16.19
C ARG F 130 23.00 7.81 16.10
N ASP F 131 24.02 7.53 15.28
CA ASP F 131 24.45 6.19 14.97
C ASP F 131 24.68 5.45 16.24
N TYR F 132 25.12 6.15 17.27
CA TYR F 132 25.52 5.51 18.51
C TYR F 132 24.42 5.39 19.56
N GLY F 133 23.23 5.83 19.18
CA GLY F 133 22.08 5.71 20.05
C GLY F 133 22.08 6.73 21.18
N VAL F 134 23.02 7.69 21.12
CA VAL F 134 23.09 8.70 22.20
C VAL F 134 22.54 10.10 21.89
N LEU F 135 22.12 10.34 20.67
CA LEU F 135 21.65 11.69 20.38
C LEU F 135 20.29 11.96 21.02
N ILE F 136 20.19 13.02 21.82
CA ILE F 136 18.88 13.55 22.22
C ILE F 136 18.31 14.30 21.02
N GLU F 137 17.43 13.67 20.24
CA GLU F 137 17.05 14.27 18.92
C GLU F 137 16.70 15.73 19.12
N GLU F 138 15.82 15.99 20.08
CA GLU F 138 15.32 17.34 20.35
C GLU F 138 16.36 18.34 20.91
N GLU F 139 17.40 17.87 21.58
CA GLU F 139 18.34 18.81 22.16
C GLU F 139 19.51 19.01 21.25
N GLY F 140 19.79 18.03 20.40
CA GLY F 140 20.84 18.09 19.36
C GLY F 140 22.22 17.83 19.92
N VAL F 141 22.20 17.06 20.99
CA VAL F 141 23.25 16.94 21.94
C VAL F 141 23.29 15.44 22.33
N ALA F 142 24.46 14.89 22.62
CA ALA F 142 24.58 13.47 23.02
C ALA F 142 24.41 13.31 24.52
N LEU F 143 23.79 12.20 24.93
CA LEU F 143 23.88 11.76 26.33
C LEU F 143 25.35 11.40 26.63
N ARG F 144 25.64 11.09 27.87
CA ARG F 144 27.01 10.76 28.22
C ARG F 144 27.27 9.31 27.89
N GLY F 145 27.46 9.06 26.61
CA GLY F 145 27.61 7.70 26.16
C GLY F 145 29.04 7.31 25.96
N LEU F 146 29.49 6.31 26.71
CA LEU F 146 30.84 5.79 26.51
C LEU F 146 30.71 4.39 25.98
N PHE F 147 31.62 4.00 25.08
CA PHE F 147 31.52 2.74 24.37
C PHE F 147 32.91 2.18 24.31
N ILE F 148 33.03 0.89 24.59
CA ILE F 148 34.33 0.23 24.49
C ILE F 148 34.21 -0.72 23.30
N ILE F 149 35.05 -0.49 22.31
CA ILE F 149 34.94 -1.17 21.05
C ILE F 149 36.22 -1.94 20.89
N ASP F 150 36.14 -3.14 20.36
CA ASP F 150 37.30 -4.01 20.35
C ASP F 150 38.01 -3.91 18.99
N PRO F 151 39.22 -4.47 18.88
CA PRO F 151 39.94 -4.41 17.61
C PRO F 151 39.13 -5.02 16.49
N LYS F 152 38.52 -6.17 16.72
CA LYS F 152 37.64 -6.81 15.74
C LYS F 152 36.48 -5.87 15.28
N GLY F 153 36.22 -4.79 16.05
CA GLY F 153 35.23 -3.74 15.69
C GLY F 153 33.94 -3.71 16.54
N VAL F 154 33.86 -4.66 17.47
CA VAL F 154 32.63 -4.99 18.15
C VAL F 154 32.44 -4.16 19.45
N ILE F 155 31.28 -3.52 19.62
CA ILE F 155 30.98 -2.83 20.89
C ILE F 155 30.92 -3.88 21.97
N ARG F 156 31.79 -3.79 23.00
CA ARG F 156 31.81 -4.78 24.09
C ARG F 156 31.24 -4.23 25.38
N HIS F 157 31.35 -2.94 25.59
CA HIS F 157 30.68 -2.27 26.72
C HIS F 157 29.88 -1.09 26.26
N ILE F 158 28.78 -0.80 26.96
CA ILE F 158 28.12 0.51 26.79
C ILE F 158 27.78 1.13 28.14
N THR F 159 28.17 2.38 28.29
CA THR F 159 27.69 3.19 29.39
C THR F 159 26.97 4.39 28.82
N ILE F 160 25.74 4.62 29.31
CA ILE F 160 25.10 5.86 29.01
C ILE F 160 24.70 6.55 30.29
N ASN F 161 25.32 7.69 30.56
CA ASN F 161 24.94 8.46 31.73
C ASN F 161 24.04 9.58 31.30
N ASP F 162 22.93 9.78 32.01
CA ASP F 162 22.17 11.03 31.86
C ASP F 162 23.14 12.23 31.96
N LEU F 163 22.68 13.42 31.60
CA LEU F 163 23.57 14.59 31.58
C LEU F 163 24.18 14.96 32.97
N PRO F 164 23.39 14.91 34.05
CA PRO F 164 23.79 15.45 35.35
C PRO F 164 24.95 14.73 36.02
N VAL F 165 25.32 13.55 35.53
CA VAL F 165 26.38 12.81 36.19
C VAL F 165 27.48 12.34 35.27
N GLY F 166 28.70 12.75 35.59
CA GLY F 166 29.87 12.33 34.83
C GLY F 166 30.13 10.86 35.04
N ARG F 167 30.87 10.25 34.12
CA ARG F 167 31.14 8.83 34.20
C ARG F 167 32.29 8.56 35.16
N ASN F 168 32.97 7.44 34.95
CA ASN F 168 34.04 6.93 35.82
C ASN F 168 35.25 6.49 34.98
N VAL F 169 36.32 7.29 34.99
CA VAL F 169 37.52 6.92 34.24
C VAL F 169 37.92 5.52 34.62
N ASP F 170 38.22 5.30 35.90
CA ASP F 170 38.70 4.00 36.37
C ASP F 170 37.85 2.87 35.85
N GLU F 171 36.55 3.14 35.78
CA GLU F 171 35.58 2.10 35.42
C GLU F 171 35.74 1.73 33.95
N ALA F 172 35.95 2.75 33.13
CA ALA F 172 36.19 2.50 31.74
C ALA F 172 37.53 1.74 31.62
N LEU F 173 38.53 2.16 32.40
CA LEU F 173 39.80 1.46 32.36
C LEU F 173 39.54 -0.03 32.70
N ARG F 174 38.95 -0.28 33.88
CA ARG F 174 38.58 -1.64 34.31
C ARG F 174 38.06 -2.43 33.14
N LEU F 175 37.05 -1.87 32.48
CA LEU F 175 36.35 -2.56 31.40
C LEU F 175 37.27 -2.78 30.20
N VAL F 176 38.08 -1.80 29.86
CA VAL F 176 38.99 -2.02 28.77
C VAL F 176 39.89 -3.14 29.19
N GLU F 177 40.39 -3.08 30.43
CA GLU F 177 41.29 -4.11 30.93
C GLU F 177 40.62 -5.48 30.96
N ALA F 178 39.33 -5.46 31.33
CA ALA F 178 38.53 -6.65 31.51
C ALA F 178 38.37 -7.41 30.21
N PHE F 179 37.98 -6.70 29.16
CA PHE F 179 37.85 -7.37 27.87
C PHE F 179 39.21 -7.59 27.25
N GLN F 180 40.15 -6.67 27.43
CA GLN F 180 41.48 -6.85 26.90
C GLN F 180 41.96 -8.25 27.37
N TRP F 181 41.52 -8.62 28.59
CA TRP F 181 41.86 -9.89 29.24
C TRP F 181 41.16 -11.05 28.55
N THR F 182 39.86 -11.18 28.84
CA THR F 182 38.99 -12.17 28.21
C THR F 182 39.21 -12.31 26.70
N ASP F 183 39.58 -11.25 26.00
CA ASP F 183 39.95 -11.44 24.62
C ASP F 183 41.12 -12.42 24.57
N LYS F 184 42.18 -12.13 25.35
CA LYS F 184 43.40 -12.93 25.27
C LYS F 184 43.41 -14.19 26.16
N ASN F 185 42.89 -14.09 27.38
CA ASN F 185 42.95 -15.24 28.32
C ASN F 185 41.71 -16.14 28.27
N GLY F 186 40.72 -15.74 27.46
CA GLY F 186 39.49 -16.51 27.22
C GLY F 186 38.77 -16.98 28.47
N THR F 187 39.07 -16.34 29.62
CA THR F 187 38.34 -16.67 30.85
C THR F 187 37.41 -15.53 31.14
N VAL F 188 36.89 -15.47 32.35
CA VAL F 188 35.66 -14.74 32.48
C VAL F 188 35.62 -13.95 33.78
N LEU F 189 35.19 -12.69 33.68
CA LEU F 189 35.50 -11.69 34.71
C LEU F 189 34.39 -11.42 35.70
N PRO F 190 34.60 -11.84 36.95
CA PRO F 190 33.63 -11.68 38.02
C PRO F 190 33.21 -10.23 38.19
N CYS F 191 32.06 -10.05 38.81
CA CYS F 191 31.62 -8.72 39.20
C CYS F 191 32.71 -8.08 40.05
N ASN F 192 33.01 -6.82 39.72
CA ASN F 192 34.07 -6.02 40.36
C ASN F 192 35.49 -6.43 40.08
N TRP F 193 35.67 -7.32 39.13
CA TRP F 193 37.00 -7.74 38.79
C TRP F 193 37.92 -6.53 38.52
N THR F 194 39.18 -6.67 38.94
CA THR F 194 40.25 -5.72 38.63
C THR F 194 41.47 -6.57 38.24
N PRO F 195 42.44 -6.00 37.48
CA PRO F 195 43.65 -6.81 37.21
C PRO F 195 44.11 -7.54 38.46
N GLY F 196 44.37 -8.84 38.29
CA GLY F 196 44.84 -9.67 39.43
C GLY F 196 43.79 -10.26 40.38
N ALA F 197 42.53 -9.85 40.27
CA ALA F 197 41.50 -10.56 41.02
C ALA F 197 41.20 -11.91 40.40
N ALA F 198 40.50 -12.75 41.15
CA ALA F 198 40.02 -14.05 40.67
C ALA F 198 39.23 -13.94 39.34
N THR F 199 39.56 -14.79 38.37
CA THR F 199 38.74 -14.97 37.16
C THR F 199 37.93 -16.28 37.23
N ILE F 200 37.08 -16.55 36.23
CA ILE F 200 36.30 -17.80 36.17
C ILE F 200 36.56 -18.53 34.85
N LYS F 201 36.92 -19.82 34.92
CA LYS F 201 36.96 -20.65 33.73
C LYS F 201 35.49 -21.00 33.38
N PRO F 202 34.97 -20.43 32.27
CA PRO F 202 33.53 -20.54 31.92
C PRO F 202 33.10 -21.91 31.42
N THR F 203 33.23 -22.95 32.23
CA THR F 203 32.65 -24.26 31.92
C THR F 203 32.03 -24.75 33.22
N VAL F 204 31.24 -25.82 33.17
CA VAL F 204 30.64 -26.27 34.42
C VAL F 204 31.73 -26.90 35.31
N GLU F 205 32.62 -27.69 34.68
CA GLU F 205 33.73 -28.35 35.38
C GLU F 205 34.72 -27.37 36.05
N ASP F 206 35.26 -26.43 35.26
CA ASP F 206 36.37 -25.59 35.71
C ASP F 206 35.96 -24.39 36.56
N SER F 207 34.74 -23.90 36.34
CA SER F 207 34.22 -22.82 37.16
C SER F 207 34.15 -23.16 38.63
N LYS F 208 34.02 -24.44 38.96
CA LYS F 208 33.89 -24.87 40.36
C LYS F 208 35.14 -24.46 41.17
N GLU F 209 36.30 -24.46 40.51
CA GLU F 209 37.51 -23.88 41.05
C GLU F 209 37.14 -22.55 41.68
N TYR F 210 36.88 -21.53 40.84
CA TYR F 210 36.53 -20.18 41.31
C TYR F 210 35.48 -20.14 42.40
N PHE F 211 34.37 -20.84 42.22
CA PHE F 211 33.26 -20.74 43.16
C PHE F 211 33.66 -21.19 44.54
N GLU F 212 34.40 -22.29 44.62
CA GLU F 212 34.88 -22.84 45.90
C GLU F 212 35.85 -21.90 46.59
N ALA F 213 36.90 -21.48 45.86
CA ALA F 213 37.85 -20.48 46.36
C ALA F 213 37.21 -19.15 46.80
N ALA F 214 36.09 -18.76 46.18
CA ALA F 214 35.46 -17.48 46.54
C ALA F 214 34.49 -17.57 47.73
N ASN F 215 34.43 -18.73 48.39
CA ASN F 215 33.40 -18.94 49.40
C ASN F 215 33.79 -19.91 50.53
N VAL G 22 11.72 24.92 3.43
CA VAL G 22 10.23 25.06 3.74
C VAL G 22 9.94 26.45 4.41
N ALA G 23 10.91 27.34 4.28
CA ALA G 23 10.73 28.74 4.53
C ALA G 23 10.76 29.40 3.16
N GLN G 24 9.60 29.89 2.73
CA GLN G 24 9.49 30.46 1.40
C GLN G 24 9.00 31.87 1.46
N VAL G 25 9.39 32.67 0.48
CA VAL G 25 8.98 34.05 0.48
C VAL G 25 7.50 34.06 0.25
N GLN G 26 6.82 34.98 0.91
CA GLN G 26 5.36 35.11 0.88
C GLN G 26 4.63 34.20 1.85
N LYS G 27 5.35 33.33 2.53
CA LYS G 27 4.71 32.45 3.51
C LYS G 27 5.18 32.79 4.89
N GLN G 28 4.55 32.10 5.83
CA GLN G 28 4.77 32.30 7.22
C GLN G 28 6.16 31.80 7.52
N ALA G 29 7.06 32.69 7.86
CA ALA G 29 8.34 32.22 8.35
C ALA G 29 8.02 31.24 9.45
N PRO G 30 8.74 30.11 9.48
CA PRO G 30 8.60 29.06 10.49
C PRO G 30 8.70 29.61 11.88
N THR G 31 7.76 29.26 12.74
CA THR G 31 7.91 29.70 14.11
C THR G 31 9.04 28.91 14.79
N PHE G 32 9.59 29.43 15.87
CA PHE G 32 10.64 28.73 16.57
C PHE G 32 10.71 29.28 17.95
N LYS G 33 11.32 28.53 18.86
CA LYS G 33 11.68 29.05 20.17
C LYS G 33 13.04 28.45 20.52
N LYS G 34 14.07 29.30 20.49
CA LYS G 34 15.47 28.89 20.68
C LYS G 34 16.10 29.62 21.83
N THR G 35 16.97 28.94 22.57
CA THR G 35 17.80 29.58 23.57
C THR G 35 18.81 30.44 22.82
N ALA G 36 19.03 31.66 23.28
CA ALA G 36 19.94 32.50 22.55
C ALA G 36 20.86 33.22 23.49
N VAL G 37 21.83 33.92 22.93
CA VAL G 37 22.61 34.84 23.71
C VAL G 37 22.13 36.26 23.44
N VAL G 38 21.34 36.79 24.39
CA VAL G 38 20.83 38.14 24.35
C VAL G 38 21.52 38.90 25.47
N ASP G 39 22.51 39.72 25.14
CA ASP G 39 23.15 40.54 26.15
C ASP G 39 23.81 39.71 27.25
N GLY G 40 24.74 38.85 26.81
CA GLY G 40 25.62 38.08 27.68
C GLY G 40 24.97 36.94 28.43
N VAL G 41 23.66 36.77 28.29
CA VAL G 41 22.98 35.70 28.99
C VAL G 41 22.03 34.93 28.09
N PHE G 42 21.68 33.72 28.52
CA PHE G 42 20.73 32.92 27.80
C PHE G 42 19.32 33.42 28.05
N ASP G 43 18.45 33.18 27.07
CA ASP G 43 17.13 33.78 26.99
C ASP G 43 16.43 33.17 25.78
N GLU G 44 15.18 32.77 25.95
CA GLU G 44 14.41 32.25 24.86
C GLU G 44 14.12 33.40 23.92
N VAL G 45 14.18 33.13 22.62
CA VAL G 45 13.69 34.08 21.65
C VAL G 45 12.81 33.36 20.68
N SER G 46 11.74 34.04 20.26
CA SER G 46 10.86 33.57 19.23
C SER G 46 10.53 34.78 18.38
N LEU G 47 10.06 34.56 17.15
CA LEU G 47 9.63 35.63 16.29
C LEU G 47 8.77 36.58 17.10
N ASP G 48 7.84 35.95 17.80
CA ASP G 48 6.90 36.56 18.72
C ASP G 48 7.45 37.49 19.83
N LYS G 49 8.73 37.42 20.14
CA LYS G 49 9.30 38.30 21.14
C LYS G 49 9.55 39.66 20.51
N TYR G 50 9.30 39.76 19.21
CA TYR G 50 9.57 40.97 18.46
C TYR G 50 8.34 41.30 17.65
N LYS G 51 7.20 41.16 18.32
CA LYS G 51 5.90 41.50 17.77
C LYS G 51 6.00 42.92 17.26
N GLY G 52 5.54 43.13 16.04
CA GLY G 52 5.57 44.47 15.47
C GLY G 52 6.83 44.78 14.68
N LYS G 53 7.97 44.24 15.11
CA LYS G 53 9.21 44.41 14.41
C LYS G 53 9.30 43.52 13.16
N TYR G 54 9.94 44.03 12.12
CA TYR G 54 10.45 43.19 11.07
C TYR G 54 11.58 42.46 11.74
N VAL G 55 11.74 41.19 11.42
CA VAL G 55 12.91 40.52 11.95
C VAL G 55 13.75 40.20 10.77
N VAL G 56 15.04 40.28 10.95
CA VAL G 56 15.92 39.76 9.94
C VAL G 56 16.66 38.63 10.63
N LEU G 57 16.33 37.42 10.19
CA LEU G 57 16.90 36.26 10.80
C LEU G 57 18.07 35.86 9.93
N ALA G 58 19.26 35.91 10.49
CA ALA G 58 20.44 35.59 9.70
C ALA G 58 21.19 34.41 10.30
N PHE G 59 21.31 33.34 9.53
CA PHE G 59 22.05 32.16 9.97
C PHE G 59 23.48 32.31 9.55
N ILE G 60 24.40 31.85 10.40
CA ILE G 60 25.78 31.64 9.98
C ILE G 60 26.10 30.16 10.03
N PRO G 61 27.18 29.74 9.36
CA PRO G 61 27.59 28.37 9.57
C PRO G 61 28.13 28.14 11.00
N LEU G 62 29.37 28.51 11.28
CA LEU G 62 29.96 28.12 12.55
C LEU G 62 30.49 29.24 13.42
N ALA G 63 30.25 29.11 14.71
CA ALA G 63 30.98 29.87 15.69
C ALA G 63 32.45 29.60 15.51
N PHE G 64 33.25 30.60 15.80
CA PHE G 64 34.71 30.51 15.81
C PHE G 64 35.40 30.49 14.47
N THR G 65 34.63 30.68 13.40
CA THR G 65 35.18 30.66 12.07
C THR G 65 35.58 32.05 11.57
N PHE G 66 35.38 32.36 10.30
CA PHE G 66 36.07 33.50 9.72
C PHE G 66 35.19 34.62 9.16
N VAL G 67 34.34 34.33 8.18
CA VAL G 67 33.41 35.36 7.67
C VAL G 67 32.20 35.48 8.57
N SER G 68 31.75 34.34 9.09
CA SER G 68 30.73 34.34 10.15
C SER G 68 30.93 35.50 11.16
N PRO G 69 32.08 35.59 11.80
CA PRO G 69 32.12 36.67 12.78
C PRO G 69 32.17 38.07 12.16
N THR G 70 32.26 38.21 10.85
CA THR G 70 32.31 39.56 10.30
C THR G 70 30.90 40.03 10.06
N GLU G 71 30.04 39.05 9.75
CA GLU G 71 28.60 39.26 9.56
C GLU G 71 27.86 39.63 10.85
N ILE G 72 28.02 38.81 11.88
CA ILE G 72 27.54 39.15 13.21
C ILE G 72 28.11 40.51 13.61
N ILE G 73 29.42 40.66 13.58
CA ILE G 73 29.98 41.92 14.01
C ILE G 73 29.39 43.08 13.21
N ALA G 74 29.38 42.95 11.89
CA ALA G 74 28.80 43.98 11.04
C ALA G 74 27.35 44.29 11.39
N PHE G 75 26.55 43.26 11.60
CA PHE G 75 25.14 43.53 11.85
C PHE G 75 24.93 44.12 13.22
N SER G 76 25.86 43.84 14.12
CA SER G 76 25.76 44.26 15.50
C SER G 76 26.03 45.75 15.63
N GLU G 77 26.97 46.26 14.84
CA GLU G 77 27.18 47.69 14.74
C GLU G 77 25.90 48.37 14.18
N ALA G 78 25.33 47.76 13.15
CA ALA G 78 24.14 48.26 12.49
C ALA G 78 22.85 48.03 13.27
N ALA G 79 22.91 47.31 14.39
CA ALA G 79 21.70 47.07 15.16
C ALA G 79 20.94 48.37 15.38
N LYS G 80 21.59 49.41 15.90
CA LYS G 80 20.86 50.66 16.17
C LYS G 80 20.16 51.11 14.89
N LYS G 81 20.88 51.12 13.77
CA LYS G 81 20.32 51.49 12.46
C LYS G 81 19.08 50.65 12.08
N PHE G 82 19.16 49.33 12.28
CA PHE G 82 18.05 48.40 12.04
C PHE G 82 16.92 48.58 13.03
N GLU G 83 17.28 48.82 14.29
CA GLU G 83 16.31 49.07 15.33
C GLU G 83 15.47 50.25 14.90
N GLU G 84 16.15 51.27 14.40
CA GLU G 84 15.52 52.48 13.92
C GLU G 84 14.61 52.28 12.73
N GLN G 85 14.65 51.12 12.11
CA GLN G 85 13.74 50.80 11.01
C GLN G 85 12.70 49.80 11.47
N GLY G 86 12.58 49.67 12.78
CA GLY G 86 11.72 48.66 13.35
C GLY G 86 12.08 47.26 12.83
N ALA G 87 13.37 46.96 12.83
CA ALA G 87 13.85 45.63 12.57
C ALA G 87 14.55 45.15 13.80
N GLN G 88 14.38 43.87 14.10
CA GLN G 88 15.24 43.20 15.05
C GLN G 88 16.01 42.22 14.25
N VAL G 89 17.31 42.21 14.52
CA VAL G 89 18.22 41.33 13.83
C VAL G 89 18.53 40.13 14.73
N LEU G 90 18.35 38.93 14.19
CA LEU G 90 18.65 37.71 14.92
C LEU G 90 19.67 36.90 14.14
N PHE G 91 20.78 36.56 14.79
CA PHE G 91 21.67 35.54 14.24
C PHE G 91 21.51 34.15 14.84
N ALA G 92 21.63 33.17 13.97
CA ALA G 92 21.47 31.76 14.33
C ALA G 92 22.60 30.93 13.75
N SER G 93 23.01 29.92 14.51
CA SER G 93 23.81 28.84 13.98
C SER G 93 23.48 27.58 14.75
N THR G 94 24.12 26.50 14.36
CA THR G 94 23.83 25.20 14.96
C THR G 94 24.83 24.89 16.08
N ASP G 95 25.48 25.93 16.60
CA ASP G 95 26.30 25.79 17.79
C ASP G 95 25.39 25.88 18.99
N SER G 96 25.82 25.31 20.13
CA SER G 96 25.06 25.41 21.36
C SER G 96 25.18 26.82 21.89
N GLU G 97 24.15 27.22 22.62
CA GLU G 97 24.12 28.49 23.30
C GLU G 97 25.44 28.77 24.00
N TYR G 98 26.11 27.74 24.48
CA TYR G 98 27.31 27.93 25.32
C TYR G 98 28.46 28.22 24.43
N SER G 99 28.44 27.65 23.25
CA SER G 99 29.50 27.87 22.27
C SER G 99 29.45 29.31 21.77
N LEU G 100 28.23 29.79 21.49
CA LEU G 100 27.98 31.17 21.09
C LEU G 100 28.35 32.17 22.19
N LEU G 101 27.94 31.85 23.40
CA LEU G 101 28.31 32.68 24.54
C LEU G 101 29.81 32.74 24.65
N ALA G 102 30.44 31.57 24.53
CA ALA G 102 31.88 31.46 24.60
C ALA G 102 32.52 32.35 23.56
N TRP G 103 31.94 32.34 22.36
CA TRP G 103 32.38 33.19 21.23
C TRP G 103 32.30 34.66 21.55
N THR G 104 31.22 35.03 22.21
CA THR G 104 31.04 36.36 22.72
C THR G 104 32.16 36.77 23.70
N ASN G 105 32.68 35.81 24.44
CA ASN G 105 33.70 36.07 25.47
C ASN G 105 35.14 36.16 24.98
N ILE G 106 35.33 35.96 23.69
CA ILE G 106 36.61 36.18 23.04
C ILE G 106 36.63 37.59 22.43
N PRO G 107 37.74 38.31 22.60
CA PRO G 107 37.87 39.61 21.94
C PRO G 107 37.93 39.44 20.43
N ARG G 108 37.36 40.38 19.69
CA ARG G 108 37.38 40.31 18.22
C ARG G 108 38.79 40.33 17.66
N LYS G 109 39.73 41.00 18.35
CA LYS G 109 41.15 40.96 17.95
C LYS G 109 41.56 39.59 17.44
N GLU G 110 41.02 38.53 18.08
CA GLU G 110 41.48 37.16 17.84
C GLU G 110 40.37 36.19 17.44
N GLY G 111 39.51 36.64 16.54
CA GLY G 111 38.50 35.79 15.94
C GLY G 111 37.17 35.88 16.63
N GLY G 112 37.14 36.64 17.72
CA GLY G 112 35.97 36.73 18.58
C GLY G 112 34.89 37.70 18.13
N LEU G 113 33.83 37.77 18.92
CA LEU G 113 32.70 38.66 18.68
C LEU G 113 32.70 39.81 19.66
N GLY G 114 33.42 39.62 20.77
CA GLY G 114 33.35 40.53 21.91
C GLY G 114 31.90 40.73 22.33
N PRO G 115 31.62 41.83 23.00
CA PRO G 115 30.22 42.15 23.25
C PRO G 115 29.49 42.38 21.94
N ILE G 116 28.29 41.84 21.78
CA ILE G 116 27.45 42.18 20.64
C ILE G 116 26.07 42.72 21.02
N ASN G 117 25.37 43.29 20.06
CA ASN G 117 24.09 43.94 20.30
C ASN G 117 22.89 43.08 19.92
N ILE G 118 23.15 42.03 19.14
CA ILE G 118 22.09 41.24 18.53
C ILE G 118 22.10 39.82 19.09
N PRO G 119 20.91 39.25 19.30
CA PRO G 119 20.82 37.91 19.83
C PRO G 119 21.53 36.87 18.95
N LEU G 120 22.02 35.81 19.57
CA LEU G 120 22.66 34.71 18.88
C LEU G 120 21.90 33.47 19.25
N LEU G 121 21.04 33.04 18.34
CA LEU G 121 20.23 31.85 18.50
C LEU G 121 20.98 30.54 18.30
N ALA G 122 21.00 29.74 19.37
CA ALA G 122 21.53 28.39 19.35
C ALA G 122 20.52 27.47 18.70
N ASP G 123 20.84 26.91 17.55
CA ASP G 123 19.97 25.94 16.88
C ASP G 123 20.60 24.57 17.04
N THR G 124 21.01 24.26 18.29
CA THR G 124 21.72 23.02 18.62
C THR G 124 21.14 21.74 18.00
N ASN G 125 19.83 21.72 17.78
CA ASN G 125 19.15 20.54 17.32
C ASN G 125 18.76 20.62 15.86
N HIS G 126 19.22 21.66 15.19
CA HIS G 126 18.99 21.92 13.75
C HIS G 126 17.57 22.17 13.27
N SER G 127 16.64 22.47 14.17
CA SER G 127 15.23 22.61 13.76
C SER G 127 15.06 23.90 12.99
N LEU G 128 15.72 24.96 13.48
CA LEU G 128 15.68 26.22 12.77
C LEU G 128 16.34 26.02 11.41
N SER G 129 17.63 25.73 11.40
CA SER G 129 18.33 25.51 10.16
C SER G 129 17.66 24.53 9.25
N ARG G 130 17.03 23.49 9.79
CA ARG G 130 16.28 22.60 8.89
C ARG G 130 15.08 23.36 8.27
N ASP G 131 14.24 23.90 9.16
CA ASP G 131 12.99 24.62 8.86
C ASP G 131 13.12 25.80 7.84
N TYR G 132 14.30 26.42 7.80
CA TYR G 132 14.49 27.57 6.94
C TYR G 132 15.20 27.24 5.66
N GLY G 133 15.52 25.96 5.46
CA GLY G 133 16.03 25.47 4.18
C GLY G 133 17.48 25.82 3.94
N VAL G 134 18.23 25.97 5.02
CA VAL G 134 19.55 26.52 4.90
C VAL G 134 20.55 25.58 5.50
N LEU G 135 20.07 24.40 5.90
CA LEU G 135 20.90 23.46 6.64
C LEU G 135 21.46 22.47 5.67
N ILE G 136 22.77 22.32 5.71
CA ILE G 136 23.48 21.38 4.90
C ILE G 136 23.49 20.12 5.73
N GLU G 137 22.58 19.20 5.41
CA GLU G 137 22.26 18.07 6.30
C GLU G 137 23.56 17.35 6.62
N GLU G 138 24.38 17.21 5.58
CA GLU G 138 25.66 16.53 5.58
C GLU G 138 26.65 17.12 6.55
N GLU G 139 26.46 18.40 6.84
CA GLU G 139 27.49 19.15 7.50
C GLU G 139 27.04 19.68 8.84
N GLY G 140 25.72 19.73 9.06
CA GLY G 140 25.16 20.19 10.34
C GLY G 140 25.38 21.68 10.60
N VAL G 141 25.75 22.39 9.54
CA VAL G 141 25.94 23.81 9.63
C VAL G 141 24.92 24.40 8.69
N ALA G 142 24.50 25.62 9.00
CA ALA G 142 23.59 26.34 8.16
C ALA G 142 24.40 27.17 7.19
N LEU G 143 23.92 27.19 5.95
CA LEU G 143 24.29 28.18 4.95
C LEU G 143 24.09 29.61 5.44
N ARG G 144 24.67 30.60 4.75
CA ARG G 144 24.44 32.01 5.09
C ARG G 144 23.09 32.49 4.56
N GLY G 145 22.03 32.03 5.21
CA GLY G 145 20.68 32.43 4.90
C GLY G 145 20.32 33.62 5.75
N LEU G 146 19.50 34.47 5.18
CA LEU G 146 19.00 35.66 5.84
C LEU G 146 17.58 35.80 5.36
N PHE G 147 16.69 35.97 6.32
CA PHE G 147 15.28 36.00 6.06
C PHE G 147 14.78 37.25 6.65
N ILE G 148 14.08 38.03 5.83
CA ILE G 148 13.41 39.21 6.32
C ILE G 148 11.95 38.86 6.54
N ILE G 149 11.56 38.89 7.81
CA ILE G 149 10.21 38.52 8.21
C ILE G 149 9.44 39.72 8.76
N ASP G 150 8.30 40.02 8.16
CA ASP G 150 7.48 41.16 8.58
C ASP G 150 6.63 40.94 9.82
N PRO G 151 5.96 42.00 10.32
CA PRO G 151 5.18 41.86 11.53
C PRO G 151 4.01 40.90 11.44
N LYS G 152 3.77 40.38 10.24
CA LYS G 152 2.69 39.44 9.97
C LYS G 152 3.30 38.03 9.96
N GLY G 153 4.58 37.98 10.33
CA GLY G 153 5.34 36.77 10.17
C GLY G 153 5.44 36.23 8.75
N VAL G 154 5.29 37.09 7.75
CA VAL G 154 5.51 36.70 6.37
C VAL G 154 6.96 36.99 5.96
N ILE G 155 7.58 36.02 5.29
CA ILE G 155 8.94 36.13 4.80
C ILE G 155 8.88 37.01 3.58
N ARG G 156 9.73 38.02 3.58
CA ARG G 156 9.65 39.00 2.53
C ARG G 156 10.81 38.94 1.60
N HIS G 157 11.91 38.50 2.14
CA HIS G 157 13.05 38.29 1.32
C HIS G 157 13.96 37.25 1.93
N ILE G 158 14.55 36.43 1.08
CA ILE G 158 15.52 35.46 1.48
C ILE G 158 16.80 35.80 0.75
N THR G 159 17.91 35.98 1.47
CA THR G 159 19.27 35.87 0.88
C THR G 159 19.90 34.57 1.35
N ILE G 160 20.34 33.76 0.42
CA ILE G 160 21.23 32.68 0.80
C ILE G 160 22.56 32.84 0.09
N ASN G 161 23.63 32.89 0.88
CA ASN G 161 24.97 32.91 0.37
C ASN G 161 25.59 31.56 0.67
N ASP G 162 26.34 31.03 -0.29
CA ASP G 162 27.22 29.91 0.00
C ASP G 162 28.30 30.32 1.03
N LEU G 163 28.90 29.32 1.67
CA LEU G 163 29.78 29.55 2.80
C LEU G 163 30.83 30.63 2.66
N PRO G 164 31.54 30.70 1.52
CA PRO G 164 32.76 31.52 1.43
C PRO G 164 32.61 33.06 1.20
N VAL G 165 31.38 33.53 1.06
CA VAL G 165 31.10 34.94 0.85
C VAL G 165 30.10 35.49 1.89
N GLY G 166 30.45 36.58 2.56
CA GLY G 166 29.55 37.17 3.52
C GLY G 166 28.52 38.01 2.79
N ARG G 167 27.39 38.25 3.47
CA ARG G 167 26.28 39.11 3.03
C ARG G 167 26.60 40.59 3.13
N ASN G 168 25.61 41.43 2.83
CA ASN G 168 25.74 42.89 2.89
C ASN G 168 24.79 43.51 3.94
N VAL G 169 25.34 44.06 5.03
CA VAL G 169 24.50 44.70 6.07
C VAL G 169 23.58 45.75 5.51
N ASP G 170 24.10 46.54 4.59
CA ASP G 170 23.37 47.62 3.98
C ASP G 170 22.15 47.12 3.23
N GLU G 171 22.26 45.98 2.55
CA GLU G 171 21.14 45.50 1.79
C GLU G 171 20.07 44.92 2.68
N ALA G 172 20.47 44.38 3.82
CA ALA G 172 19.50 43.90 4.79
C ALA G 172 18.71 45.12 5.19
N LEU G 173 19.39 46.21 5.52
CA LEU G 173 18.76 47.53 5.79
C LEU G 173 17.89 48.06 4.63
N ARG G 174 18.51 48.27 3.49
CA ARG G 174 17.83 48.67 2.27
C ARG G 174 16.48 47.94 2.10
N LEU G 175 16.51 46.61 2.22
CA LEU G 175 15.34 45.78 2.01
C LEU G 175 14.41 45.80 3.21
N VAL G 176 14.92 45.97 4.42
CA VAL G 176 13.99 46.19 5.51
C VAL G 176 13.23 47.47 5.18
N GLU G 177 13.99 48.54 4.96
CA GLU G 177 13.45 49.84 4.60
C GLU G 177 12.54 49.76 3.42
N ALA G 178 12.86 48.87 2.49
CA ALA G 178 12.05 48.68 1.31
C ALA G 178 10.70 48.12 1.68
N PHE G 179 10.68 46.98 2.36
CA PHE G 179 9.43 46.31 2.68
C PHE G 179 8.58 47.05 3.69
N GLN G 180 9.25 47.82 4.52
CA GLN G 180 8.56 48.66 5.46
C GLN G 180 7.79 49.69 4.64
N TRP G 181 8.49 50.29 3.66
CA TRP G 181 7.96 51.37 2.83
C TRP G 181 6.75 50.91 2.11
N THR G 182 6.88 49.79 1.42
CA THR G 182 5.81 49.29 0.60
C THR G 182 4.58 48.84 1.43
N ASP G 183 4.79 48.53 2.71
CA ASP G 183 3.73 48.14 3.62
C ASP G 183 2.92 49.35 4.01
N LYS G 184 3.62 50.39 4.44
CA LYS G 184 3.06 51.71 4.74
C LYS G 184 2.39 52.41 3.56
N ASN G 185 3.03 52.36 2.39
CA ASN G 185 2.70 53.29 1.30
C ASN G 185 2.03 52.66 0.10
N GLY G 186 2.14 51.34 -0.02
CA GLY G 186 1.53 50.65 -1.12
C GLY G 186 2.10 51.03 -2.47
N THR G 187 3.23 51.75 -2.49
CA THR G 187 3.96 51.95 -3.76
C THR G 187 5.07 50.91 -3.86
N VAL G 188 5.21 50.29 -5.01
CA VAL G 188 6.25 49.27 -5.22
C VAL G 188 7.61 49.89 -5.50
N LEU G 189 8.70 49.13 -5.41
CA LEU G 189 10.03 49.77 -5.39
C LEU G 189 11.00 49.32 -6.46
N PRO G 190 11.44 50.24 -7.30
CA PRO G 190 12.32 49.90 -8.38
C PRO G 190 13.62 49.34 -7.89
N CYS G 191 14.23 48.53 -8.73
CA CYS G 191 15.60 48.13 -8.58
C CYS G 191 16.50 49.23 -8.02
N ASN G 192 17.30 48.87 -7.02
CA ASN G 192 18.31 49.75 -6.40
C ASN G 192 17.76 50.82 -5.47
N TRP G 193 16.45 50.82 -5.29
CA TRP G 193 15.75 51.80 -4.48
C TRP G 193 16.36 51.86 -3.11
N THR G 194 16.63 53.08 -2.67
CA THR G 194 16.93 53.39 -1.28
C THR G 194 15.82 54.36 -0.92
N PRO G 195 15.67 54.71 0.35
CA PRO G 195 14.68 55.71 0.68
C PRO G 195 14.96 57.04 -0.01
N GLY G 196 13.94 57.57 -0.66
CA GLY G 196 14.03 58.85 -1.32
C GLY G 196 14.09 58.68 -2.82
N ALA G 197 14.42 57.47 -3.26
CA ALA G 197 14.49 57.16 -4.68
C ALA G 197 13.09 57.15 -5.23
N ALA G 198 12.99 57.25 -6.55
CA ALA G 198 11.71 57.23 -7.20
C ALA G 198 11.01 55.91 -6.88
N THR G 199 9.74 55.98 -6.51
CA THR G 199 8.95 54.80 -6.27
C THR G 199 8.03 54.63 -7.47
N ILE G 200 7.22 53.58 -7.47
CA ILE G 200 6.17 53.38 -8.47
C ILE G 200 4.82 53.09 -7.80
N LYS G 201 3.79 53.71 -8.33
CA LYS G 201 2.43 53.43 -7.98
C LYS G 201 1.97 52.26 -8.86
N PRO G 202 1.73 51.08 -8.26
CA PRO G 202 1.55 49.83 -9.00
C PRO G 202 0.23 49.65 -9.70
N THR G 203 -0.11 50.52 -10.66
CA THR G 203 -1.30 50.30 -11.51
C THR G 203 -0.92 50.72 -12.89
N VAL G 204 -1.58 50.19 -13.91
CA VAL G 204 -1.13 50.49 -15.27
C VAL G 204 -1.15 51.98 -15.51
N GLU G 205 -2.28 52.60 -15.21
CA GLU G 205 -2.47 54.02 -15.49
C GLU G 205 -1.51 54.91 -14.69
N ASP G 206 -1.26 54.55 -13.42
CA ASP G 206 -0.45 55.37 -12.50
C ASP G 206 1.06 55.17 -12.55
N SER G 207 1.50 54.05 -13.12
CA SER G 207 2.93 53.74 -13.16
C SER G 207 3.54 54.49 -14.32
N LYS G 208 2.69 55.03 -15.18
CA LYS G 208 3.18 55.85 -16.26
C LYS G 208 3.87 57.07 -15.62
N GLU G 209 3.33 57.56 -14.50
CA GLU G 209 3.97 58.62 -13.71
C GLU G 209 5.46 58.37 -13.69
N TYR G 210 5.82 57.17 -13.21
CA TYR G 210 7.21 56.78 -12.95
C TYR G 210 7.98 56.63 -14.23
N PHE G 211 7.39 55.92 -15.18
CA PHE G 211 8.10 55.61 -16.41
C PHE G 211 8.47 56.86 -17.22
N GLU G 212 7.57 57.84 -17.32
CA GLU G 212 7.88 59.09 -18.01
C GLU G 212 9.05 59.84 -17.35
N ALA G 213 9.07 59.86 -16.03
CA ALA G 213 10.07 60.63 -15.31
C ALA G 213 11.43 59.91 -15.26
N ALA G 214 11.39 58.59 -15.35
CA ALA G 214 12.58 57.77 -15.12
C ALA G 214 13.39 57.66 -16.39
N ASN G 215 12.72 57.93 -17.51
CA ASN G 215 13.28 57.84 -18.85
C ASN G 215 13.20 59.20 -19.56
N LYS G 216 13.94 60.19 -19.04
CA LYS G 216 13.99 61.56 -19.60
C LYS G 216 14.47 61.54 -21.05
N VAL H 22 14.60 21.14 -5.46
CA VAL H 22 14.50 22.53 -6.00
C VAL H 22 15.91 23.11 -6.25
N ALA H 23 15.97 24.32 -6.80
CA ALA H 23 17.19 25.10 -6.84
C ALA H 23 17.73 25.30 -5.42
N GLN H 24 19.01 25.01 -5.22
CA GLN H 24 19.51 25.02 -3.86
C GLN H 24 20.96 25.50 -3.80
N VAL H 25 21.29 26.39 -2.87
CA VAL H 25 22.71 26.78 -2.73
C VAL H 25 23.62 25.57 -2.44
N GLN H 26 24.82 25.62 -3.00
CA GLN H 26 25.76 24.50 -2.91
C GLN H 26 25.42 23.33 -3.86
N LYS H 27 24.28 23.42 -4.54
CA LYS H 27 23.83 22.35 -5.42
C LYS H 27 23.67 22.84 -6.84
N GLN H 28 23.79 21.91 -7.78
CA GLN H 28 23.71 22.15 -9.21
C GLN H 28 22.41 22.89 -9.57
N ALA H 29 22.48 23.85 -10.50
CA ALA H 29 21.28 24.61 -10.84
C ALA H 29 20.43 23.87 -11.84
N PRO H 30 19.14 23.78 -11.56
CA PRO H 30 18.29 23.10 -12.55
C PRO H 30 18.59 23.62 -13.95
N THR H 31 19.07 22.74 -14.80
CA THR H 31 19.36 23.12 -16.19
C THR H 31 18.05 23.29 -16.87
N PHE H 32 18.05 24.08 -17.93
CA PHE H 32 16.87 24.40 -18.65
C PHE H 32 17.32 24.51 -20.09
N LYS H 33 16.36 24.49 -21.00
CA LYS H 33 16.59 25.00 -22.34
C LYS H 33 15.36 25.81 -22.69
N LYS H 34 15.48 27.12 -22.67
CA LYS H 34 14.31 27.97 -22.83
C LYS H 34 14.54 28.87 -23.96
N THR H 35 13.43 29.35 -24.49
CA THR H 35 13.43 30.20 -25.63
C THR H 35 13.36 31.62 -25.15
N ALA H 36 14.03 32.49 -25.87
CA ALA H 36 14.34 33.74 -25.25
C ALA H 36 14.39 34.81 -26.28
N VAL H 37 14.01 35.99 -25.86
CA VAL H 37 14.23 37.15 -26.65
C VAL H 37 15.67 37.51 -26.37
N VAL H 38 16.51 37.39 -27.39
CA VAL H 38 17.88 37.81 -27.33
C VAL H 38 18.13 38.71 -28.53
N ASP H 39 18.39 40.00 -28.27
CA ASP H 39 18.69 40.95 -29.34
C ASP H 39 17.52 41.09 -30.34
N GLY H 40 16.31 40.99 -29.82
CA GLY H 40 15.14 41.29 -30.64
C GLY H 40 14.61 40.14 -31.45
N VAL H 41 15.31 39.00 -31.44
CA VAL H 41 14.86 37.78 -32.14
C VAL H 41 14.79 36.68 -31.10
N PHE H 42 14.17 35.55 -31.43
CA PHE H 42 14.09 34.45 -30.48
C PHE H 42 15.31 33.54 -30.59
N ASP H 43 15.65 32.89 -29.49
CA ASP H 43 16.89 32.14 -29.43
C ASP H 43 16.79 31.17 -28.27
N GLU H 44 17.26 29.93 -28.39
CA GLU H 44 17.25 29.09 -27.21
C GLU H 44 18.48 29.45 -26.37
N VAL H 45 18.23 29.73 -25.10
CA VAL H 45 19.33 29.89 -24.19
C VAL H 45 19.28 28.72 -23.22
N SER H 46 20.41 28.46 -22.58
CA SER H 46 20.55 27.40 -21.61
C SER H 46 21.84 27.67 -20.85
N LEU H 47 22.00 27.02 -19.69
CA LEU H 47 23.15 27.30 -18.88
C LEU H 47 24.41 27.13 -19.69
N ASP H 48 24.56 25.98 -20.37
CA ASP H 48 25.79 25.66 -21.13
C ASP H 48 26.14 26.61 -22.26
N LYS H 49 25.18 27.38 -22.75
CA LYS H 49 25.44 28.44 -23.74
C LYS H 49 26.44 29.46 -23.20
N TYR H 50 26.57 29.55 -21.88
CA TYR H 50 27.57 30.43 -21.28
C TYR H 50 28.65 29.61 -20.57
N LYS H 51 29.28 28.74 -21.36
CA LYS H 51 30.34 27.87 -20.84
C LYS H 51 31.35 28.82 -20.24
N GLY H 52 31.87 28.42 -19.07
CA GLY H 52 32.92 29.16 -18.37
C GLY H 52 32.47 30.46 -17.71
N LYS H 53 31.24 30.88 -17.99
CA LYS H 53 30.74 32.13 -17.46
C LYS H 53 29.95 31.86 -16.16
N TYR H 54 29.88 32.87 -15.29
CA TYR H 54 28.89 32.91 -14.23
C TYR H 54 27.59 33.31 -14.88
N VAL H 55 26.51 32.66 -14.53
CA VAL H 55 25.27 33.23 -14.96
C VAL H 55 24.51 33.71 -13.74
N VAL H 56 23.92 34.90 -13.87
CA VAL H 56 23.01 35.35 -12.84
C VAL H 56 21.68 35.25 -13.53
N LEU H 57 20.79 34.42 -12.95
CA LEU H 57 19.49 34.09 -13.53
C LEU H 57 18.56 34.85 -12.66
N ALA H 58 17.71 35.69 -13.25
CA ALA H 58 16.82 36.49 -12.43
C ALA H 58 15.42 36.34 -12.94
N PHE H 59 14.57 35.92 -12.05
CA PHE H 59 13.22 35.73 -12.42
C PHE H 59 12.50 37.02 -12.18
N ILE H 60 11.40 37.19 -12.89
CA ILE H 60 10.48 38.27 -12.59
C ILE H 60 9.03 37.80 -12.59
N PRO H 61 8.21 38.47 -11.79
CA PRO H 61 6.81 38.16 -11.73
C PRO H 61 6.16 38.34 -13.11
N LEU H 62 6.12 39.56 -13.65
CA LEU H 62 5.31 39.77 -14.88
C LEU H 62 5.92 40.72 -15.87
N ALA H 63 5.72 40.45 -17.15
CA ALA H 63 6.03 41.46 -18.13
C ALA H 63 4.94 42.50 -17.99
N PHE H 64 5.17 43.68 -18.56
CA PHE H 64 4.21 44.79 -18.60
C PHE H 64 3.74 45.26 -17.26
N THR H 65 4.60 45.17 -16.26
CA THR H 65 4.29 45.66 -14.92
C THR H 65 5.31 46.68 -14.51
N PHE H 66 5.72 46.68 -13.26
CA PHE H 66 6.24 47.91 -12.68
C PHE H 66 7.66 47.83 -12.16
N VAL H 67 7.93 47.11 -11.07
CA VAL H 67 9.33 47.02 -10.69
C VAL H 67 10.12 46.12 -11.66
N SER H 68 9.48 45.08 -12.15
CA SER H 68 10.11 44.20 -13.11
C SER H 68 10.92 44.92 -14.20
N PRO H 69 10.28 45.84 -14.96
CA PRO H 69 11.07 46.45 -16.00
C PRO H 69 12.21 47.22 -15.40
N THR H 70 11.97 47.91 -14.28
CA THR H 70 13.04 48.73 -13.74
C THR H 70 14.25 47.81 -13.43
N GLU H 71 13.96 46.57 -13.05
CA GLU H 71 15.02 45.58 -12.82
C GLU H 71 15.69 45.12 -14.11
N ILE H 72 14.88 44.65 -15.04
CA ILE H 72 15.45 44.32 -16.35
C ILE H 72 16.28 45.47 -16.95
N ILE H 73 15.81 46.70 -16.85
CA ILE H 73 16.55 47.78 -17.46
C ILE H 73 17.87 47.90 -16.72
N ALA H 74 17.80 48.08 -15.40
CA ALA H 74 19.00 48.25 -14.61
C ALA H 74 20.04 47.17 -14.92
N PHE H 75 19.68 45.89 -14.79
CA PHE H 75 20.63 44.83 -15.14
C PHE H 75 21.12 44.87 -16.58
N SER H 76 20.18 45.09 -17.52
CA SER H 76 20.59 45.30 -18.91
C SER H 76 21.64 46.40 -19.02
N GLU H 77 21.40 47.54 -18.38
N GLU H 77 21.41 47.54 -18.38
CA GLU H 77 22.35 48.65 -18.48
CA GLU H 77 22.36 48.63 -18.54
C GLU H 77 23.69 48.26 -17.87
C GLU H 77 23.65 48.37 -17.77
N ALA H 78 23.64 47.36 -16.89
CA ALA H 78 24.81 46.96 -16.14
C ALA H 78 25.57 45.89 -16.89
N ALA H 79 24.90 45.17 -17.78
CA ALA H 79 25.46 44.01 -18.47
C ALA H 79 26.99 44.04 -18.58
N LYS H 80 27.52 45.10 -19.19
CA LYS H 80 28.95 45.18 -19.42
C LYS H 80 29.73 44.96 -18.13
N LYS H 81 29.21 45.49 -17.02
CA LYS H 81 29.88 45.34 -15.74
C LYS H 81 29.81 43.89 -15.28
N PHE H 82 28.77 43.15 -15.68
CA PHE H 82 28.76 41.72 -15.43
C PHE H 82 29.67 40.97 -16.43
N GLU H 83 29.73 41.45 -17.68
CA GLU H 83 30.66 40.93 -18.70
C GLU H 83 32.08 40.98 -18.13
N GLU H 84 32.50 42.14 -17.63
CA GLU H 84 33.86 42.28 -17.14
C GLU H 84 34.13 41.35 -15.96
N GLN H 85 33.08 40.75 -15.40
CA GLN H 85 33.21 39.95 -14.16
C GLN H 85 32.94 38.48 -14.38
N GLY H 86 32.93 38.09 -15.65
CA GLY H 86 32.82 36.68 -16.02
C GLY H 86 31.40 36.22 -15.87
N ALA H 87 30.49 37.17 -15.83
CA ALA H 87 29.12 36.82 -15.57
C ALA H 87 28.27 37.17 -16.77
N GLN H 88 27.12 36.51 -16.84
CA GLN H 88 26.16 36.73 -17.86
C GLN H 88 24.84 36.75 -17.12
N VAL H 89 24.04 37.77 -17.43
CA VAL H 89 22.75 37.95 -16.78
C VAL H 89 21.65 37.39 -17.65
N LEU H 90 20.76 36.63 -17.00
CA LEU H 90 19.58 36.16 -17.67
C LEU H 90 18.45 36.57 -16.84
N PHE H 91 17.48 37.16 -17.50
CA PHE H 91 16.22 37.34 -16.87
C PHE H 91 15.26 36.32 -17.37
N ALA H 92 14.24 36.01 -16.59
CA ALA H 92 13.34 34.99 -17.01
C ALA H 92 12.02 35.37 -16.48
N SER H 93 11.00 34.92 -17.16
CA SER H 93 9.72 35.04 -16.55
C SER H 93 8.73 34.07 -17.10
N THR H 94 7.60 34.04 -16.45
CA THR H 94 6.56 33.14 -16.83
C THR H 94 5.89 33.54 -18.12
N ASP H 95 6.22 34.71 -18.65
CA ASP H 95 5.65 35.18 -19.89
C ASP H 95 6.18 34.44 -21.09
N SER H 96 5.33 34.25 -22.08
CA SER H 96 5.76 33.82 -23.41
C SER H 96 6.89 34.72 -23.94
N GLU H 97 7.67 34.19 -24.88
CA GLU H 97 8.67 34.99 -25.61
C GLU H 97 7.98 36.05 -26.47
N TYR H 98 6.75 35.78 -26.94
CA TYR H 98 5.97 36.82 -27.66
C TYR H 98 5.72 38.03 -26.78
N SER H 99 5.32 37.79 -25.53
CA SER H 99 5.14 38.92 -24.67
C SER H 99 6.49 39.55 -24.49
N LEU H 100 7.37 38.91 -23.76
CA LEU H 100 8.72 39.43 -23.59
C LEU H 100 9.14 40.28 -24.76
N LEU H 101 9.06 39.73 -25.98
CA LEU H 101 9.48 40.42 -27.22
C LEU H 101 8.70 41.73 -27.34
N ALA H 102 7.37 41.62 -27.43
CA ALA H 102 6.48 42.80 -27.37
C ALA H 102 7.02 43.81 -26.37
N TRP H 103 7.16 43.38 -25.13
CA TRP H 103 7.69 44.20 -24.05
C TRP H 103 8.87 45.05 -24.52
N THR H 104 9.92 44.35 -24.94
CA THR H 104 11.03 44.93 -25.66
C THR H 104 10.67 45.98 -26.73
N ASN H 105 9.54 45.85 -27.40
CA ASN H 105 9.19 46.83 -28.46
C ASN H 105 8.36 47.98 -27.92
N ILE H 106 8.44 48.24 -26.62
CA ILE H 106 7.77 49.41 -26.06
C ILE H 106 8.80 50.34 -25.50
N PRO H 107 8.58 51.66 -25.66
CA PRO H 107 9.60 52.53 -25.08
C PRO H 107 9.58 52.46 -23.55
N ARG H 108 10.75 52.64 -22.95
CA ARG H 108 10.85 52.61 -21.50
C ARG H 108 9.99 53.70 -20.88
N LYS H 109 9.81 54.79 -21.63
CA LYS H 109 9.02 55.92 -21.18
C LYS H 109 7.59 55.39 -20.97
N GLU H 110 7.19 54.41 -21.76
CA GLU H 110 5.84 53.88 -21.64
C GLU H 110 5.74 52.56 -20.85
N GLY H 111 6.80 52.19 -20.15
CA GLY H 111 6.80 51.01 -19.30
C GLY H 111 7.43 49.80 -19.97
N GLY H 112 7.93 50.00 -21.19
CA GLY H 112 8.61 48.93 -21.92
C GLY H 112 10.01 48.76 -21.40
N LEU H 113 10.68 47.78 -21.96
CA LEU H 113 12.11 47.69 -21.86
C LEU H 113 12.51 48.15 -23.24
N GLY H 114 13.66 48.79 -23.40
CA GLY H 114 13.91 49.32 -24.76
C GLY H 114 14.50 48.20 -25.58
N PRO H 115 15.38 48.54 -26.53
CA PRO H 115 16.42 47.52 -26.68
C PRO H 115 17.07 47.22 -25.29
N ILE H 116 17.67 46.03 -25.18
CA ILE H 116 17.97 45.36 -23.93
C ILE H 116 19.23 44.52 -24.21
N ASN H 117 20.21 44.52 -23.33
CA ASN H 117 21.47 43.75 -23.56
C ASN H 117 21.46 42.32 -22.99
N ILE H 118 20.32 41.90 -22.44
CA ILE H 118 20.27 40.61 -21.78
C ILE H 118 19.12 39.75 -22.23
N PRO H 119 19.31 38.41 -22.20
CA PRO H 119 18.27 37.51 -22.72
C PRO H 119 17.07 37.55 -21.84
N LEU H 120 15.86 37.38 -22.41
CA LEU H 120 14.68 37.22 -21.55
C LEU H 120 14.10 35.88 -21.80
N LEU H 121 14.15 35.01 -20.79
CA LEU H 121 13.65 33.66 -20.92
C LEU H 121 12.15 33.55 -20.75
N ALA H 122 11.49 33.03 -21.76
CA ALA H 122 10.06 32.69 -21.64
C ALA H 122 10.03 31.39 -20.90
N ASP H 123 9.32 31.34 -19.77
CA ASP H 123 9.18 30.09 -18.97
C ASP H 123 7.71 29.82 -18.98
N THR H 124 7.18 29.75 -20.19
CA THR H 124 5.77 29.86 -20.36
C THR H 124 5.12 28.57 -19.85
N ASN H 125 5.95 27.53 -19.62
CA ASN H 125 5.45 26.34 -18.93
C ASN H 125 5.91 26.17 -17.52
N HIS H 126 6.48 27.22 -16.93
CA HIS H 126 6.68 27.21 -15.49
C HIS H 126 7.80 26.29 -15.04
N SER H 127 8.37 25.54 -15.96
CA SER H 127 9.32 24.54 -15.53
C SER H 127 10.44 25.25 -14.78
N LEU H 128 10.93 26.36 -15.35
CA LEU H 128 12.08 27.06 -14.80
C LEU H 128 11.78 27.65 -13.44
N SER H 129 10.67 28.40 -13.34
CA SER H 129 10.23 28.92 -12.04
C SER H 129 10.00 27.79 -11.05
N ARG H 130 9.35 26.71 -11.47
CA ARG H 130 9.15 25.59 -10.60
C ARG H 130 10.48 25.03 -10.13
N ASP H 131 11.37 24.74 -11.08
CA ASP H 131 12.62 24.08 -10.76
C ASP H 131 13.44 24.97 -9.87
N TYR H 132 13.34 26.28 -10.07
CA TYR H 132 14.05 27.20 -9.24
C TYR H 132 13.36 27.57 -7.94
N GLY H 133 12.15 27.07 -7.77
CA GLY H 133 11.42 27.27 -6.52
C GLY H 133 10.99 28.70 -6.33
N VAL H 134 10.69 29.35 -7.43
CA VAL H 134 10.25 30.69 -7.37
C VAL H 134 8.87 30.81 -7.92
N LEU H 135 8.35 29.75 -8.50
CA LEU H 135 7.04 29.81 -9.07
C LEU H 135 6.13 30.04 -7.92
N ILE H 136 5.20 30.98 -8.05
CA ILE H 136 4.09 31.08 -7.12
C ILE H 136 2.91 30.30 -7.69
N GLU H 137 2.82 29.04 -7.32
CA GLU H 137 1.64 28.25 -7.64
C GLU H 137 0.40 29.06 -8.03
N GLU H 138 -0.29 29.67 -7.06
CA GLU H 138 -1.66 30.19 -7.28
C GLU H 138 -1.76 31.32 -8.31
N GLU H 139 -0.59 31.86 -8.68
CA GLU H 139 -0.47 33.06 -9.49
C GLU H 139 0.15 32.79 -10.83
N GLY H 140 1.11 31.89 -10.83
CA GLY H 140 1.81 31.53 -12.03
C GLY H 140 2.92 32.49 -12.39
N VAL H 141 3.56 33.12 -11.43
CA VAL H 141 4.60 34.08 -11.79
C VAL H 141 5.72 33.81 -10.84
N ALA H 142 6.93 34.14 -11.26
CA ALA H 142 8.04 33.88 -10.38
C ALA H 142 8.22 35.04 -9.40
N LEU H 143 8.58 34.70 -8.18
CA LEU H 143 9.00 35.68 -7.20
C LEU H 143 10.27 36.34 -7.73
N ARG H 144 10.71 37.43 -7.11
CA ARG H 144 11.91 38.07 -7.62
C ARG H 144 13.10 37.26 -7.22
N GLY H 145 13.32 36.14 -7.92
CA GLY H 145 14.37 35.22 -7.49
C GLY H 145 15.57 35.57 -8.33
N LEU H 146 16.77 35.55 -7.74
CA LEU H 146 18.00 35.80 -8.48
C LEU H 146 19.07 34.78 -8.11
N PHE H 147 19.55 34.04 -9.12
CA PHE H 147 20.44 32.95 -8.85
C PHE H 147 21.73 33.25 -9.49
N ILE H 148 22.78 33.17 -8.68
CA ILE H 148 24.11 33.32 -9.19
C ILE H 148 24.65 31.90 -9.23
N ILE H 149 24.84 31.43 -10.46
CA ILE H 149 25.25 30.08 -10.76
C ILE H 149 26.68 30.13 -11.31
N ASP H 150 27.59 29.34 -10.73
CA ASP H 150 28.99 29.38 -11.13
C ASP H 150 29.29 28.56 -12.43
N PRO H 151 30.51 28.69 -12.94
CA PRO H 151 30.77 28.05 -14.19
C PRO H 151 30.67 26.57 -14.04
N LYS H 152 30.72 26.08 -12.80
CA LYS H 152 30.63 24.63 -12.54
C LYS H 152 29.20 24.14 -12.51
N GLY H 153 28.27 25.03 -12.84
CA GLY H 153 26.83 24.81 -12.64
C GLY H 153 26.31 24.90 -11.20
N VAL H 154 27.19 25.23 -10.25
CA VAL H 154 26.78 25.32 -8.84
C VAL H 154 26.17 26.68 -8.49
N ILE H 155 24.98 26.64 -7.86
CA ILE H 155 24.30 27.81 -7.29
C ILE H 155 25.09 28.31 -6.10
N ARG H 156 25.79 29.42 -6.29
CA ARG H 156 26.58 30.04 -5.23
C ARG H 156 25.79 31.03 -4.36
N HIS H 157 24.67 31.56 -4.87
CA HIS H 157 23.88 32.54 -4.13
C HIS H 157 22.49 32.59 -4.68
N ILE H 158 21.53 32.69 -3.78
CA ILE H 158 20.14 32.92 -4.09
C ILE H 158 19.72 34.21 -3.44
N THR H 159 18.90 34.98 -4.13
CA THR H 159 18.27 36.14 -3.54
C THR H 159 16.83 35.92 -3.93
N ILE H 160 15.90 35.97 -2.99
CA ILE H 160 14.51 36.05 -3.42
C ILE H 160 13.79 37.18 -2.73
N ASN H 161 13.25 38.11 -3.52
CA ASN H 161 12.34 39.14 -3.02
C ASN H 161 10.86 38.84 -3.26
N ASP H 162 10.04 39.23 -2.29
CA ASP H 162 8.61 39.35 -2.50
C ASP H 162 8.43 40.33 -3.62
N LEU H 163 7.27 40.26 -4.26
CA LEU H 163 6.99 41.00 -5.48
C LEU H 163 7.17 42.56 -5.46
N PRO H 164 6.79 43.24 -4.36
CA PRO H 164 6.75 44.68 -4.48
C PRO H 164 8.12 45.38 -4.37
N VAL H 165 9.20 44.60 -4.22
CA VAL H 165 10.50 45.18 -3.97
C VAL H 165 11.58 44.68 -4.90
N GLY H 166 12.11 45.63 -5.68
CA GLY H 166 13.18 45.34 -6.63
C GLY H 166 14.46 44.91 -5.98
N ARG H 167 15.31 44.28 -6.78
CA ARG H 167 16.59 43.75 -6.33
C ARG H 167 17.63 44.86 -6.36
N ASN H 168 18.89 44.49 -6.53
CA ASN H 168 19.96 45.47 -6.40
C ASN H 168 21.10 45.10 -7.31
N VAL H 169 21.10 45.61 -8.54
CA VAL H 169 22.16 45.34 -9.51
C VAL H 169 23.55 45.25 -8.87
N ASP H 170 23.96 46.28 -8.14
CA ASP H 170 25.32 46.35 -7.64
C ASP H 170 25.64 45.20 -6.72
N GLU H 171 24.61 44.68 -6.06
CA GLU H 171 24.82 43.63 -5.08
C GLU H 171 24.91 42.30 -5.81
N ALA H 172 24.08 42.13 -6.85
CA ALA H 172 24.21 40.98 -7.75
C ALA H 172 25.66 40.97 -8.22
N LEU H 173 26.13 42.16 -8.59
CA LEU H 173 27.43 42.35 -9.20
C LEU H 173 28.45 42.02 -8.16
N ARG H 174 28.24 42.60 -7.00
CA ARG H 174 29.14 42.44 -5.88
C ARG H 174 29.31 40.97 -5.59
N LEU H 175 28.19 40.27 -5.46
CA LEU H 175 28.18 38.85 -5.20
C LEU H 175 28.94 38.05 -6.26
N VAL H 176 28.65 38.27 -7.55
CA VAL H 176 29.44 37.63 -8.60
C VAL H 176 30.92 37.83 -8.38
N GLU H 177 31.31 39.07 -8.08
CA GLU H 177 32.72 39.37 -7.89
C GLU H 177 33.16 38.56 -6.71
N ALA H 178 32.34 38.58 -5.66
CA ALA H 178 32.70 37.90 -4.43
C ALA H 178 32.99 36.44 -4.74
N PHE H 179 32.19 35.83 -5.59
CA PHE H 179 32.41 34.44 -5.92
C PHE H 179 33.53 34.23 -6.92
N GLN H 180 33.58 35.01 -7.99
CA GLN H 180 34.74 34.91 -8.85
C GLN H 180 35.95 34.94 -7.97
N TRP H 181 36.03 35.97 -7.14
CA TRP H 181 37.18 36.14 -6.26
C TRP H 181 37.39 34.89 -5.43
N THR H 182 36.34 34.42 -4.78
CA THR H 182 36.49 33.30 -3.89
C THR H 182 37.00 32.04 -4.60
N ASP H 183 36.43 31.75 -5.77
CA ASP H 183 36.75 30.58 -6.57
C ASP H 183 38.22 30.60 -6.94
N LYS H 184 38.70 31.78 -7.31
CA LYS H 184 40.05 31.95 -7.79
C LYS H 184 41.11 31.98 -6.69
N ASN H 185 40.74 32.36 -5.47
CA ASN H 185 41.71 32.66 -4.42
C ASN H 185 41.55 31.89 -3.13
N GLY H 186 40.42 31.22 -2.98
CA GLY H 186 40.23 30.37 -1.82
C GLY H 186 40.46 31.12 -0.52
N THR H 187 40.47 32.45 -0.59
CA THR H 187 40.23 33.23 0.61
C THR H 187 38.72 33.35 0.75
N VAL H 188 38.27 33.88 1.87
CA VAL H 188 36.85 33.91 2.15
C VAL H 188 36.45 35.38 2.38
N LEU H 189 35.24 35.77 1.97
CA LEU H 189 34.92 37.22 1.90
C LEU H 189 34.08 37.80 3.04
N PRO H 190 34.69 38.70 3.84
CA PRO H 190 33.99 39.20 5.01
C PRO H 190 32.64 39.77 4.61
N CYS H 191 31.73 39.89 5.58
CA CYS H 191 30.57 40.72 5.40
C CYS H 191 30.99 41.94 4.65
N ASN H 192 30.25 42.26 3.58
CA ASN H 192 30.37 43.55 2.92
C ASN H 192 31.54 43.77 2.00
N TRP H 193 32.45 42.80 1.91
CA TRP H 193 33.53 42.86 0.92
C TRP H 193 33.03 43.39 -0.43
N THR H 194 33.90 44.16 -1.04
CA THR H 194 33.74 44.65 -2.38
C THR H 194 35.15 44.52 -2.90
N PRO H 195 35.32 44.39 -4.23
CA PRO H 195 36.71 44.24 -4.63
C PRO H 195 37.58 45.25 -3.90
N GLY H 196 38.80 44.84 -3.57
CA GLY H 196 39.79 45.74 -2.93
C GLY H 196 39.70 45.79 -1.43
N ALA H 197 38.54 45.47 -0.88
CA ALA H 197 38.39 45.25 0.56
C ALA H 197 39.16 44.01 1.07
N ALA H 198 39.34 43.93 2.38
CA ALA H 198 40.18 42.89 2.95
C ALA H 198 39.52 41.55 2.83
N THR H 199 40.21 40.54 3.34
CA THR H 199 40.04 39.16 2.94
C THR H 199 40.65 38.20 3.98
N ILE H 200 39.98 37.09 4.21
CA ILE H 200 40.43 36.20 5.26
C ILE H 200 40.84 34.89 4.65
N LYS H 201 42.10 34.49 4.82
CA LYS H 201 42.49 33.13 4.48
C LYS H 201 41.89 32.24 5.57
N PRO H 202 40.97 31.36 5.17
CA PRO H 202 40.00 30.69 6.02
C PRO H 202 40.53 29.48 6.82
N THR H 203 41.46 29.73 7.74
CA THR H 203 42.06 28.70 8.59
C THR H 203 42.30 29.37 9.93
N VAL H 204 42.18 28.61 11.01
CA VAL H 204 42.39 29.19 12.35
C VAL H 204 43.69 29.98 12.46
N GLU H 205 44.81 29.39 12.02
CA GLU H 205 46.14 30.06 12.06
C GLU H 205 46.27 31.33 11.16
N ASP H 206 45.66 31.28 9.98
CA ASP H 206 45.86 32.31 8.99
C ASP H 206 44.87 33.45 9.10
N SER H 207 43.72 33.22 9.70
CA SER H 207 42.72 34.27 9.77
C SER H 207 43.10 35.36 10.76
N LYS H 208 43.86 34.99 11.79
CA LYS H 208 44.38 35.95 12.76
C LYS H 208 44.94 37.14 11.99
N GLU H 209 45.77 36.84 11.00
CA GLU H 209 46.29 37.80 10.03
C GLU H 209 45.33 38.94 9.76
N TYR H 210 44.09 38.56 9.45
CA TYR H 210 42.99 39.48 9.14
C TYR H 210 42.33 40.08 10.40
N PHE H 211 42.11 39.26 11.42
CA PHE H 211 41.40 39.67 12.63
C PHE H 211 42.17 40.67 13.47
N GLU H 212 43.48 40.66 13.28
CA GLU H 212 44.35 41.53 14.04
C GLU H 212 44.52 42.87 13.32
N ALA H 213 44.51 42.84 11.99
CA ALA H 213 44.46 44.07 11.25
C ALA H 213 43.09 44.78 11.43
N ALA H 214 42.01 44.00 11.58
CA ALA H 214 40.62 44.52 11.62
C ALA H 214 40.15 45.12 12.95
N ASN H 215 40.87 44.82 14.02
CA ASN H 215 40.46 45.24 15.36
C ASN H 215 41.62 45.85 16.15
N LYS H 216 41.27 46.75 17.06
CA LYS H 216 42.14 47.27 18.14
C LYS H 216 41.94 48.75 18.41
N VAL I 22 -11.48 16.94 -15.86
CA VAL I 22 -11.51 17.94 -16.98
C VAL I 22 -12.95 18.51 -17.30
N ALA I 23 -13.05 19.36 -18.32
CA ALA I 23 -14.32 19.86 -18.85
C ALA I 23 -14.87 18.84 -19.79
N GLN I 24 -16.11 18.45 -19.58
CA GLN I 24 -16.72 17.47 -20.45
C GLN I 24 -18.13 17.87 -20.84
N VAL I 25 -18.45 17.68 -22.11
CA VAL I 25 -19.81 17.87 -22.58
C VAL I 25 -20.78 17.09 -21.70
N GLN I 26 -21.94 17.69 -21.44
CA GLN I 26 -22.93 17.10 -20.53
C GLN I 26 -22.54 17.22 -19.05
N LYS I 27 -21.35 17.72 -18.76
CA LYS I 27 -20.94 17.92 -17.39
C LYS I 27 -20.80 19.41 -17.06
N GLN I 28 -20.93 19.75 -15.78
CA GLN I 28 -20.77 21.13 -15.30
C GLN I 28 -19.44 21.70 -15.76
N ALA I 29 -19.45 22.92 -16.24
CA ALA I 29 -18.20 23.57 -16.65
C ALA I 29 -17.33 23.85 -15.43
N PRO I 30 -16.06 23.43 -15.46
CA PRO I 30 -15.17 23.78 -14.40
C PRO I 30 -15.28 25.25 -14.03
N THR I 31 -15.27 25.46 -12.74
CA THR I 31 -15.55 26.73 -12.12
C THR I 31 -14.27 27.56 -12.02
N PHE I 32 -14.38 28.88 -12.19
CA PHE I 32 -13.20 29.71 -12.22
C PHE I 32 -13.50 31.13 -11.81
N LYS I 33 -12.50 31.80 -11.25
CA LYS I 33 -12.50 33.27 -11.11
C LYS I 33 -11.19 33.85 -11.62
N LYS I 34 -11.21 34.45 -12.79
CA LYS I 34 -9.98 34.95 -13.33
C LYS I 34 -9.99 36.45 -13.47
N THR I 35 -8.81 37.03 -13.33
CA THR I 35 -8.62 38.42 -13.66
C THR I 35 -8.65 38.51 -15.18
N ALA I 36 -9.31 39.55 -15.68
CA ALA I 36 -9.56 39.67 -17.10
C ALA I 36 -9.58 41.11 -17.51
N VAL I 37 -9.23 41.33 -18.76
CA VAL I 37 -9.33 42.63 -19.34
C VAL I 37 -10.72 42.81 -19.92
N VAL I 38 -11.53 43.63 -19.24
CA VAL I 38 -12.88 43.98 -19.65
C VAL I 38 -12.95 45.48 -19.88
N ASP I 39 -13.22 45.85 -21.11
CA ASP I 39 -13.36 47.26 -21.49
C ASP I 39 -12.12 48.05 -21.10
N GLY I 40 -10.97 47.40 -21.28
CA GLY I 40 -9.66 48.02 -21.10
C GLY I 40 -9.20 48.19 -19.67
N VAL I 41 -9.89 47.56 -18.73
CA VAL I 41 -9.50 47.59 -17.32
C VAL I 41 -9.53 46.20 -16.76
N PHE I 42 -8.92 46.01 -15.60
CA PHE I 42 -8.93 44.72 -14.98
C PHE I 42 -10.17 44.57 -14.14
N ASP I 43 -10.82 43.44 -14.31
CA ASP I 43 -11.99 43.11 -13.56
C ASP I 43 -12.01 41.59 -13.49
N GLU I 44 -12.41 41.02 -12.35
CA GLU I 44 -12.53 39.57 -12.24
C GLU I 44 -13.76 39.07 -12.97
N VAL I 45 -13.61 37.96 -13.67
CA VAL I 45 -14.75 37.33 -14.33
C VAL I 45 -14.90 35.89 -13.89
N SER I 46 -16.13 35.41 -13.93
CA SER I 46 -16.43 34.05 -13.58
C SER I 46 -17.73 33.71 -14.28
N LEU I 47 -18.04 32.44 -14.43
CA LEU I 47 -19.29 32.05 -15.05
C LEU I 47 -20.51 32.80 -14.48
N ASP I 48 -20.57 32.93 -13.14
CA ASP I 48 -21.57 33.74 -12.41
C ASP I 48 -21.82 35.13 -12.92
N LYS I 49 -20.75 35.85 -13.24
CA LYS I 49 -20.85 37.18 -13.80
C LYS I 49 -21.88 37.28 -14.94
N TYR I 50 -22.20 36.13 -15.54
CA TYR I 50 -23.08 36.11 -16.70
C TYR I 50 -24.22 35.13 -16.54
N LYS I 51 -24.74 35.01 -15.32
CA LYS I 51 -26.00 34.30 -15.14
C LYS I 51 -27.05 34.98 -16.03
N GLY I 52 -28.01 34.25 -16.60
CA GLY I 52 -27.90 32.87 -17.03
C GLY I 52 -27.90 33.00 -18.56
N LYS I 53 -26.98 33.82 -19.05
CA LYS I 53 -26.54 33.81 -20.41
C LYS I 53 -25.85 32.49 -20.72
N TYR I 54 -25.67 32.19 -22.01
CA TYR I 54 -24.85 31.08 -22.46
C TYR I 54 -23.43 31.59 -22.61
N VAL I 55 -22.46 30.83 -22.12
CA VAL I 55 -21.09 31.31 -22.12
C VAL I 55 -20.23 30.58 -23.16
N VAL I 56 -19.58 31.35 -24.01
CA VAL I 56 -18.62 30.83 -24.98
C VAL I 56 -17.22 31.16 -24.48
N LEU I 57 -16.57 30.18 -23.87
CA LEU I 57 -15.23 30.34 -23.34
C LEU I 57 -14.25 29.81 -24.38
N ALA I 58 -13.44 30.70 -24.93
CA ALA I 58 -12.55 30.33 -26.05
C ALA I 58 -11.13 30.61 -25.68
N PHE I 59 -10.34 29.55 -25.64
CA PHE I 59 -8.95 29.67 -25.28
C PHE I 59 -8.16 29.91 -26.55
N ILE I 60 -7.16 30.79 -26.44
CA ILE I 60 -6.09 30.97 -27.42
C ILE I 60 -4.74 30.63 -26.75
N PRO I 61 -3.77 30.13 -27.53
CA PRO I 61 -2.45 29.83 -26.97
C PRO I 61 -1.69 31.04 -26.42
N LEU I 62 -1.50 32.08 -27.21
CA LEU I 62 -0.53 33.12 -26.89
C LEU I 62 -0.89 34.47 -27.48
N ALA I 63 -0.90 35.47 -26.62
CA ALA I 63 -1.00 36.84 -27.05
C ALA I 63 0.20 37.12 -27.91
N PHE I 64 0.03 38.08 -28.82
CA PHE I 64 1.10 38.59 -29.64
C PHE I 64 1.50 37.66 -30.75
N THR I 65 0.60 36.75 -31.10
CA THR I 65 0.89 35.85 -32.16
C THR I 65 -0.02 36.12 -33.32
N PHE I 66 -0.52 35.05 -33.94
CA PHE I 66 -0.96 35.12 -35.32
C PHE I 66 -2.39 34.67 -35.51
N VAL I 67 -2.68 33.39 -35.36
CA VAL I 67 -4.05 32.95 -35.52
C VAL I 67 -4.89 33.65 -34.47
N SER I 68 -4.38 33.69 -33.23
CA SER I 68 -5.13 34.14 -32.05
C SER I 68 -5.81 35.50 -32.21
N PRO I 69 -5.04 36.54 -32.63
CA PRO I 69 -5.73 37.81 -32.70
C PRO I 69 -6.90 37.77 -33.63
N THR I 70 -6.84 36.92 -34.65
CA THR I 70 -7.84 37.00 -35.71
C THR I 70 -9.11 36.52 -35.08
N GLU I 71 -8.94 35.55 -34.17
CA GLU I 71 -10.05 34.93 -33.50
C GLU I 71 -10.64 35.91 -32.49
N ILE I 72 -9.79 36.49 -31.65
CA ILE I 72 -10.29 37.45 -30.68
C ILE I 72 -11.08 38.51 -31.41
N ILE I 73 -10.50 39.05 -32.46
CA ILE I 73 -11.13 40.10 -33.24
C ILE I 73 -12.49 39.65 -33.79
N ALA I 74 -12.50 38.55 -34.53
CA ALA I 74 -13.72 38.11 -35.22
C ALA I 74 -14.84 37.82 -34.23
N PHE I 75 -14.49 37.42 -33.01
CA PHE I 75 -15.46 37.22 -31.97
C PHE I 75 -15.88 38.54 -31.36
N SER I 76 -14.94 39.47 -31.26
CA SER I 76 -15.22 40.78 -30.69
C SER I 76 -16.15 41.54 -31.61
N GLU I 77 -15.78 41.58 -32.89
CA GLU I 77 -16.61 42.14 -33.93
C GLU I 77 -17.96 41.48 -33.95
N ALA I 78 -18.00 40.22 -33.55
CA ALA I 78 -19.28 39.56 -33.43
C ALA I 78 -19.81 39.58 -31.99
N ALA I 79 -19.24 40.41 -31.12
CA ALA I 79 -19.69 40.37 -29.74
C ALA I 79 -21.20 40.57 -29.60
N LYS I 80 -21.75 41.49 -30.38
CA LYS I 80 -23.17 41.83 -30.28
C LYS I 80 -24.08 40.70 -30.83
N LYS I 81 -23.64 40.07 -31.90
CA LYS I 81 -24.37 38.96 -32.46
C LYS I 81 -24.61 37.90 -31.43
N PHE I 82 -23.66 37.72 -30.51
CA PHE I 82 -23.82 36.75 -29.42
C PHE I 82 -24.67 37.27 -28.30
N GLU I 83 -24.62 38.58 -28.06
CA GLU I 83 -25.45 39.18 -27.03
C GLU I 83 -26.89 38.98 -27.46
N GLU I 84 -27.12 39.10 -28.76
CA GLU I 84 -28.45 38.88 -29.34
C GLU I 84 -28.92 37.47 -29.07
N GLN I 85 -27.97 36.56 -28.92
CA GLN I 85 -28.34 35.19 -28.74
C GLN I 85 -28.30 34.75 -27.30
N GLY I 86 -28.29 35.73 -26.40
CA GLY I 86 -28.15 35.48 -24.96
C GLY I 86 -26.79 34.88 -24.58
N ALA I 87 -25.77 35.18 -25.39
CA ALA I 87 -24.44 34.65 -25.19
C ALA I 87 -23.41 35.70 -24.85
N GLN I 88 -22.53 35.31 -23.94
CA GLN I 88 -21.39 36.12 -23.59
C GLN I 88 -20.17 35.32 -23.96
N VAL I 89 -19.34 35.85 -24.84
CA VAL I 89 -18.11 35.16 -25.21
C VAL I 89 -16.97 35.75 -24.44
N LEU I 90 -16.20 34.84 -23.86
CA LEU I 90 -15.01 35.13 -23.09
C LEU I 90 -13.82 34.52 -23.82
N PHE I 91 -12.72 35.24 -23.90
CA PHE I 91 -11.46 34.63 -24.34
C PHE I 91 -10.51 34.44 -23.18
N ALA I 92 -9.84 33.30 -23.21
CA ALA I 92 -8.96 32.89 -22.14
C ALA I 92 -7.61 32.66 -22.72
N SER I 93 -6.60 33.21 -22.08
CA SER I 93 -5.25 32.90 -22.48
C SER I 93 -4.43 32.55 -21.26
N THR I 94 -3.31 31.88 -21.50
CA THR I 94 -2.32 31.62 -20.46
C THR I 94 -1.48 32.88 -20.10
N ASP I 95 -1.57 33.94 -20.88
CA ASP I 95 -0.82 35.14 -20.55
C ASP I 95 -1.48 35.90 -19.40
N SER I 96 -0.76 36.87 -18.84
CA SER I 96 -1.28 37.65 -17.75
C SER I 96 -2.18 38.75 -18.29
N GLU I 97 -2.90 39.42 -17.39
CA GLU I 97 -3.82 40.47 -17.79
C GLU I 97 -3.04 41.65 -18.24
N TYR I 98 -1.82 41.78 -17.73
CA TYR I 98 -0.93 42.83 -18.14
C TYR I 98 -0.55 42.58 -19.57
N SER I 99 -0.21 41.34 -19.90
CA SER I 99 0.04 40.98 -21.30
C SER I 99 -1.19 41.12 -22.21
N LEU I 100 -2.33 40.57 -21.80
CA LEU I 100 -3.55 40.75 -22.57
C LEU I 100 -3.86 42.23 -22.78
N LEU I 101 -3.76 43.03 -21.72
CA LEU I 101 -4.11 44.45 -21.82
C LEU I 101 -3.20 45.08 -22.85
N ALA I 102 -1.90 44.84 -22.71
CA ALA I 102 -0.88 45.45 -23.56
C ALA I 102 -1.22 45.23 -25.02
N TRP I 103 -1.69 44.02 -25.30
CA TRP I 103 -2.11 43.57 -26.61
C TRP I 103 -3.31 44.35 -27.20
N THR I 104 -4.24 44.76 -26.35
CA THR I 104 -5.35 45.63 -26.77
C THR I 104 -4.86 47.04 -27.04
N ASN I 105 -3.66 47.37 -26.55
CA ASN I 105 -3.10 48.70 -26.79
C ASN I 105 -2.20 48.80 -27.99
N ILE I 106 -2.11 47.69 -28.73
CA ILE I 106 -1.45 47.65 -30.03
C ILE I 106 -2.52 47.45 -31.09
N PRO I 107 -2.67 48.40 -32.03
CA PRO I 107 -3.77 48.34 -32.96
C PRO I 107 -3.65 47.13 -33.88
N ARG I 108 -4.77 46.75 -34.49
CA ARG I 108 -4.87 45.50 -35.21
C ARG I 108 -4.02 45.42 -36.46
N LYS I 109 -3.60 46.56 -37.00
CA LYS I 109 -2.75 46.59 -38.19
C LYS I 109 -1.38 45.95 -37.85
N GLU I 110 -1.01 46.01 -36.57
CA GLU I 110 0.30 45.55 -36.11
C GLU I 110 0.10 44.30 -35.28
N GLY I 111 -0.82 43.46 -35.72
CA GLY I 111 -1.12 42.25 -35.00
C GLY I 111 -1.69 42.43 -33.61
N GLY I 112 -1.84 43.66 -33.14
CA GLY I 112 -2.46 43.88 -31.84
C GLY I 112 -3.92 43.46 -31.85
N LEU I 113 -4.63 43.68 -30.76
CA LEU I 113 -6.07 43.40 -30.75
C LEU I 113 -6.88 44.68 -30.89
N GLY I 114 -6.24 45.81 -30.56
CA GLY I 114 -6.95 47.07 -30.44
C GLY I 114 -8.09 46.98 -29.43
N PRO I 115 -9.10 47.86 -29.57
CA PRO I 115 -10.24 47.84 -28.68
C PRO I 115 -11.07 46.60 -28.91
N ILE I 116 -11.57 46.03 -27.83
CA ILE I 116 -12.14 44.68 -27.82
C ILE I 116 -13.46 44.70 -27.02
N ASN I 117 -14.53 44.09 -27.56
CA ASN I 117 -15.78 44.01 -26.78
C ASN I 117 -15.94 42.68 -26.03
N ILE I 118 -14.88 41.88 -25.93
CA ILE I 118 -14.96 40.64 -25.16
C ILE I 118 -13.83 40.52 -24.14
N PRO I 119 -14.10 39.91 -22.98
CA PRO I 119 -13.09 39.78 -21.96
C PRO I 119 -11.96 38.85 -22.33
N LEU I 120 -10.74 39.34 -22.13
CA LEU I 120 -9.57 38.51 -22.21
C LEU I 120 -9.22 37.95 -20.83
N LEU I 121 -9.57 36.70 -20.54
CA LEU I 121 -9.23 36.16 -19.22
C LEU I 121 -7.81 35.70 -19.15
N ALA I 122 -7.12 36.16 -18.10
CA ALA I 122 -5.74 35.89 -17.83
C ALA I 122 -5.56 34.66 -16.97
N ASP I 123 -5.19 33.56 -17.61
CA ASP I 123 -5.02 32.27 -16.93
C ASP I 123 -3.57 31.99 -16.58
N THR I 124 -2.95 32.94 -15.91
CA THR I 124 -1.56 32.82 -15.58
C THR I 124 -1.22 31.58 -14.77
N ASN I 125 -2.13 31.10 -13.92
CA ASN I 125 -1.82 29.93 -13.12
C ASN I 125 -2.21 28.63 -13.80
N HIS I 126 -2.63 28.74 -15.05
CA HIS I 126 -2.87 27.54 -15.86
C HIS I 126 -4.06 26.70 -15.41
N SER I 127 -4.82 27.15 -14.43
CA SER I 127 -5.91 26.33 -13.89
C SER I 127 -7.08 26.24 -14.91
N LEU I 128 -7.38 27.35 -15.58
CA LEU I 128 -8.47 27.38 -16.54
C LEU I 128 -8.12 26.40 -17.63
N SER I 129 -6.96 26.59 -18.25
CA SER I 129 -6.54 25.73 -19.34
C SER I 129 -6.40 24.26 -18.94
N ARG I 130 -6.05 24.02 -17.67
CA ARG I 130 -5.91 22.65 -17.12
C ARG I 130 -7.30 22.07 -16.94
N ASP I 131 -8.14 22.80 -16.23
CA ASP I 131 -9.47 22.32 -15.94
C ASP I 131 -10.22 22.10 -17.23
N TYR I 132 -9.99 22.98 -18.20
CA TYR I 132 -10.70 22.82 -19.45
C TYR I 132 -10.08 21.86 -20.44
N GLY I 133 -9.09 21.09 -19.96
CA GLY I 133 -8.42 20.07 -20.75
C GLY I 133 -7.83 20.58 -22.05
N VAL I 134 -7.35 21.83 -22.05
CA VAL I 134 -6.78 22.38 -23.25
C VAL I 134 -5.34 22.85 -23.01
N LEU I 135 -4.80 22.55 -21.83
CA LEU I 135 -3.41 22.89 -21.53
C LEU I 135 -2.42 21.90 -22.14
N ILE I 136 -1.58 22.38 -23.03
CA ILE I 136 -0.42 21.66 -23.50
C ILE I 136 0.66 21.86 -22.44
N GLU I 137 0.79 20.89 -21.52
CA GLU I 137 1.70 21.11 -20.40
C GLU I 137 3.05 21.59 -20.83
N GLU I 138 3.64 20.93 -21.82
CA GLU I 138 5.02 21.25 -22.20
C GLU I 138 5.19 22.72 -22.58
N GLU I 139 4.16 23.30 -23.17
CA GLU I 139 4.27 24.58 -23.83
C GLU I 139 3.68 25.63 -22.95
N GLY I 140 2.87 25.18 -21.99
CA GLY I 140 2.23 26.09 -21.07
C GLY I 140 1.34 27.08 -21.78
N VAL I 141 0.51 26.58 -22.69
CA VAL I 141 -0.45 27.38 -23.44
C VAL I 141 -1.65 26.50 -23.72
N ALA I 142 -2.74 27.13 -24.10
CA ALA I 142 -3.94 26.39 -24.38
C ALA I 142 -4.08 26.19 -25.87
N LEU I 143 -4.50 24.97 -26.20
CA LEU I 143 -5.05 24.64 -27.48
C LEU I 143 -6.23 25.58 -27.81
N ARG I 144 -6.58 25.66 -29.09
CA ARG I 144 -7.71 26.49 -29.50
C ARG I 144 -8.99 25.76 -29.13
N GLY I 145 -9.19 25.68 -27.82
CA GLY I 145 -10.39 25.13 -27.22
C GLY I 145 -11.44 26.20 -27.08
N LEU I 146 -12.66 25.86 -27.44
CA LEU I 146 -13.79 26.74 -27.23
C LEU I 146 -14.88 25.91 -26.62
N PHE I 147 -15.62 26.52 -25.70
CA PHE I 147 -16.56 25.80 -24.87
C PHE I 147 -17.83 26.58 -24.79
N ILE I 148 -18.94 25.90 -25.04
CA ILE I 148 -20.23 26.52 -24.98
C ILE I 148 -20.93 26.01 -23.75
N ILE I 149 -21.20 26.95 -22.85
CA ILE I 149 -21.68 26.62 -21.54
C ILE I 149 -23.07 27.25 -21.31
N ASP I 150 -24.01 26.44 -20.84
CA ASP I 150 -25.41 26.89 -20.71
C ASP I 150 -25.65 27.58 -19.37
N PRO I 151 -26.78 28.29 -19.23
CA PRO I 151 -27.07 28.98 -18.00
C PRO I 151 -27.04 28.06 -16.80
N LYS I 152 -27.36 26.76 -16.98
CA LYS I 152 -27.16 25.73 -15.93
C LYS I 152 -25.67 25.40 -15.74
N GLY I 153 -24.83 26.12 -16.47
CA GLY I 153 -23.40 25.91 -16.49
C GLY I 153 -22.97 24.52 -16.92
N VAL I 154 -23.73 23.82 -17.77
CA VAL I 154 -23.17 22.59 -18.29
C VAL I 154 -22.55 22.90 -19.63
N ILE I 155 -21.59 22.06 -20.04
CA ILE I 155 -20.90 22.21 -21.30
C ILE I 155 -21.70 21.45 -22.35
N ARG I 156 -22.21 22.19 -23.32
CA ARG I 156 -23.02 21.62 -24.38
C ARG I 156 -22.20 21.41 -25.64
N HIS I 157 -21.12 22.14 -25.83
CA HIS I 157 -20.29 21.93 -26.98
C HIS I 157 -18.79 22.08 -26.73
N ILE I 158 -17.96 21.19 -27.26
CA ILE I 158 -16.54 21.47 -27.24
C ILE I 158 -16.02 21.59 -28.66
N THR I 159 -15.21 22.60 -28.91
CA THR I 159 -14.40 22.64 -30.09
C THR I 159 -13.01 22.81 -29.54
N ILE I 160 -12.09 21.97 -29.99
CA ILE I 160 -10.67 22.11 -29.70
C ILE I 160 -9.98 22.01 -31.04
N ASN I 161 -9.16 23.02 -31.37
CA ASN I 161 -8.40 23.03 -32.61
C ASN I 161 -6.94 22.97 -32.26
N ASP I 162 -6.14 22.29 -33.07
CA ASP I 162 -4.71 22.42 -32.92
C ASP I 162 -4.36 23.86 -33.25
N LEU I 163 -3.13 24.24 -32.95
CA LEU I 163 -2.71 25.62 -33.04
C LEU I 163 -2.85 26.31 -34.41
N PRO I 164 -2.64 25.59 -35.54
CA PRO I 164 -2.39 26.42 -36.70
C PRO I 164 -3.62 26.98 -37.36
N VAL I 165 -4.80 26.50 -36.94
CA VAL I 165 -6.06 26.83 -37.62
C VAL I 165 -7.17 27.37 -36.69
N GLY I 166 -7.61 28.60 -37.00
CA GLY I 166 -8.60 29.30 -36.21
C GLY I 166 -9.96 28.62 -36.27
N ARG I 167 -10.78 28.88 -35.26
CA ARG I 167 -12.10 28.26 -35.15
C ARG I 167 -13.05 29.04 -36.03
N ASN I 168 -14.35 28.78 -35.92
CA ASN I 168 -15.29 29.52 -36.74
C ASN I 168 -16.27 30.35 -35.93
N VAL I 169 -16.12 31.65 -36.01
CA VAL I 169 -17.08 32.54 -35.37
C VAL I 169 -18.53 32.10 -35.59
N ASP I 170 -18.90 31.85 -36.84
CA ASP I 170 -20.27 31.51 -37.17
C ASP I 170 -20.67 30.15 -36.60
N GLU I 171 -19.79 29.16 -36.76
CA GLU I 171 -20.05 27.86 -36.14
C GLU I 171 -20.34 28.07 -34.66
N ALA I 172 -19.46 28.80 -33.98
CA ALA I 172 -19.64 29.16 -32.59
C ALA I 172 -21.05 29.69 -32.33
N LEU I 173 -21.54 30.52 -33.26
CA LEU I 173 -22.85 31.17 -33.13
C LEU I 173 -23.98 30.19 -33.42
N ARG I 174 -23.80 29.39 -34.47
CA ARG I 174 -24.73 28.36 -34.89
C ARG I 174 -25.05 27.64 -33.62
N LEU I 175 -23.99 27.32 -32.87
CA LEU I 175 -24.10 26.35 -31.81
C LEU I 175 -24.76 26.98 -30.57
N VAL I 176 -24.42 28.24 -30.32
CA VAL I 176 -25.08 28.97 -29.28
C VAL I 176 -26.57 28.91 -29.62
N GLU I 177 -26.92 29.33 -30.84
CA GLU I 177 -28.31 29.39 -31.31
C GLU I 177 -28.95 28.02 -31.18
N ALA I 178 -28.23 27.02 -31.66
CA ALA I 178 -28.74 25.67 -31.70
C ALA I 178 -29.11 25.24 -30.31
N PHE I 179 -28.22 25.49 -29.36
CA PHE I 179 -28.47 24.95 -28.04
C PHE I 179 -29.53 25.74 -27.33
N GLN I 180 -29.65 27.00 -27.69
CA GLN I 180 -30.65 27.82 -27.10
C GLN I 180 -32.03 27.34 -27.54
N TRP I 181 -32.18 27.12 -28.85
CA TRP I 181 -33.36 26.47 -29.43
C TRP I 181 -33.72 25.18 -28.70
N THR I 182 -32.85 24.18 -28.73
CA THR I 182 -33.17 22.93 -28.08
C THR I 182 -33.58 23.12 -26.64
N ASP I 183 -32.94 24.06 -25.95
CA ASP I 183 -33.30 24.42 -24.57
C ASP I 183 -34.75 24.98 -24.47
N LYS I 184 -35.11 25.91 -25.35
CA LYS I 184 -36.46 26.49 -25.43
C LYS I 184 -37.55 25.55 -26.00
N ASN I 185 -37.23 24.69 -26.94
CA ASN I 185 -38.29 23.99 -27.64
C ASN I 185 -38.46 22.51 -27.36
N GLY I 186 -37.52 21.89 -26.65
CA GLY I 186 -37.49 20.42 -26.53
C GLY I 186 -37.18 19.71 -27.85
N THR I 187 -37.23 20.44 -28.96
CA THR I 187 -36.88 19.87 -30.26
C THR I 187 -35.37 19.70 -30.42
N VAL I 188 -34.98 18.78 -31.31
CA VAL I 188 -33.63 18.36 -31.51
C VAL I 188 -33.24 18.83 -32.92
N LEU I 189 -31.96 19.16 -33.14
CA LEU I 189 -31.56 19.90 -34.34
C LEU I 189 -30.71 19.15 -35.35
N PRO I 190 -31.19 19.01 -36.61
CA PRO I 190 -30.41 18.22 -37.59
C PRO I 190 -29.08 18.85 -37.92
N CYS I 191 -28.19 18.00 -38.37
CA CYS I 191 -26.89 18.40 -38.85
C CYS I 191 -27.00 19.61 -39.78
N ASN I 192 -26.13 20.59 -39.60
CA ASN I 192 -26.18 21.84 -40.38
C ASN I 192 -27.33 22.81 -40.06
N TRP I 193 -28.27 22.39 -39.21
CA TRP I 193 -29.38 23.27 -38.86
C TRP I 193 -28.84 24.63 -38.51
N THR I 194 -29.28 25.65 -39.24
CA THR I 194 -29.15 27.03 -38.78
C THR I 194 -30.58 27.41 -38.41
N PRO I 195 -30.78 28.50 -37.64
CA PRO I 195 -32.15 28.71 -37.16
C PRO I 195 -33.16 29.05 -38.28
N GLY I 196 -34.22 28.25 -38.32
CA GLY I 196 -35.20 28.37 -39.39
C GLY I 196 -35.37 27.09 -40.17
N ALA I 197 -34.27 26.34 -40.31
CA ALA I 197 -34.32 25.01 -40.91
C ALA I 197 -35.24 24.07 -40.12
N ALA I 198 -35.61 22.96 -40.77
CA ALA I 198 -36.42 21.92 -40.12
C ALA I 198 -35.74 21.42 -38.83
N THR I 199 -36.52 21.42 -37.74
CA THR I 199 -36.13 20.84 -36.45
C THR I 199 -36.90 19.52 -36.28
N ILE I 200 -36.36 18.59 -35.49
CA ILE I 200 -37.02 17.31 -35.26
C ILE I 200 -37.73 17.26 -33.89
N LYS I 201 -38.79 16.46 -33.82
CA LYS I 201 -39.39 16.07 -32.55
C LYS I 201 -38.78 14.71 -32.20
N PRO I 202 -38.05 14.61 -31.08
CA PRO I 202 -37.38 13.31 -30.88
C PRO I 202 -38.23 12.23 -30.18
N THR I 203 -39.45 12.01 -30.65
CA THR I 203 -40.13 10.75 -30.34
C THR I 203 -40.00 9.95 -31.61
N VAL I 204 -40.20 8.65 -31.54
CA VAL I 204 -40.19 7.85 -32.78
C VAL I 204 -41.33 8.29 -33.70
N GLU I 205 -42.46 8.67 -33.10
CA GLU I 205 -43.67 9.01 -33.83
C GLU I 205 -43.53 10.35 -34.53
N ASP I 206 -43.58 11.42 -33.76
CA ASP I 206 -43.53 12.76 -34.26
C ASP I 206 -42.25 13.09 -35.05
N SER I 207 -41.26 12.20 -35.04
CA SER I 207 -40.06 12.44 -35.83
C SER I 207 -40.25 12.08 -37.30
N LYS I 208 -41.32 11.35 -37.61
CA LYS I 208 -41.67 11.09 -39.02
C LYS I 208 -42.00 12.40 -39.79
N GLU I 209 -42.71 13.32 -39.13
CA GLU I 209 -42.93 14.67 -39.63
C GLU I 209 -41.72 15.19 -40.37
N TYR I 210 -40.60 15.21 -39.66
CA TYR I 210 -39.32 15.64 -40.20
C TYR I 210 -38.77 14.80 -41.40
N PHE I 211 -38.65 13.48 -41.23
CA PHE I 211 -38.01 12.63 -42.26
C PHE I 211 -38.85 12.56 -43.51
N GLU I 212 -40.17 12.48 -43.31
CA GLU I 212 -41.16 12.58 -44.39
C GLU I 212 -40.94 13.88 -45.13
N ALA I 213 -40.98 15.00 -44.42
CA ALA I 213 -40.74 16.33 -45.01
C ALA I 213 -39.33 16.56 -45.60
N ALA I 214 -38.31 15.92 -45.04
CA ALA I 214 -36.92 16.21 -45.42
C ALA I 214 -36.46 15.48 -46.67
N ASN I 215 -37.14 14.40 -47.02
CA ASN I 215 -36.72 13.52 -48.13
C ASN I 215 -37.77 13.31 -49.27
N LYS I 216 -37.82 14.27 -50.20
CA LYS I 216 -38.67 14.23 -51.42
C LYS I 216 -38.50 12.94 -52.25
N VAL J 22 -9.17 10.24 -23.71
CA VAL J 22 -7.66 10.30 -23.85
C VAL J 22 -7.32 10.49 -25.33
N ALA J 23 -8.38 10.66 -26.13
CA ALA J 23 -8.28 11.14 -27.49
C ALA J 23 -8.13 12.61 -27.35
N GLN J 24 -6.98 13.15 -27.64
CA GLN J 24 -6.85 14.56 -27.43
C GLN J 24 -6.03 15.18 -28.52
N VAL J 25 -6.31 16.45 -28.77
CA VAL J 25 -5.69 17.15 -29.86
C VAL J 25 -4.17 17.14 -29.71
N GLN J 26 -3.53 16.93 -30.85
CA GLN J 26 -2.08 16.76 -31.03
C GLN J 26 -1.40 15.57 -30.37
N LYS J 27 -2.18 14.75 -29.69
CA LYS J 27 -1.76 13.41 -29.35
C LYS J 27 -2.14 12.46 -30.51
N GLN J 28 -1.77 11.18 -30.41
CA GLN J 28 -2.06 10.22 -31.48
C GLN J 28 -3.47 9.74 -31.28
N ALA J 29 -4.28 9.70 -32.33
CA ALA J 29 -5.66 9.20 -32.20
C ALA J 29 -5.63 7.79 -31.68
N PRO J 30 -6.33 7.52 -30.58
CA PRO J 30 -6.55 6.15 -30.17
C PRO J 30 -6.79 5.31 -31.39
N THR J 31 -5.97 4.30 -31.49
CA THR J 31 -5.99 3.46 -32.64
C THR J 31 -7.11 2.44 -32.46
N PHE J 32 -7.50 1.78 -33.55
CA PHE J 32 -8.64 0.86 -33.46
C PHE J 32 -8.80 0.05 -34.71
N LYS J 33 -9.66 -0.94 -34.62
CA LYS J 33 -10.05 -1.78 -35.75
C LYS J 33 -11.49 -2.24 -35.46
N LYS J 34 -12.43 -1.75 -36.24
CA LYS J 34 -13.82 -1.99 -35.93
C LYS J 34 -14.52 -2.57 -37.12
N THR J 35 -15.36 -3.55 -36.84
CA THR J 35 -16.25 -4.07 -37.83
C THR J 35 -17.08 -2.90 -38.22
N ALA J 36 -17.27 -2.70 -39.52
CA ALA J 36 -18.13 -1.60 -39.97
C ALA J 36 -19.01 -1.98 -41.14
N VAL J 37 -20.09 -1.22 -41.36
CA VAL J 37 -20.91 -1.37 -42.56
C VAL J 37 -20.34 -0.48 -43.69
N VAL J 38 -19.86 -1.12 -44.75
CA VAL J 38 -19.22 -0.44 -45.89
C VAL J 38 -19.85 -0.81 -47.23
N ASP J 39 -20.37 0.19 -47.94
CA ASP J 39 -21.22 -0.05 -49.14
C ASP J 39 -22.07 -1.30 -48.89
N GLY J 40 -22.75 -1.32 -47.77
CA GLY J 40 -23.78 -2.32 -47.53
C GLY J 40 -23.33 -3.72 -47.17
N VAL J 41 -22.03 -3.93 -46.89
CA VAL J 41 -21.57 -5.24 -46.37
C VAL J 41 -20.62 -5.07 -45.18
N PHE J 42 -20.36 -6.11 -44.41
CA PHE J 42 -19.45 -5.94 -43.27
C PHE J 42 -18.00 -5.96 -43.64
N ASP J 43 -17.21 -5.14 -42.93
CA ASP J 43 -15.82 -4.84 -43.27
C ASP J 43 -15.05 -4.25 -42.08
N GLU J 44 -13.84 -4.75 -41.82
CA GLU J 44 -12.96 -4.19 -40.75
C GLU J 44 -12.52 -2.81 -41.17
N VAL J 45 -12.77 -1.82 -40.34
CA VAL J 45 -12.25 -0.49 -40.61
C VAL J 45 -11.19 -0.15 -39.58
N SER J 46 -10.35 0.83 -39.86
CA SER J 46 -9.29 1.21 -38.95
C SER J 46 -8.47 2.31 -39.59
N LEU J 47 -8.01 3.25 -38.76
CA LEU J 47 -7.26 4.40 -39.24
C LEU J 47 -6.42 4.08 -40.45
N ASP J 48 -5.53 3.10 -40.34
CA ASP J 48 -4.64 2.73 -41.46
C ASP J 48 -5.33 2.15 -42.72
N LYS J 49 -6.59 1.74 -42.63
CA LYS J 49 -7.31 1.39 -43.85
C LYS J 49 -7.27 2.56 -44.83
N TYR J 50 -7.02 3.77 -44.29
CA TYR J 50 -7.03 5.03 -45.06
C TYR J 50 -5.70 5.70 -44.97
N LYS J 51 -4.67 4.85 -44.85
CA LYS J 51 -3.28 5.26 -44.98
C LYS J 51 -3.14 6.49 -45.91
N GLY J 52 -2.48 7.53 -45.40
CA GLY J 52 -2.22 8.78 -46.19
C GLY J 52 -3.31 9.86 -46.18
N LYS J 53 -4.51 9.49 -45.75
N LYS J 53 -4.53 9.48 -45.79
CA LYS J 53 -5.62 10.43 -45.81
CA LYS J 53 -5.67 10.38 -45.80
C LYS J 53 -6.06 10.95 -44.42
C LYS J 53 -6.00 10.97 -44.41
N TYR J 54 -6.69 12.12 -44.41
CA TYR J 54 -7.25 12.66 -43.20
C TYR J 54 -8.46 11.81 -42.89
N VAL J 55 -8.78 11.62 -41.62
CA VAL J 55 -9.99 10.88 -41.36
C VAL J 55 -10.80 11.68 -40.36
N VAL J 56 -12.10 11.62 -40.57
CA VAL J 56 -13.08 12.43 -39.86
C VAL J 56 -14.00 11.41 -39.24
N LEU J 57 -13.77 11.20 -37.95
CA LEU J 57 -14.37 10.10 -37.21
C LEU J 57 -15.50 10.68 -36.40
N ALA J 58 -16.72 10.42 -36.79
CA ALA J 58 -17.77 11.12 -36.08
C ALA J 58 -18.67 10.14 -35.37
N PHE J 59 -18.74 10.22 -34.05
CA PHE J 59 -19.55 9.28 -33.31
C PHE J 59 -20.94 9.88 -33.31
N ILE J 60 -21.96 9.05 -33.26
CA ILE J 60 -23.32 9.53 -33.08
C ILE J 60 -23.89 8.65 -32.01
N PRO J 61 -24.79 9.20 -31.20
CA PRO J 61 -25.30 8.42 -30.07
C PRO J 61 -25.84 7.02 -30.44
N LEU J 62 -26.69 6.94 -31.47
CA LEU J 62 -27.61 5.82 -31.58
C LEU J 62 -28.27 5.82 -32.94
N ALA J 63 -28.23 4.67 -33.60
CA ALA J 63 -28.96 4.47 -34.83
C ALA J 63 -30.45 4.51 -34.52
N PHE J 64 -31.27 4.85 -35.51
CA PHE J 64 -32.74 4.85 -35.40
C PHE J 64 -33.21 5.98 -34.51
N THR J 65 -32.43 7.03 -34.50
CA THR J 65 -32.84 8.18 -33.78
C THR J 65 -32.97 9.28 -34.82
N PHE J 66 -32.70 10.52 -34.41
CA PHE J 66 -33.20 11.69 -35.10
C PHE J 66 -32.11 12.58 -35.67
N VAL J 67 -31.38 13.27 -34.81
CA VAL J 67 -30.25 14.05 -35.31
C VAL J 67 -29.29 13.15 -36.08
N SER J 68 -29.09 11.94 -35.59
CA SER J 68 -28.04 11.09 -36.12
C SER J 68 -28.20 10.77 -37.62
N PRO J 69 -29.45 10.47 -38.06
CA PRO J 69 -29.62 10.19 -39.49
C PRO J 69 -29.12 11.38 -40.27
N THR J 70 -29.56 12.57 -39.87
CA THR J 70 -29.24 13.73 -40.66
C THR J 70 -27.74 13.93 -40.74
N GLU J 71 -27.05 13.53 -39.68
CA GLU J 71 -25.62 13.73 -39.62
C GLU J 71 -25.01 12.81 -40.65
N ILE J 72 -25.34 11.52 -40.51
CA ILE J 72 -24.78 10.48 -41.36
C ILE J 72 -25.05 10.83 -42.81
N ILE J 73 -26.32 11.13 -43.11
CA ILE J 73 -26.71 11.48 -44.45
C ILE J 73 -25.92 12.68 -44.93
N ALA J 74 -26.00 13.80 -44.21
CA ALA J 74 -25.38 15.05 -44.73
C ALA J 74 -23.90 14.84 -44.99
N PHE J 75 -23.25 14.03 -44.15
CA PHE J 75 -21.83 13.64 -44.34
C PHE J 75 -21.65 12.62 -45.44
N SER J 76 -22.59 11.70 -45.57
CA SER J 76 -22.57 10.76 -46.69
C SER J 76 -22.76 11.52 -47.99
N GLU J 77 -23.78 12.38 -48.05
CA GLU J 77 -24.04 13.20 -49.26
C GLU J 77 -22.79 14.00 -49.60
N ALA J 78 -21.99 14.34 -48.60
CA ALA J 78 -20.84 15.20 -48.79
C ALA J 78 -19.54 14.41 -48.86
N ALA J 79 -19.66 13.10 -48.91
CA ALA J 79 -18.46 12.24 -48.95
C ALA J 79 -17.47 12.65 -50.05
N LYS J 80 -17.98 12.81 -51.25
CA LYS J 80 -17.11 13.14 -52.36
C LYS J 80 -16.29 14.38 -52.02
N LYS J 81 -16.97 15.40 -51.48
CA LYS J 81 -16.30 16.63 -51.15
C LYS J 81 -15.13 16.41 -50.17
N PHE J 82 -15.27 15.50 -49.20
CA PHE J 82 -14.16 15.20 -48.29
C PHE J 82 -13.12 14.41 -49.05
N GLU J 83 -13.62 13.52 -49.87
CA GLU J 83 -12.74 12.65 -50.60
C GLU J 83 -11.88 13.54 -51.51
N GLU J 84 -12.41 14.69 -51.88
CA GLU J 84 -11.68 15.61 -52.72
C GLU J 84 -10.69 16.43 -51.94
N GLN J 85 -10.78 16.36 -50.61
CA GLN J 85 -9.90 17.12 -49.75
C GLN J 85 -8.96 16.20 -49.01
N GLY J 86 -8.85 14.96 -49.47
CA GLY J 86 -7.91 14.01 -48.88
C GLY J 86 -8.43 13.43 -47.58
N ALA J 87 -9.72 13.57 -47.36
CA ALA J 87 -10.34 13.11 -46.15
C ALA J 87 -11.24 11.90 -46.40
N GLN J 88 -11.16 10.94 -45.50
CA GLN J 88 -12.10 9.85 -45.41
C GLN J 88 -12.96 10.11 -44.19
N VAL J 89 -14.23 9.76 -44.28
CA VAL J 89 -15.08 10.01 -43.19
C VAL J 89 -15.63 8.68 -42.75
N LEU J 90 -15.36 8.37 -41.48
CA LEU J 90 -15.92 7.22 -40.81
C LEU J 90 -16.90 7.80 -39.84
N PHE J 91 -18.05 7.15 -39.72
CA PHE J 91 -19.01 7.43 -38.66
C PHE J 91 -18.97 6.28 -37.64
N ALA J 92 -19.50 6.49 -36.43
CA ALA J 92 -19.39 5.46 -35.39
C ALA J 92 -20.48 5.49 -34.34
N SER J 93 -21.03 4.32 -34.06
CA SER J 93 -21.80 4.25 -32.89
C SER J 93 -21.56 2.97 -32.10
N THR J 94 -21.92 3.10 -30.85
CA THR J 94 -22.14 2.00 -29.96
C THR J 94 -23.10 0.86 -30.44
N ASP J 95 -23.77 1.02 -31.58
CA ASP J 95 -24.59 -0.06 -32.11
C ASP J 95 -23.76 -1.15 -32.82
N SER J 96 -24.30 -2.36 -32.84
CA SER J 96 -23.70 -3.42 -33.62
C SER J 96 -23.86 -3.12 -35.09
N GLU J 97 -22.92 -3.63 -35.88
CA GLU J 97 -22.97 -3.47 -37.31
C GLU J 97 -24.28 -4.03 -37.89
N TYR J 98 -24.93 -4.91 -37.13
CA TYR J 98 -26.19 -5.44 -37.60
C TYR J 98 -27.20 -4.32 -37.49
N SER J 99 -27.23 -3.58 -36.38
CA SER J 99 -28.24 -2.51 -36.28
C SER J 99 -28.00 -1.49 -37.36
N LEU J 100 -26.72 -1.19 -37.52
CA LEU J 100 -26.30 -0.21 -38.44
C LEU J 100 -26.70 -0.65 -39.87
N LEU J 101 -26.35 -1.86 -40.24
CA LEU J 101 -26.72 -2.39 -41.55
C LEU J 101 -28.21 -2.23 -41.78
N ALA J 102 -29.00 -2.48 -40.75
CA ALA J 102 -30.47 -2.46 -40.87
C ALA J 102 -31.03 -1.06 -41.03
N TRP J 103 -30.23 -0.09 -40.64
CA TRP J 103 -30.63 1.28 -40.65
C TRP J 103 -30.40 1.74 -42.08
N THR J 104 -29.41 1.09 -42.67
CA THR J 104 -29.01 1.35 -44.01
C THR J 104 -30.09 0.83 -44.95
N ASN J 105 -30.83 -0.18 -44.49
CA ASN J 105 -31.84 -0.77 -45.30
C ASN J 105 -33.20 -0.15 -45.08
N ILE J 106 -33.21 0.98 -44.39
CA ILE J 106 -34.44 1.73 -44.14
C ILE J 106 -34.39 3.08 -44.83
N PRO J 107 -35.38 3.36 -45.69
CA PRO J 107 -35.33 4.61 -46.48
C PRO J 107 -35.31 5.87 -45.60
N ARG J 108 -34.68 6.90 -46.13
CA ARG J 108 -34.51 8.12 -45.40
C ARG J 108 -35.85 8.78 -45.12
N LYS J 109 -36.84 8.55 -45.98
CA LYS J 109 -38.19 9.11 -45.75
C LYS J 109 -38.77 8.55 -44.43
N GLU J 110 -38.27 7.40 -43.99
CA GLU J 110 -38.70 6.87 -42.71
C GLU J 110 -37.55 6.81 -41.69
N GLY J 111 -36.70 7.83 -41.69
CA GLY J 111 -35.60 7.96 -40.74
C GLY J 111 -34.49 6.92 -40.79
N GLY J 112 -34.43 6.17 -41.89
CA GLY J 112 -33.34 5.26 -42.09
C GLY J 112 -32.24 6.10 -42.69
N LEU J 113 -31.21 5.43 -43.18
CA LEU J 113 -30.21 6.15 -43.94
C LEU J 113 -30.36 5.82 -45.43
N GLY J 114 -30.95 4.67 -45.75
CA GLY J 114 -30.87 4.20 -47.11
C GLY J 114 -29.40 4.17 -47.51
N PRO J 115 -29.12 3.93 -48.80
CA PRO J 115 -27.73 3.80 -49.21
C PRO J 115 -26.90 4.95 -48.71
N ILE J 116 -25.72 4.67 -48.12
CA ILE J 116 -24.77 5.76 -47.81
C ILE J 116 -23.33 5.43 -48.16
N ASN J 117 -22.52 6.48 -48.35
CA ASN J 117 -21.14 6.38 -48.82
C ASN J 117 -20.03 6.40 -47.77
N ILE J 118 -20.39 6.29 -46.49
CA ILE J 118 -19.35 6.37 -45.49
C ILE J 118 -19.46 5.17 -44.60
N PRO J 119 -18.32 4.67 -44.08
CA PRO J 119 -18.34 3.50 -43.22
C PRO J 119 -19.08 3.73 -41.92
N LEU J 120 -19.82 2.73 -41.46
CA LEU J 120 -20.50 2.87 -40.17
C LEU J 120 -19.86 1.87 -39.25
N LEU J 121 -19.07 2.40 -38.32
CA LEU J 121 -18.31 1.53 -37.44
C LEU J 121 -19.20 1.16 -36.26
N ALA J 122 -19.27 -0.12 -35.99
CA ALA J 122 -19.95 -0.65 -34.82
C ALA J 122 -18.98 -0.65 -33.65
N ASP J 123 -19.22 0.25 -32.69
CA ASP J 123 -18.44 0.29 -31.47
C ASP J 123 -19.17 -0.45 -30.36
N THR J 124 -19.62 -1.66 -30.68
CA THR J 124 -20.51 -2.42 -29.81
C THR J 124 -19.91 -2.65 -28.44
N ASN J 125 -18.60 -2.82 -28.38
CA ASN J 125 -17.96 -2.99 -27.11
C ASN J 125 -17.44 -1.68 -26.49
N HIS J 126 -17.63 -0.55 -27.19
CA HIS J 126 -17.50 0.73 -26.55
C HIS J 126 -16.06 1.19 -26.45
N SER J 127 -15.12 0.40 -26.95
CA SER J 127 -13.75 0.81 -26.77
C SER J 127 -13.63 2.15 -27.48
N LEU J 128 -14.23 2.21 -28.66
CA LEU J 128 -13.94 3.30 -29.59
C LEU J 128 -14.45 4.54 -28.94
N SER J 129 -15.67 4.46 -28.41
CA SER J 129 -16.26 5.60 -27.75
C SER J 129 -15.50 6.01 -26.49
N ARG J 130 -15.02 4.99 -25.77
CA ARG J 130 -14.30 5.16 -24.51
C ARG J 130 -13.04 5.91 -24.82
N ASP J 131 -12.26 5.31 -25.73
CA ASP J 131 -10.95 5.81 -26.08
C ASP J 131 -11.03 7.21 -26.65
N TYR J 132 -12.17 7.55 -27.25
CA TYR J 132 -12.34 8.88 -27.83
C TYR J 132 -12.98 9.90 -26.86
N GLY J 133 -13.26 9.45 -25.64
CA GLY J 133 -13.74 10.34 -24.59
C GLY J 133 -15.13 10.88 -24.86
N VAL J 134 -15.90 10.14 -25.67
CA VAL J 134 -17.22 10.58 -26.06
C VAL J 134 -18.24 9.66 -25.47
N LEU J 135 -17.77 8.56 -24.90
CA LEU J 135 -18.70 7.59 -24.33
C LEU J 135 -19.44 8.20 -23.14
N ILE J 136 -20.77 8.23 -23.23
CA ILE J 136 -21.59 8.52 -22.08
C ILE J 136 -21.81 7.20 -21.36
N GLU J 137 -20.94 6.95 -20.38
CA GLU J 137 -20.93 5.68 -19.62
C GLU J 137 -22.29 5.23 -19.16
N GLU J 138 -23.02 6.12 -18.52
CA GLU J 138 -24.28 5.69 -17.93
C GLU J 138 -25.29 5.35 -19.05
N GLU J 139 -25.08 5.91 -20.25
CA GLU J 139 -26.02 5.75 -21.34
C GLU J 139 -25.52 4.69 -22.28
N GLY J 140 -24.21 4.59 -22.38
CA GLY J 140 -23.61 3.55 -23.21
C GLY J 140 -23.60 3.91 -24.68
N VAL J 141 -23.87 5.18 -24.96
CA VAL J 141 -23.80 5.76 -26.30
C VAL J 141 -22.75 6.89 -26.28
N ALA J 142 -22.33 7.36 -27.45
CA ALA J 142 -21.33 8.41 -27.51
C ALA J 142 -21.98 9.75 -27.78
N LEU J 143 -21.37 10.80 -27.26
CA LEU J 143 -21.73 12.13 -27.64
C LEU J 143 -21.39 12.32 -29.12
N ARG J 144 -21.82 13.46 -29.66
CA ARG J 144 -21.56 13.81 -31.05
C ARG J 144 -20.15 14.29 -31.16
N GLY J 145 -19.22 13.35 -31.06
CA GLY J 145 -17.82 13.71 -31.13
C GLY J 145 -17.36 13.52 -32.55
N LEU J 146 -16.55 14.41 -33.05
CA LEU J 146 -15.99 14.23 -34.37
C LEU J 146 -14.58 14.69 -34.25
N PHE J 147 -13.67 13.92 -34.85
CA PHE J 147 -12.25 14.12 -34.67
C PHE J 147 -11.64 14.11 -36.05
N ILE J 148 -10.85 15.12 -36.34
CA ILE J 148 -10.18 15.15 -37.61
C ILE J 148 -8.77 14.65 -37.38
N ILE J 149 -8.52 13.44 -37.87
CA ILE J 149 -7.25 12.79 -37.62
C ILE J 149 -6.46 12.86 -38.91
N ASP J 150 -5.22 13.33 -38.83
CA ASP J 150 -4.39 13.49 -40.01
C ASP J 150 -3.66 12.18 -40.37
N PRO J 151 -2.92 12.18 -41.51
CA PRO J 151 -2.06 11.11 -41.98
C PRO J 151 -1.06 10.55 -40.95
N LYS J 152 -0.32 11.40 -40.25
CA LYS J 152 0.56 10.89 -39.18
C LYS J 152 -0.23 10.43 -37.93
N GLY J 153 -1.55 10.55 -38.02
CA GLY J 153 -2.45 9.98 -37.00
C GLY J 153 -2.72 10.85 -35.79
N VAL J 154 -2.36 12.12 -35.87
CA VAL J 154 -2.47 12.99 -34.75
C VAL J 154 -3.87 13.58 -34.80
N ILE J 155 -4.57 13.73 -33.67
CA ILE J 155 -5.85 14.42 -33.72
C ILE J 155 -5.58 15.91 -33.90
N ARG J 156 -6.35 16.57 -34.76
CA ARG J 156 -6.06 17.97 -35.06
C ARG J 156 -7.23 18.86 -34.74
N HIS J 157 -8.42 18.28 -34.70
CA HIS J 157 -9.58 19.02 -34.29
C HIS J 157 -10.49 18.07 -33.51
N ILE J 158 -11.22 18.59 -32.54
CA ILE J 158 -12.27 17.82 -31.87
C ILE J 158 -13.49 18.71 -31.76
N THR J 159 -14.60 18.22 -32.31
CA THR J 159 -15.93 18.77 -32.07
C THR J 159 -16.64 17.79 -31.18
N ILE J 160 -17.18 18.24 -30.08
CA ILE J 160 -18.11 17.40 -29.30
C ILE J 160 -19.37 18.19 -29.00
N ASN J 161 -20.45 17.80 -29.64
CA ASN J 161 -21.69 18.44 -29.42
C ASN J 161 -22.43 17.55 -28.47
N ASP J 162 -23.04 18.14 -27.45
CA ASP J 162 -24.08 17.44 -26.69
C ASP J 162 -25.10 16.91 -27.68
N LEU J 163 -25.89 15.97 -27.20
CA LEU J 163 -26.68 15.08 -28.00
C LEU J 163 -27.62 15.75 -29.01
N PRO J 164 -28.28 16.85 -28.57
CA PRO J 164 -29.45 17.38 -29.28
C PRO J 164 -29.16 18.30 -30.44
N VAL J 165 -27.89 18.51 -30.76
CA VAL J 165 -27.53 19.39 -31.87
C VAL J 165 -26.59 18.71 -32.83
N GLY J 166 -27.06 18.55 -34.05
CA GLY J 166 -26.24 18.05 -35.15
C GLY J 166 -25.05 18.97 -35.34
N ARG J 167 -23.98 18.42 -35.90
CA ARG J 167 -22.76 19.17 -36.11
C ARG J 167 -22.89 19.79 -37.47
N ASN J 168 -21.78 20.10 -38.12
CA ASN J 168 -21.95 20.83 -39.33
C ASN J 168 -20.93 20.43 -40.34
N VAL J 169 -21.41 19.85 -41.44
CA VAL J 169 -20.55 19.28 -42.48
C VAL J 169 -19.59 20.28 -43.11
N ASP J 170 -20.06 21.45 -43.43
CA ASP J 170 -19.17 22.42 -44.02
C ASP J 170 -17.98 22.70 -43.12
N GLU J 171 -18.24 22.87 -41.81
CA GLU J 171 -17.10 23.09 -40.91
C GLU J 171 -16.13 21.91 -40.80
N ALA J 172 -16.63 20.67 -40.76
CA ALA J 172 -15.74 19.53 -40.76
C ALA J 172 -14.84 19.65 -41.99
N LEU J 173 -15.48 19.86 -43.14
CA LEU J 173 -14.79 20.03 -44.42
C LEU J 173 -13.78 21.15 -44.39
N ARG J 174 -14.24 22.28 -43.90
CA ARG J 174 -13.43 23.45 -43.83
C ARG J 174 -12.18 23.11 -43.05
N LEU J 175 -12.38 22.61 -41.84
CA LEU J 175 -11.28 22.26 -40.95
C LEU J 175 -10.35 21.30 -41.65
N VAL J 176 -10.92 20.28 -42.31
CA VAL J 176 -10.06 19.37 -43.04
C VAL J 176 -9.20 20.23 -43.95
N GLU J 177 -9.84 21.03 -44.81
CA GLU J 177 -9.10 21.80 -45.80
C GLU J 177 -8.05 22.60 -45.05
N ALA J 178 -8.43 23.07 -43.87
CA ALA J 178 -7.60 24.01 -43.13
C ALA J 178 -6.32 23.32 -42.71
N PHE J 179 -6.46 22.20 -42.02
CA PHE J 179 -5.32 21.41 -41.56
C PHE J 179 -4.45 20.89 -42.68
N GLN J 180 -5.12 20.55 -43.78
CA GLN J 180 -4.49 20.17 -45.00
C GLN J 180 -3.62 21.35 -45.52
N TRP J 181 -4.22 22.53 -45.55
CA TRP J 181 -3.48 23.71 -45.96
C TRP J 181 -2.23 23.86 -45.09
N THR J 182 -2.43 23.91 -43.77
CA THR J 182 -1.36 24.16 -42.80
C THR J 182 -0.28 23.10 -42.77
N ASP J 183 -0.70 21.85 -42.94
CA ASP J 183 0.19 20.71 -43.07
C ASP J 183 1.10 20.92 -44.24
N LYS J 184 0.58 21.57 -45.28
CA LYS J 184 1.23 21.64 -46.59
C LYS J 184 2.09 22.88 -46.77
N ASN J 185 1.50 24.05 -46.52
CA ASN J 185 2.17 25.32 -46.77
C ASN J 185 2.97 25.81 -45.58
N GLY J 186 2.81 25.15 -44.43
CA GLY J 186 3.38 25.59 -43.14
C GLY J 186 2.88 26.96 -42.67
N THR J 187 1.85 27.48 -43.32
CA THR J 187 1.31 28.80 -43.00
C THR J 187 0.17 28.59 -42.02
N VAL J 188 -0.28 29.63 -41.31
CA VAL J 188 -1.41 29.44 -40.38
C VAL J 188 -2.68 30.16 -40.83
N LEU J 189 -3.83 29.69 -40.33
CA LEU J 189 -5.13 30.02 -40.91
C LEU J 189 -6.07 30.66 -39.93
N PRO J 190 -6.39 31.93 -40.17
CA PRO J 190 -7.15 32.81 -39.31
C PRO J 190 -8.56 32.34 -39.04
N CYS J 191 -9.18 32.96 -38.06
CA CYS J 191 -10.54 32.66 -37.76
C CYS J 191 -11.35 32.73 -39.04
N ASN J 192 -12.24 31.76 -39.24
CA ASN J 192 -13.23 31.72 -40.32
C ASN J 192 -12.70 31.44 -41.69
N TRP J 193 -11.44 31.00 -41.75
CA TRP J 193 -10.74 30.75 -43.02
C TRP J 193 -11.51 29.74 -43.85
N THR J 194 -11.41 29.91 -45.16
CA THR J 194 -11.98 29.01 -46.15
C THR J 194 -10.92 29.08 -47.22
N PRO J 195 -10.83 28.07 -48.12
CA PRO J 195 -9.91 28.26 -49.28
C PRO J 195 -9.82 29.70 -49.80
N GLY J 196 -8.61 30.19 -50.03
CA GLY J 196 -8.47 31.49 -50.69
C GLY J 196 -8.58 32.69 -49.77
N ALA J 197 -9.13 32.49 -48.56
CA ALA J 197 -9.04 33.55 -47.52
C ALA J 197 -7.55 33.78 -47.16
N ALA J 198 -7.20 35.00 -46.74
CA ALA J 198 -5.81 35.31 -46.43
C ALA J 198 -5.26 34.32 -45.38
N THR J 199 -4.00 33.92 -45.52
CA THR J 199 -3.36 33.06 -44.54
C THR J 199 -2.24 33.88 -43.93
N ILE J 200 -1.68 33.47 -42.78
CA ILE J 200 -0.57 34.19 -42.11
C ILE J 200 0.71 33.37 -42.00
N LYS J 201 1.86 34.02 -42.23
CA LYS J 201 3.14 33.37 -41.93
C LYS J 201 3.44 33.52 -40.43
N PRO J 202 3.41 32.42 -39.67
CA PRO J 202 3.52 32.59 -38.22
C PRO J 202 4.91 33.03 -37.72
N THR J 203 5.40 34.16 -38.17
CA THR J 203 6.60 34.72 -37.55
C THR J 203 6.37 36.18 -37.29
N VAL J 204 6.94 36.69 -36.21
CA VAL J 204 6.72 38.09 -35.86
C VAL J 204 6.87 39.01 -37.09
N GLU J 205 7.93 38.85 -37.89
CA GLU J 205 8.21 39.83 -38.95
C GLU J 205 7.57 39.54 -40.34
N ASP J 206 7.25 38.28 -40.62
CA ASP J 206 6.56 37.90 -41.87
C ASP J 206 5.04 37.95 -41.71
N SER J 207 4.57 37.85 -40.49
CA SER J 207 3.14 37.84 -40.24
C SER J 207 2.55 39.25 -40.36
N LYS J 208 3.43 40.25 -40.47
CA LYS J 208 3.00 41.63 -40.50
C LYS J 208 2.25 41.84 -41.81
N GLU J 209 2.70 41.19 -42.88
CA GLU J 209 1.99 41.22 -44.15
C GLU J 209 0.46 41.16 -43.96
N TYR J 210 0.02 40.05 -43.38
CA TYR J 210 -1.38 39.76 -43.15
C TYR J 210 -2.05 40.84 -42.32
N PHE J 211 -1.38 41.31 -41.29
CA PHE J 211 -2.01 42.22 -40.36
C PHE J 211 -2.27 43.59 -40.98
N GLU J 212 -1.25 44.16 -41.65
CA GLU J 212 -1.43 45.37 -42.46
C GLU J 212 -2.53 45.09 -43.49
N ALA J 213 -2.34 44.04 -44.28
CA ALA J 213 -3.28 43.71 -45.36
C ALA J 213 -4.73 43.59 -44.88
N ALA J 214 -4.94 42.90 -43.76
CA ALA J 214 -6.29 42.63 -43.25
C ALA J 214 -6.84 43.82 -42.48
N ASN J 215 -5.92 44.67 -42.00
CA ASN J 215 -6.23 45.73 -41.03
C ASN J 215 -6.91 45.22 -39.74
N LYS J 216 -6.66 43.95 -39.41
CA LYS J 216 -7.22 43.30 -38.20
C LYS J 216 -6.42 42.02 -37.83
S1 DTU K . -30.84 -34.14 -3.99
C1 DTU K . -32.23 -33.18 -3.31
C2 DTU K . -31.77 -31.83 -2.79
O2 DTU K . -32.80 -31.09 -2.16
C3 DTU K . -30.61 -32.13 -1.84
O3 DTU K . -29.49 -31.34 -2.21
C4 DTU K . -31.00 -32.02 -0.37
S4 DTU K . -29.82 -31.13 0.70
S1 DTV L . -9.19 -44.69 7.05
C1 DTV L . -7.94 -45.20 5.83
C2 DTV L . -6.72 -44.28 5.69
O2 DTV L . -5.70 -44.88 4.90
C3 DTV L . -7.04 -42.88 5.14
O3 DTV L . -8.33 -42.45 5.52
C4 DTV L . -6.85 -42.75 3.61
S4 DTV L . -8.17 -43.48 2.60
S1 DTU M . 27.79 -15.80 32.90
C1 DTU M . 29.22 -15.92 31.77
C2 DTU M . 28.91 -15.72 30.26
O2 DTU M . 30.05 -15.92 29.44
C3 DTU M . 27.77 -16.66 29.87
O3 DTU M . 26.94 -16.12 28.85
C4 DTU M . 28.27 -18.04 29.46
S4 DTU M . 26.94 -18.91 28.60
S1 DTU N . 33.22 31.50 8.14
C1 DTU N . 34.28 30.82 6.83
C2 DTU N . 33.56 29.81 5.94
O2 DTU N . 34.45 29.29 4.98
C3 DTU N . 33.01 28.71 6.83
O3 DTU N . 32.04 27.97 6.13
C4 DTU N . 34.13 27.78 7.32
S4 DTU N . 33.49 26.14 7.65
S1 DTU O . 6.12 44.50 -10.98
C1 DTU O . 4.91 45.08 -9.76
C2 DTU O . 4.36 43.96 -8.85
O2 DTU O . 3.75 44.43 -7.66
C3 DTU O . 3.46 43.03 -9.69
O3 DTU O . 4.06 41.76 -9.62
C4 DTU O . 2.00 42.87 -9.28
S4 DTU O . 1.52 41.11 -9.16
S1 DTU P . -30.51 11.61 -32.17
C1 DTU P . -31.32 12.46 -30.79
C2 DTU P . -30.56 12.36 -29.48
O2 DTU P . -30.83 13.50 -28.69
C3 DTU P . -30.96 11.11 -28.73
O3 DTU P . -29.82 10.57 -28.12
C4 DTU P . -32.04 11.39 -27.68
S4 DTU P . -33.76 11.21 -28.24
#